data_2D8N
# 
_entry.id   2D8N 
# 
_audit_conform.dict_name       mmcif_pdbx.dic 
_audit_conform.dict_version    5.398 
_audit_conform.dict_location   http://mmcif.pdb.org/dictionaries/ascii/mmcif_pdbx.dic 
# 
loop_
_database_2.database_id 
_database_2.database_code 
_database_2.pdbx_database_accession 
_database_2.pdbx_DOI 
PDB   2D8N         pdb_00002d8n 10.2210/pdb2d8n/pdb 
RCSB  RCSB025124   ?            ?                   
WWPDB D_1000025124 ?            ?                   
# 
loop_
_pdbx_audit_revision_history.ordinal 
_pdbx_audit_revision_history.data_content_type 
_pdbx_audit_revision_history.major_revision 
_pdbx_audit_revision_history.minor_revision 
_pdbx_audit_revision_history.revision_date 
1 'Structure model' 1 0 2007-02-20 
2 'Structure model' 1 1 2008-04-30 
3 'Structure model' 1 2 2011-07-13 
4 'Structure model' 1 3 2024-10-30 
# 
_pdbx_audit_revision_details.ordinal             1 
_pdbx_audit_revision_details.revision_ordinal    1 
_pdbx_audit_revision_details.data_content_type   'Structure model' 
_pdbx_audit_revision_details.provider            repository 
_pdbx_audit_revision_details.type                'Initial release' 
_pdbx_audit_revision_details.description         ? 
_pdbx_audit_revision_details.details             ? 
# 
loop_
_pdbx_audit_revision_group.ordinal 
_pdbx_audit_revision_group.revision_ordinal 
_pdbx_audit_revision_group.data_content_type 
_pdbx_audit_revision_group.group 
1 2 'Structure model' 'Version format compliance' 
2 3 'Structure model' 'Derived calculations'      
3 3 'Structure model' 'Version format compliance' 
4 4 'Structure model' 'Data collection'           
5 4 'Structure model' 'Database references'       
6 4 'Structure model' 'Derived calculations'      
7 4 'Structure model' 'Structure summary'         
# 
loop_
_pdbx_audit_revision_category.ordinal 
_pdbx_audit_revision_category.revision_ordinal 
_pdbx_audit_revision_category.data_content_type 
_pdbx_audit_revision_category.category 
1 4 'Structure model' chem_comp_atom            
2 4 'Structure model' chem_comp_bond            
3 4 'Structure model' database_2                
4 4 'Structure model' pdbx_entry_details        
5 4 'Structure model' pdbx_modification_feature 
6 4 'Structure model' struct_conn               
7 4 'Structure model' struct_ref_seq_dif        
# 
loop_
_pdbx_audit_revision_item.ordinal 
_pdbx_audit_revision_item.revision_ordinal 
_pdbx_audit_revision_item.data_content_type 
_pdbx_audit_revision_item.item 
1 4 'Structure model' '_database_2.pdbx_DOI'                
2 4 'Structure model' '_database_2.pdbx_database_accession' 
3 4 'Structure model' '_struct_conn.pdbx_leaving_atom_flag' 
4 4 'Structure model' '_struct_ref_seq_dif.details'         
# 
_pdbx_database_status.status_code                     REL 
_pdbx_database_status.entry_id                        2D8N 
_pdbx_database_status.recvd_initial_deposition_date   2005-12-07 
_pdbx_database_status.deposit_site                    PDBJ 
_pdbx_database_status.process_site                    PDBJ 
_pdbx_database_status.status_code_sf                  REL 
_pdbx_database_status.status_code_mr                  ? 
_pdbx_database_status.SG_entry                        Y 
_pdbx_database_status.pdb_format_compatible           Y 
_pdbx_database_status.status_code_cs                  ? 
_pdbx_database_status.status_code_nmr_data            ? 
_pdbx_database_status.methods_development_category    ? 
# 
_pdbx_database_related.db_name        TargetDB 
_pdbx_database_related.db_id          hsi002004436.1 
_pdbx_database_related.details        . 
_pdbx_database_related.content_type   unspecified 
# 
loop_
_audit_author.name 
_audit_author.pdbx_ordinal 
'Kamo, S.'                                               1 
'Kishishita, S.'                                         2 
'Murayama, K.'                                           3 
'Shirouzu, M.'                                           4 
'Yokoyama, S.'                                           5 
'RIKEN Structural Genomics/Proteomics Initiative (RSGI)' 6 
# 
_citation.id                        primary 
_citation.title                     'Crystal structure of human recoverin at 2.2 A resolution' 
_citation.journal_abbrev            'To be Published' 
_citation.journal_volume            ? 
_citation.page_first                ? 
_citation.page_last                 ? 
_citation.year                      ? 
_citation.journal_id_ASTM           ? 
_citation.country                   ? 
_citation.journal_id_ISSN           ? 
_citation.journal_id_CSD            0353 
_citation.book_publisher            ? 
_citation.pdbx_database_id_PubMed   ? 
_citation.pdbx_database_id_DOI      ? 
# 
loop_
_citation_author.citation_id 
_citation_author.name 
_citation_author.ordinal 
_citation_author.identifier_ORCID 
primary 'Kamo, S.'       1 ? 
primary 'Kishishita, S.' 2 ? 
primary 'Murayama, K.'   3 ? 
primary 'Shirouzu, M.'   4 ? 
primary 'Yokoyama, S.'   5 ? 
# 
loop_
_entity.id 
_entity.type 
_entity.src_method 
_entity.pdbx_description 
_entity.formula_weight 
_entity.pdbx_number_of_molecules 
_entity.pdbx_ec 
_entity.pdbx_mutation 
_entity.pdbx_fragment 
_entity.details 
1 polymer man Recoverin 23913.182 1  ? ? ? ? 
2 water   nat water     18.015    87 ? ? ? ? 
# 
_entity_name_com.entity_id   1 
_entity_name_com.name        'Cancer associated retinopathy protein, CAR protein' 
# 
_entity_poly.entity_id                      1 
_entity_poly.type                           'polypeptide(L)' 
_entity_poly.nstd_linkage                   no 
_entity_poly.nstd_monomer                   yes 
_entity_poly.pdbx_seq_one_letter_code       
;GSSGSSG(MSE)GNSKSGALSKEILEELQLNTKFSEEELCSWYQSFLKDCPTGRITQQQFQSIYAKFFPDTDPKAYAQHV
FRSFDSNLDGTLDFKEYVIALH(MSE)TTAGKTNQKLEWAFSLYDVDGNGTISKNEVLEIV(MSE)AIFK(MSE)ITPED
VKLLPDDENTPEKRAEKIWKYFGKNDDDKLTEKEFIEGTLANKEILRLIQFEPQKVKEK(MSE)KNA
;
_entity_poly.pdbx_seq_one_letter_code_can   
;GSSGSSGMGNSKSGALSKEILEELQLNTKFSEEELCSWYQSFLKDCPTGRITQQQFQSIYAKFFPDTDPKAYAQHVFRSF
DSNLDGTLDFKEYVIALHMTTAGKTNQKLEWAFSLYDVDGNGTISKNEVLEIVMAIFKMITPEDVKLLPDDENTPEKRAE
KIWKYFGKNDDDKLTEKEFIEGTLANKEILRLIQFEPQKVKEKMKNA
;
_entity_poly.pdbx_strand_id                 A 
_entity_poly.pdbx_target_identifier         hsi002004436.1 
# 
_pdbx_entity_nonpoly.entity_id   2 
_pdbx_entity_nonpoly.name        water 
_pdbx_entity_nonpoly.comp_id     HOH 
# 
loop_
_entity_poly_seq.entity_id 
_entity_poly_seq.num 
_entity_poly_seq.mon_id 
_entity_poly_seq.hetero 
1 1   GLY n 
1 2   SER n 
1 3   SER n 
1 4   GLY n 
1 5   SER n 
1 6   SER n 
1 7   GLY n 
1 8   MSE n 
1 9   GLY n 
1 10  ASN n 
1 11  SER n 
1 12  LYS n 
1 13  SER n 
1 14  GLY n 
1 15  ALA n 
1 16  LEU n 
1 17  SER n 
1 18  LYS n 
1 19  GLU n 
1 20  ILE n 
1 21  LEU n 
1 22  GLU n 
1 23  GLU n 
1 24  LEU n 
1 25  GLN n 
1 26  LEU n 
1 27  ASN n 
1 28  THR n 
1 29  LYS n 
1 30  PHE n 
1 31  SER n 
1 32  GLU n 
1 33  GLU n 
1 34  GLU n 
1 35  LEU n 
1 36  CYS n 
1 37  SER n 
1 38  TRP n 
1 39  TYR n 
1 40  GLN n 
1 41  SER n 
1 42  PHE n 
1 43  LEU n 
1 44  LYS n 
1 45  ASP n 
1 46  CYS n 
1 47  PRO n 
1 48  THR n 
1 49  GLY n 
1 50  ARG n 
1 51  ILE n 
1 52  THR n 
1 53  GLN n 
1 54  GLN n 
1 55  GLN n 
1 56  PHE n 
1 57  GLN n 
1 58  SER n 
1 59  ILE n 
1 60  TYR n 
1 61  ALA n 
1 62  LYS n 
1 63  PHE n 
1 64  PHE n 
1 65  PRO n 
1 66  ASP n 
1 67  THR n 
1 68  ASP n 
1 69  PRO n 
1 70  LYS n 
1 71  ALA n 
1 72  TYR n 
1 73  ALA n 
1 74  GLN n 
1 75  HIS n 
1 76  VAL n 
1 77  PHE n 
1 78  ARG n 
1 79  SER n 
1 80  PHE n 
1 81  ASP n 
1 82  SER n 
1 83  ASN n 
1 84  LEU n 
1 85  ASP n 
1 86  GLY n 
1 87  THR n 
1 88  LEU n 
1 89  ASP n 
1 90  PHE n 
1 91  LYS n 
1 92  GLU n 
1 93  TYR n 
1 94  VAL n 
1 95  ILE n 
1 96  ALA n 
1 97  LEU n 
1 98  HIS n 
1 99  MSE n 
1 100 THR n 
1 101 THR n 
1 102 ALA n 
1 103 GLY n 
1 104 LYS n 
1 105 THR n 
1 106 ASN n 
1 107 GLN n 
1 108 LYS n 
1 109 LEU n 
1 110 GLU n 
1 111 TRP n 
1 112 ALA n 
1 113 PHE n 
1 114 SER n 
1 115 LEU n 
1 116 TYR n 
1 117 ASP n 
1 118 VAL n 
1 119 ASP n 
1 120 GLY n 
1 121 ASN n 
1 122 GLY n 
1 123 THR n 
1 124 ILE n 
1 125 SER n 
1 126 LYS n 
1 127 ASN n 
1 128 GLU n 
1 129 VAL n 
1 130 LEU n 
1 131 GLU n 
1 132 ILE n 
1 133 VAL n 
1 134 MSE n 
1 135 ALA n 
1 136 ILE n 
1 137 PHE n 
1 138 LYS n 
1 139 MSE n 
1 140 ILE n 
1 141 THR n 
1 142 PRO n 
1 143 GLU n 
1 144 ASP n 
1 145 VAL n 
1 146 LYS n 
1 147 LEU n 
1 148 LEU n 
1 149 PRO n 
1 150 ASP n 
1 151 ASP n 
1 152 GLU n 
1 153 ASN n 
1 154 THR n 
1 155 PRO n 
1 156 GLU n 
1 157 LYS n 
1 158 ARG n 
1 159 ALA n 
1 160 GLU n 
1 161 LYS n 
1 162 ILE n 
1 163 TRP n 
1 164 LYS n 
1 165 TYR n 
1 166 PHE n 
1 167 GLY n 
1 168 LYS n 
1 169 ASN n 
1 170 ASP n 
1 171 ASP n 
1 172 ASP n 
1 173 LYS n 
1 174 LEU n 
1 175 THR n 
1 176 GLU n 
1 177 LYS n 
1 178 GLU n 
1 179 PHE n 
1 180 ILE n 
1 181 GLU n 
1 182 GLY n 
1 183 THR n 
1 184 LEU n 
1 185 ALA n 
1 186 ASN n 
1 187 LYS n 
1 188 GLU n 
1 189 ILE n 
1 190 LEU n 
1 191 ARG n 
1 192 LEU n 
1 193 ILE n 
1 194 GLN n 
1 195 PHE n 
1 196 GLU n 
1 197 PRO n 
1 198 GLN n 
1 199 LYS n 
1 200 VAL n 
1 201 LYS n 
1 202 GLU n 
1 203 LYS n 
1 204 MSE n 
1 205 LYS n 
1 206 ASN n 
1 207 ALA n 
# 
_entity_src_gen.entity_id                          1 
_entity_src_gen.pdbx_src_id                        1 
_entity_src_gen.pdbx_alt_source_flag               sample 
_entity_src_gen.pdbx_seq_type                      ? 
_entity_src_gen.pdbx_beg_seq_num                   ? 
_entity_src_gen.pdbx_end_seq_num                   ? 
_entity_src_gen.gene_src_common_name               human 
_entity_src_gen.gene_src_genus                     Homo 
_entity_src_gen.pdbx_gene_src_gene                 ? 
_entity_src_gen.gene_src_species                   ? 
_entity_src_gen.gene_src_strain                    ? 
_entity_src_gen.gene_src_tissue                    ? 
_entity_src_gen.gene_src_tissue_fraction           ? 
_entity_src_gen.gene_src_details                   ? 
_entity_src_gen.pdbx_gene_src_fragment             ? 
_entity_src_gen.pdbx_gene_src_scientific_name      'Homo sapiens' 
_entity_src_gen.pdbx_gene_src_ncbi_taxonomy_id     9606 
_entity_src_gen.pdbx_gene_src_variant              ? 
_entity_src_gen.pdbx_gene_src_cell_line            ? 
_entity_src_gen.pdbx_gene_src_atcc                 ? 
_entity_src_gen.pdbx_gene_src_organ                ? 
_entity_src_gen.pdbx_gene_src_organelle            ? 
_entity_src_gen.pdbx_gene_src_cell                 ? 
_entity_src_gen.pdbx_gene_src_cellular_location    ? 
_entity_src_gen.host_org_common_name               ? 
_entity_src_gen.pdbx_host_org_scientific_name      ? 
_entity_src_gen.pdbx_host_org_ncbi_taxonomy_id     ? 
_entity_src_gen.host_org_genus                     ? 
_entity_src_gen.pdbx_host_org_gene                 ? 
_entity_src_gen.pdbx_host_org_organ                ? 
_entity_src_gen.host_org_species                   ? 
_entity_src_gen.pdbx_host_org_tissue               ? 
_entity_src_gen.pdbx_host_org_tissue_fraction      ? 
_entity_src_gen.pdbx_host_org_strain               ? 
_entity_src_gen.pdbx_host_org_variant              ? 
_entity_src_gen.pdbx_host_org_cell_line            ? 
_entity_src_gen.pdbx_host_org_atcc                 ? 
_entity_src_gen.pdbx_host_org_culture_collection   ? 
_entity_src_gen.pdbx_host_org_cell                 ? 
_entity_src_gen.pdbx_host_org_organelle            ? 
_entity_src_gen.pdbx_host_org_cellular_location    ? 
_entity_src_gen.pdbx_host_org_vector_type          plasmid 
_entity_src_gen.pdbx_host_org_vector               ? 
_entity_src_gen.host_org_details                   ? 
_entity_src_gen.expression_system_id               ? 
_entity_src_gen.plasmid_name                       pX050309-02 
_entity_src_gen.plasmid_details                    ? 
_entity_src_gen.pdbx_description                   'Cell free system' 
# 
loop_
_chem_comp.id 
_chem_comp.type 
_chem_comp.mon_nstd_flag 
_chem_comp.name 
_chem_comp.pdbx_synonyms 
_chem_comp.formula 
_chem_comp.formula_weight 
ALA 'L-peptide linking' y ALANINE          ? 'C3 H7 N O2'     89.093  
ARG 'L-peptide linking' y ARGININE         ? 'C6 H15 N4 O2 1' 175.209 
ASN 'L-peptide linking' y ASPARAGINE       ? 'C4 H8 N2 O3'    132.118 
ASP 'L-peptide linking' y 'ASPARTIC ACID'  ? 'C4 H7 N O4'     133.103 
CYS 'L-peptide linking' y CYSTEINE         ? 'C3 H7 N O2 S'   121.158 
GLN 'L-peptide linking' y GLUTAMINE        ? 'C5 H10 N2 O3'   146.144 
GLU 'L-peptide linking' y 'GLUTAMIC ACID'  ? 'C5 H9 N O4'     147.129 
GLY 'peptide linking'   y GLYCINE          ? 'C2 H5 N O2'     75.067  
HIS 'L-peptide linking' y HISTIDINE        ? 'C6 H10 N3 O2 1' 156.162 
HOH non-polymer         . WATER            ? 'H2 O'           18.015  
ILE 'L-peptide linking' y ISOLEUCINE       ? 'C6 H13 N O2'    131.173 
LEU 'L-peptide linking' y LEUCINE          ? 'C6 H13 N O2'    131.173 
LYS 'L-peptide linking' y LYSINE           ? 'C6 H15 N2 O2 1' 147.195 
MET 'L-peptide linking' y METHIONINE       ? 'C5 H11 N O2 S'  149.211 
MSE 'L-peptide linking' n SELENOMETHIONINE ? 'C5 H11 N O2 Se' 196.106 
PHE 'L-peptide linking' y PHENYLALANINE    ? 'C9 H11 N O2'    165.189 
PRO 'L-peptide linking' y PROLINE          ? 'C5 H9 N O2'     115.130 
SER 'L-peptide linking' y SERINE           ? 'C3 H7 N O3'     105.093 
THR 'L-peptide linking' y THREONINE        ? 'C4 H9 N O3'     119.119 
TRP 'L-peptide linking' y TRYPTOPHAN       ? 'C11 H12 N2 O2'  204.225 
TYR 'L-peptide linking' y TYROSINE         ? 'C9 H11 N O3'    181.189 
VAL 'L-peptide linking' y VALINE           ? 'C5 H11 N O2'    117.146 
# 
loop_
_pdbx_poly_seq_scheme.asym_id 
_pdbx_poly_seq_scheme.entity_id 
_pdbx_poly_seq_scheme.seq_id 
_pdbx_poly_seq_scheme.mon_id 
_pdbx_poly_seq_scheme.ndb_seq_num 
_pdbx_poly_seq_scheme.pdb_seq_num 
_pdbx_poly_seq_scheme.auth_seq_num 
_pdbx_poly_seq_scheme.pdb_mon_id 
_pdbx_poly_seq_scheme.auth_mon_id 
_pdbx_poly_seq_scheme.pdb_strand_id 
_pdbx_poly_seq_scheme.pdb_ins_code 
_pdbx_poly_seq_scheme.hetero 
A 1 1   GLY 1   -6  ?   ?   ?   A . n 
A 1 2   SER 2   -5  ?   ?   ?   A . n 
A 1 3   SER 3   -4  ?   ?   ?   A . n 
A 1 4   GLY 4   -3  ?   ?   ?   A . n 
A 1 5   SER 5   -2  ?   ?   ?   A . n 
A 1 6   SER 6   -1  ?   ?   ?   A . n 
A 1 7   GLY 7   0   ?   ?   ?   A . n 
A 1 8   MSE 8   1   1   MSE MSE A . n 
A 1 9   GLY 9   2   2   GLY GLY A . n 
A 1 10  ASN 10  3   3   ASN ASN A . n 
A 1 11  SER 11  4   4   SER SER A . n 
A 1 12  LYS 12  5   5   LYS LYS A . n 
A 1 13  SER 13  6   6   SER SER A . n 
A 1 14  GLY 14  7   7   GLY GLY A . n 
A 1 15  ALA 15  8   8   ALA ALA A . n 
A 1 16  LEU 16  9   9   LEU LEU A . n 
A 1 17  SER 17  10  10  SER SER A . n 
A 1 18  LYS 18  11  11  LYS LYS A . n 
A 1 19  GLU 19  12  12  GLU GLU A . n 
A 1 20  ILE 20  13  13  ILE ILE A . n 
A 1 21  LEU 21  14  14  LEU LEU A . n 
A 1 22  GLU 22  15  15  GLU GLU A . n 
A 1 23  GLU 23  16  16  GLU GLU A . n 
A 1 24  LEU 24  17  17  LEU LEU A . n 
A 1 25  GLN 25  18  18  GLN GLN A . n 
A 1 26  LEU 26  19  19  LEU LEU A . n 
A 1 27  ASN 27  20  20  ASN ASN A . n 
A 1 28  THR 28  21  21  THR THR A . n 
A 1 29  LYS 29  22  22  LYS LYS A . n 
A 1 30  PHE 30  23  23  PHE PHE A . n 
A 1 31  SER 31  24  24  SER SER A . n 
A 1 32  GLU 32  25  25  GLU GLU A . n 
A 1 33  GLU 33  26  26  GLU GLU A . n 
A 1 34  GLU 34  27  27  GLU GLU A . n 
A 1 35  LEU 35  28  28  LEU LEU A . n 
A 1 36  CYS 36  29  29  CYS CYS A . n 
A 1 37  SER 37  30  30  SER SER A . n 
A 1 38  TRP 38  31  31  TRP TRP A . n 
A 1 39  TYR 39  32  32  TYR TYR A . n 
A 1 40  GLN 40  33  33  GLN GLN A . n 
A 1 41  SER 41  34  34  SER SER A . n 
A 1 42  PHE 42  35  35  PHE PHE A . n 
A 1 43  LEU 43  36  36  LEU LEU A . n 
A 1 44  LYS 44  37  37  LYS LYS A . n 
A 1 45  ASP 45  38  38  ASP ASP A . n 
A 1 46  CYS 46  39  39  CYS CYS A . n 
A 1 47  PRO 47  40  40  PRO PRO A . n 
A 1 48  THR 48  41  41  THR THR A . n 
A 1 49  GLY 49  42  42  GLY GLY A . n 
A 1 50  ARG 50  43  43  ARG ARG A . n 
A 1 51  ILE 51  44  44  ILE ILE A . n 
A 1 52  THR 52  45  45  THR THR A . n 
A 1 53  GLN 53  46  46  GLN GLN A . n 
A 1 54  GLN 54  47  47  GLN GLN A . n 
A 1 55  GLN 55  48  48  GLN GLN A . n 
A 1 56  PHE 56  49  49  PHE PHE A . n 
A 1 57  GLN 57  50  50  GLN GLN A . n 
A 1 58  SER 58  51  51  SER SER A . n 
A 1 59  ILE 59  52  52  ILE ILE A . n 
A 1 60  TYR 60  53  53  TYR TYR A . n 
A 1 61  ALA 61  54  54  ALA ALA A . n 
A 1 62  LYS 62  55  55  LYS LYS A . n 
A 1 63  PHE 63  56  56  PHE PHE A . n 
A 1 64  PHE 64  57  57  PHE PHE A . n 
A 1 65  PRO 65  58  58  PRO PRO A . n 
A 1 66  ASP 66  59  59  ASP ASP A . n 
A 1 67  THR 67  60  60  THR THR A . n 
A 1 68  ASP 68  61  61  ASP ASP A . n 
A 1 69  PRO 69  62  62  PRO PRO A . n 
A 1 70  LYS 70  63  63  LYS LYS A . n 
A 1 71  ALA 71  64  64  ALA ALA A . n 
A 1 72  TYR 72  65  65  TYR TYR A . n 
A 1 73  ALA 73  66  66  ALA ALA A . n 
A 1 74  GLN 74  67  67  GLN GLN A . n 
A 1 75  HIS 75  68  68  HIS HIS A . n 
A 1 76  VAL 76  69  69  VAL VAL A . n 
A 1 77  PHE 77  70  70  PHE PHE A . n 
A 1 78  ARG 78  71  71  ARG ARG A . n 
A 1 79  SER 79  72  72  SER SER A . n 
A 1 80  PHE 80  73  73  PHE PHE A . n 
A 1 81  ASP 81  74  74  ASP ASP A . n 
A 1 82  SER 82  75  75  SER SER A . n 
A 1 83  ASN 83  76  76  ASN ASN A . n 
A 1 84  LEU 84  77  77  LEU LEU A . n 
A 1 85  ASP 85  78  78  ASP ASP A . n 
A 1 86  GLY 86  79  79  GLY GLY A . n 
A 1 87  THR 87  80  80  THR THR A . n 
A 1 88  LEU 88  81  81  LEU LEU A . n 
A 1 89  ASP 89  82  82  ASP ASP A . n 
A 1 90  PHE 90  83  83  PHE PHE A . n 
A 1 91  LYS 91  84  84  LYS LYS A . n 
A 1 92  GLU 92  85  85  GLU GLU A . n 
A 1 93  TYR 93  86  86  TYR TYR A . n 
A 1 94  VAL 94  87  87  VAL VAL A . n 
A 1 95  ILE 95  88  88  ILE ILE A . n 
A 1 96  ALA 96  89  89  ALA ALA A . n 
A 1 97  LEU 97  90  90  LEU LEU A . n 
A 1 98  HIS 98  91  91  HIS HIS A . n 
A 1 99  MSE 99  92  92  MSE MSE A . n 
A 1 100 THR 100 93  93  THR THR A . n 
A 1 101 THR 101 94  94  THR THR A . n 
A 1 102 ALA 102 95  95  ALA ALA A . n 
A 1 103 GLY 103 96  96  GLY GLY A . n 
A 1 104 LYS 104 97  97  LYS LYS A . n 
A 1 105 THR 105 98  98  THR THR A . n 
A 1 106 ASN 106 99  99  ASN ASN A . n 
A 1 107 GLN 107 100 100 GLN GLN A . n 
A 1 108 LYS 108 101 101 LYS LYS A . n 
A 1 109 LEU 109 102 102 LEU LEU A . n 
A 1 110 GLU 110 103 103 GLU GLU A . n 
A 1 111 TRP 111 104 104 TRP TRP A . n 
A 1 112 ALA 112 105 105 ALA ALA A . n 
A 1 113 PHE 113 106 106 PHE PHE A . n 
A 1 114 SER 114 107 107 SER SER A . n 
A 1 115 LEU 115 108 108 LEU LEU A . n 
A 1 116 TYR 116 109 109 TYR TYR A . n 
A 1 117 ASP 117 110 110 ASP ASP A . n 
A 1 118 VAL 118 111 111 VAL VAL A . n 
A 1 119 ASP 119 112 112 ASP ASP A . n 
A 1 120 GLY 120 113 113 GLY GLY A . n 
A 1 121 ASN 121 114 114 ASN ASN A . n 
A 1 122 GLY 122 115 115 GLY GLY A . n 
A 1 123 THR 123 116 116 THR THR A . n 
A 1 124 ILE 124 117 117 ILE ILE A . n 
A 1 125 SER 125 118 118 SER SER A . n 
A 1 126 LYS 126 119 119 LYS LYS A . n 
A 1 127 ASN 127 120 120 ASN ASN A . n 
A 1 128 GLU 128 121 121 GLU GLU A . n 
A 1 129 VAL 129 122 122 VAL VAL A . n 
A 1 130 LEU 130 123 123 LEU LEU A . n 
A 1 131 GLU 131 124 124 GLU GLU A . n 
A 1 132 ILE 132 125 125 ILE ILE A . n 
A 1 133 VAL 133 126 126 VAL VAL A . n 
A 1 134 MSE 134 127 127 MSE MSE A . n 
A 1 135 ALA 135 128 128 ALA ALA A . n 
A 1 136 ILE 136 129 129 ILE ILE A . n 
A 1 137 PHE 137 130 130 PHE PHE A . n 
A 1 138 LYS 138 131 131 LYS LYS A . n 
A 1 139 MSE 139 132 132 MSE MSE A . n 
A 1 140 ILE 140 133 133 ILE ILE A . n 
A 1 141 THR 141 134 134 THR THR A . n 
A 1 142 PRO 142 135 135 PRO PRO A . n 
A 1 143 GLU 143 136 136 GLU GLU A . n 
A 1 144 ASP 144 137 137 ASP ASP A . n 
A 1 145 VAL 145 138 138 VAL VAL A . n 
A 1 146 LYS 146 139 139 LYS LYS A . n 
A 1 147 LEU 147 140 140 LEU LEU A . n 
A 1 148 LEU 148 141 141 LEU LEU A . n 
A 1 149 PRO 149 142 142 PRO PRO A . n 
A 1 150 ASP 150 143 143 ASP ASP A . n 
A 1 151 ASP 151 144 144 ASP ASP A . n 
A 1 152 GLU 152 145 145 GLU GLU A . n 
A 1 153 ASN 153 146 146 ASN ASN A . n 
A 1 154 THR 154 147 147 THR THR A . n 
A 1 155 PRO 155 148 148 PRO PRO A . n 
A 1 156 GLU 156 149 149 GLU GLU A . n 
A 1 157 LYS 157 150 150 LYS LYS A . n 
A 1 158 ARG 158 151 151 ARG ARG A . n 
A 1 159 ALA 159 152 152 ALA ALA A . n 
A 1 160 GLU 160 153 153 GLU GLU A . n 
A 1 161 LYS 161 154 154 LYS LYS A . n 
A 1 162 ILE 162 155 155 ILE ILE A . n 
A 1 163 TRP 163 156 156 TRP TRP A . n 
A 1 164 LYS 164 157 157 LYS LYS A . n 
A 1 165 TYR 165 158 158 TYR TYR A . n 
A 1 166 PHE 166 159 159 PHE PHE A . n 
A 1 167 GLY 167 160 160 GLY GLY A . n 
A 1 168 LYS 168 161 161 LYS LYS A . n 
A 1 169 ASN 169 162 162 ASN ASN A . n 
A 1 170 ASP 170 163 163 ASP ASP A . n 
A 1 171 ASP 171 164 164 ASP ASP A . n 
A 1 172 ASP 172 165 165 ASP ASP A . n 
A 1 173 LYS 173 166 166 LYS LYS A . n 
A 1 174 LEU 174 167 167 LEU LEU A . n 
A 1 175 THR 175 168 168 THR THR A . n 
A 1 176 GLU 176 169 169 GLU GLU A . n 
A 1 177 LYS 177 170 170 LYS LYS A . n 
A 1 178 GLU 178 171 171 GLU GLU A . n 
A 1 179 PHE 179 172 172 PHE PHE A . n 
A 1 180 ILE 180 173 173 ILE ILE A . n 
A 1 181 GLU 181 174 174 GLU GLU A . n 
A 1 182 GLY 182 175 175 GLY GLY A . n 
A 1 183 THR 183 176 176 THR THR A . n 
A 1 184 LEU 184 177 177 LEU LEU A . n 
A 1 185 ALA 185 178 178 ALA ALA A . n 
A 1 186 ASN 186 179 179 ASN ASN A . n 
A 1 187 LYS 187 180 180 LYS LYS A . n 
A 1 188 GLU 188 181 181 GLU GLU A . n 
A 1 189 ILE 189 182 182 ILE ILE A . n 
A 1 190 LEU 190 183 183 LEU LEU A . n 
A 1 191 ARG 191 184 184 ARG ARG A . n 
A 1 192 LEU 192 185 185 LEU LEU A . n 
A 1 193 ILE 193 186 186 ILE ILE A . n 
A 1 194 GLN 194 187 187 GLN GLN A . n 
A 1 195 PHE 195 188 188 PHE PHE A . n 
A 1 196 GLU 196 189 189 GLU GLU A . n 
A 1 197 PRO 197 190 190 PRO PRO A . n 
A 1 198 GLN 198 191 191 GLN GLN A . n 
A 1 199 LYS 199 192 192 LYS LYS A . n 
A 1 200 VAL 200 193 193 VAL VAL A . n 
A 1 201 LYS 201 194 194 LYS LYS A . n 
A 1 202 GLU 202 195 195 GLU GLU A . n 
A 1 203 LYS 203 196 196 LYS LYS A . n 
A 1 204 MSE 204 197 197 MSE MSE A . n 
A 1 205 LYS 205 198 ?   ?   ?   A . n 
A 1 206 ASN 206 199 ?   ?   ?   A . n 
A 1 207 ALA 207 200 ?   ?   ?   A . n 
# 
loop_
_pdbx_nonpoly_scheme.asym_id 
_pdbx_nonpoly_scheme.entity_id 
_pdbx_nonpoly_scheme.mon_id 
_pdbx_nonpoly_scheme.ndb_seq_num 
_pdbx_nonpoly_scheme.pdb_seq_num 
_pdbx_nonpoly_scheme.auth_seq_num 
_pdbx_nonpoly_scheme.pdb_mon_id 
_pdbx_nonpoly_scheme.auth_mon_id 
_pdbx_nonpoly_scheme.pdb_strand_id 
_pdbx_nonpoly_scheme.pdb_ins_code 
B 2 HOH 1  201 1   HOH TIP A . 
B 2 HOH 2  202 2   HOH TIP A . 
B 2 HOH 3  203 3   HOH TIP A . 
B 2 HOH 4  204 4   HOH TIP A . 
B 2 HOH 5  205 5   HOH TIP A . 
B 2 HOH 6  206 6   HOH TIP A . 
B 2 HOH 7  207 7   HOH TIP A . 
B 2 HOH 8  208 8   HOH TIP A . 
B 2 HOH 9  209 9   HOH TIP A . 
B 2 HOH 10 210 10  HOH TIP A . 
B 2 HOH 11 211 11  HOH TIP A . 
B 2 HOH 12 212 12  HOH TIP A . 
B 2 HOH 13 213 13  HOH TIP A . 
B 2 HOH 14 214 14  HOH TIP A . 
B 2 HOH 15 215 15  HOH TIP A . 
B 2 HOH 16 216 16  HOH TIP A . 
B 2 HOH 17 217 17  HOH TIP A . 
B 2 HOH 18 218 18  HOH TIP A . 
B 2 HOH 19 219 19  HOH TIP A . 
B 2 HOH 20 220 20  HOH TIP A . 
B 2 HOH 21 221 21  HOH TIP A . 
B 2 HOH 22 222 22  HOH TIP A . 
B 2 HOH 23 223 23  HOH TIP A . 
B 2 HOH 24 224 24  HOH TIP A . 
B 2 HOH 25 225 25  HOH TIP A . 
B 2 HOH 26 226 26  HOH TIP A . 
B 2 HOH 27 227 27  HOH TIP A . 
B 2 HOH 28 228 28  HOH TIP A . 
B 2 HOH 29 229 29  HOH TIP A . 
B 2 HOH 30 230 30  HOH TIP A . 
B 2 HOH 31 231 32  HOH TIP A . 
B 2 HOH 32 232 33  HOH TIP A . 
B 2 HOH 33 233 34  HOH TIP A . 
B 2 HOH 34 234 35  HOH TIP A . 
B 2 HOH 35 235 36  HOH TIP A . 
B 2 HOH 36 236 37  HOH TIP A . 
B 2 HOH 37 237 38  HOH TIP A . 
B 2 HOH 38 238 40  HOH TIP A . 
B 2 HOH 39 239 41  HOH TIP A . 
B 2 HOH 40 240 42  HOH TIP A . 
B 2 HOH 41 241 43  HOH TIP A . 
B 2 HOH 42 242 44  HOH TIP A . 
B 2 HOH 43 243 45  HOH TIP A . 
B 2 HOH 44 244 46  HOH TIP A . 
B 2 HOH 45 245 47  HOH TIP A . 
B 2 HOH 46 246 49  HOH TIP A . 
B 2 HOH 47 247 52  HOH TIP A . 
B 2 HOH 48 248 53  HOH TIP A . 
B 2 HOH 49 249 57  HOH TIP A . 
B 2 HOH 50 250 59  HOH TIP A . 
B 2 HOH 51 251 60  HOH TIP A . 
B 2 HOH 52 252 64  HOH TIP A . 
B 2 HOH 53 253 65  HOH TIP A . 
B 2 HOH 54 254 69  HOH TIP A . 
B 2 HOH 55 255 70  HOH TIP A . 
B 2 HOH 56 256 72  HOH TIP A . 
B 2 HOH 57 257 77  HOH TIP A . 
B 2 HOH 58 258 80  HOH TIP A . 
B 2 HOH 59 259 81  HOH TIP A . 
B 2 HOH 60 260 82  HOH TIP A . 
B 2 HOH 61 261 83  HOH TIP A . 
B 2 HOH 62 262 86  HOH TIP A . 
B 2 HOH 63 263 92  HOH TIP A . 
B 2 HOH 64 264 95  HOH TIP A . 
B 2 HOH 65 265 97  HOH TIP A . 
B 2 HOH 66 266 98  HOH TIP A . 
B 2 HOH 67 267 99  HOH TIP A . 
B 2 HOH 68 268 100 HOH TIP A . 
B 2 HOH 69 269 101 HOH TIP A . 
B 2 HOH 70 270 103 HOH TIP A . 
B 2 HOH 71 271 104 HOH TIP A . 
B 2 HOH 72 272 106 HOH TIP A . 
B 2 HOH 73 273 107 HOH TIP A . 
B 2 HOH 74 274 108 HOH TIP A . 
B 2 HOH 75 275 109 HOH TIP A . 
B 2 HOH 76 276 110 HOH TIP A . 
B 2 HOH 77 277 111 HOH TIP A . 
B 2 HOH 78 278 113 HOH TIP A . 
B 2 HOH 79 279 114 HOH TIP A . 
B 2 HOH 80 280 115 HOH TIP A . 
B 2 HOH 81 281 116 HOH TIP A . 
B 2 HOH 82 282 117 HOH TIP A . 
B 2 HOH 83 283 118 HOH TIP A . 
B 2 HOH 84 284 121 HOH TIP A . 
B 2 HOH 85 285 122 HOH TIP A . 
B 2 HOH 86 286 123 HOH TIP A . 
B 2 HOH 87 287 124 HOH TIP A . 
# 
loop_
_software.name 
_software.classification 
_software.version 
_software.citation_id 
_software.pdbx_ordinal 
CNS       refinement       1.1 ? 1 
HKL-2000  'data reduction' .   ? 2 
SCALEPACK 'data scaling'   .   ? 3 
SOLVE     phasing          .   ? 4 
# 
_cell.entry_id           2D8N 
_cell.length_a           85.034 
_cell.length_b           85.034 
_cell.length_c           65.689 
_cell.angle_alpha        90.00 
_cell.angle_beta         90.00 
_cell.angle_gamma        90.00 
_cell.Z_PDB              8 
_cell.pdbx_unique_axis   ? 
_cell.length_a_esd       ? 
_cell.length_b_esd       ? 
_cell.length_c_esd       ? 
_cell.angle_alpha_esd    ? 
_cell.angle_beta_esd     ? 
_cell.angle_gamma_esd    ? 
# 
_symmetry.entry_id                         2D8N 
_symmetry.space_group_name_H-M             'I 4' 
_symmetry.pdbx_full_space_group_name_H-M   ? 
_symmetry.cell_setting                     ? 
_symmetry.Int_Tables_number                79 
_symmetry.space_group_name_Hall            ? 
# 
_exptl.entry_id          2D8N 
_exptl.method            'X-RAY DIFFRACTION' 
_exptl.crystals_number   1 
# 
_exptl_crystal.id                    1 
_exptl_crystal.density_meas          ? 
_exptl_crystal.density_Matthews      2.48 
_exptl_crystal.density_percent_sol   50.45 
_exptl_crystal.description           ? 
_exptl_crystal.F_000                 ? 
_exptl_crystal.preparation           ? 
# 
_exptl_crystal_grow.crystal_id      1 
_exptl_crystal_grow.method          'VAPOR DIFFUSION, SITTING DROP' 
_exptl_crystal_grow.temp            293 
_exptl_crystal_grow.temp_details    ? 
_exptl_crystal_grow.pH              7.5 
_exptl_crystal_grow.pdbx_details    
'0.1M HEPES-Na pH7.5, 1.2M tri-Sodium Citrate dihydrate, VAPOR DIFFUSION, SITTING DROP, temperature 293K' 
_exptl_crystal_grow.pdbx_pH_range   . 
# 
_diffrn.id                     1 
_diffrn.ambient_temp           100 
_diffrn.ambient_temp_details   ? 
_diffrn.crystal_id             1 
# 
_diffrn_detector.diffrn_id              1 
_diffrn_detector.detector               CCD 
_diffrn_detector.type                   'RIGAKU JUPITER 210' 
_diffrn_detector.pdbx_collection_date   2005-10-03 
_diffrn_detector.details                Mirrors 
# 
_diffrn_radiation.diffrn_id                        1 
_diffrn_radiation.wavelength_id                    1 
_diffrn_radiation.pdbx_monochromatic_or_laue_m_l   M 
_diffrn_radiation.monochromator                    silicon 
_diffrn_radiation.pdbx_diffrn_protocol             MAD 
_diffrn_radiation.pdbx_scattering_type             x-ray 
# 
loop_
_diffrn_radiation_wavelength.id 
_diffrn_radiation_wavelength.wavelength 
_diffrn_radiation_wavelength.wt 
1 0.9790 1.0 
2 0.9794 1.0 
3 0.964  1.0 
# 
_diffrn_source.diffrn_id                   1 
_diffrn_source.source                      SYNCHROTRON 
_diffrn_source.type                        'SPRING-8 BEAMLINE BL26B2' 
_diffrn_source.pdbx_synchrotron_site       SPring-8 
_diffrn_source.pdbx_synchrotron_beamline   BL26B2 
_diffrn_source.pdbx_wavelength             ? 
_diffrn_source.pdbx_wavelength_list        '0.9790, 0.9794, 0.964' 
# 
_reflns.entry_id                     2D8N 
_reflns.observed_criterion_sigma_I   -3 
_reflns.observed_criterion_sigma_F   ? 
_reflns.d_resolution_low             50 
_reflns.d_resolution_high            2.20 
_reflns.number_obs                   11968 
_reflns.number_all                   ? 
_reflns.percent_possible_obs         99.9 
_reflns.pdbx_Rmerge_I_obs            ? 
_reflns.pdbx_Rsym_value              0.063 
_reflns.pdbx_netI_over_sigmaI        23.4162 
_reflns.B_iso_Wilson_estimate        25.7 
_reflns.pdbx_redundancy              7.27097 
_reflns.R_free_details               ? 
_reflns.limit_h_max                  ? 
_reflns.limit_h_min                  ? 
_reflns.limit_k_max                  ? 
_reflns.limit_k_min                  ? 
_reflns.limit_l_max                  ? 
_reflns.limit_l_min                  ? 
_reflns.observed_criterion_F_max     ? 
_reflns.observed_criterion_F_min     ? 
_reflns.pdbx_chi_squared             ? 
_reflns.pdbx_scaling_rejects         ? 
_reflns.pdbx_ordinal                 1 
_reflns.pdbx_diffrn_id               1 
# 
_reflns_shell.d_res_high             2.2 
_reflns_shell.d_res_low              2.32 
_reflns_shell.percent_possible_all   99.8 
_reflns_shell.Rmerge_I_obs           ? 
_reflns_shell.pdbx_Rsym_value        0.216 
_reflns_shell.meanI_over_sigI_obs    9.35583 
_reflns_shell.pdbx_redundancy        ? 
_reflns_shell.percent_possible_obs   ? 
_reflns_shell.number_unique_all      ? 
_reflns_shell.number_measured_all    ? 
_reflns_shell.number_measured_obs    ? 
_reflns_shell.number_unique_obs      ? 
_reflns_shell.pdbx_chi_squared       ? 
_reflns_shell.pdbx_ordinal           1 
_reflns_shell.pdbx_diffrn_id         1 
# 
_refine.entry_id                                 2D8N 
_refine.ls_number_reflns_obs                     11968 
_refine.ls_number_reflns_all                     ? 
_refine.pdbx_ls_sigma_I                          ? 
_refine.pdbx_ls_sigma_F                          0.0 
_refine.pdbx_data_cutoff_high_absF               414363.15 
_refine.pdbx_data_cutoff_low_absF                0.000000 
_refine.pdbx_data_cutoff_high_rms_absF           ? 
_refine.ls_d_res_low                             42.52 
_refine.ls_d_res_high                            2.20 
_refine.ls_percent_reflns_obs                    96.3 
_refine.ls_R_factor_obs                          0.189 
_refine.ls_R_factor_all                          ? 
_refine.ls_R_factor_R_work                       0.189 
_refine.ls_R_factor_R_free                       0.237 
_refine.ls_R_factor_R_free_error                 0.005 
_refine.ls_R_factor_R_free_error_details         ? 
_refine.ls_percent_reflns_R_free                 9.4 
_refine.ls_number_reflns_R_free                  2111 
_refine.ls_number_parameters                     ? 
_refine.ls_number_restraints                     ? 
_refine.occupancy_min                            ? 
_refine.occupancy_max                            ? 
_refine.correlation_coeff_Fo_to_Fc               ? 
_refine.correlation_coeff_Fo_to_Fc_free          ? 
_refine.B_iso_mean                               44.6 
_refine.aniso_B[1][1]                            3.45 
_refine.aniso_B[2][2]                            3.45 
_refine.aniso_B[3][3]                            -6.90 
_refine.aniso_B[1][2]                            0.00 
_refine.aniso_B[1][3]                            0.00 
_refine.aniso_B[2][3]                            0.00 
_refine.solvent_model_details                    'FLAT MODEL' 
_refine.solvent_model_param_ksol                 0.37829 
_refine.solvent_model_param_bsol                 52.8487 
_refine.pdbx_solvent_vdw_probe_radii             ? 
_refine.pdbx_solvent_ion_probe_radii             ? 
_refine.pdbx_solvent_shrinkage_radii             ? 
_refine.pdbx_ls_cross_valid_method               THROUGHOUT 
_refine.details                                  ? 
_refine.pdbx_starting_model                      ? 
_refine.pdbx_method_to_determine_struct          MAD 
_refine.pdbx_isotropic_thermal_model             RESTRAINED 
_refine.pdbx_stereochemistry_target_values       ? 
_refine.pdbx_stereochem_target_val_spec_case     ? 
_refine.pdbx_R_Free_selection_details            RANDOM 
_refine.pdbx_overall_ESU_R                       ? 
_refine.pdbx_overall_ESU_R_Free                  ? 
_refine.overall_SU_ML                            ? 
_refine.overall_SU_B                             ? 
_refine.ls_redundancy_reflns_obs                 ? 
_refine.B_iso_min                                ? 
_refine.B_iso_max                                ? 
_refine.overall_SU_R_Cruickshank_DPI             ? 
_refine.overall_SU_R_free                        ? 
_refine.ls_wR_factor_R_free                      ? 
_refine.ls_wR_factor_R_work                      ? 
_refine.overall_FOM_free_R_set                   ? 
_refine.overall_FOM_work_R_set                   ? 
_refine.pdbx_refine_id                           'X-RAY DIFFRACTION' 
_refine.pdbx_diffrn_id                           1 
_refine.pdbx_TLS_residual_ADP_flag               ? 
_refine.pdbx_overall_phase_error                 ? 
_refine.pdbx_overall_SU_R_free_Cruickshank_DPI   ? 
_refine.pdbx_overall_SU_R_Blow_DPI               ? 
_refine.pdbx_overall_SU_R_free_Blow_DPI          ? 
# 
_refine_analyze.entry_id                        2D8N 
_refine_analyze.Luzzati_coordinate_error_obs    0.24 
_refine_analyze.Luzzati_sigma_a_obs             0.20 
_refine_analyze.Luzzati_d_res_low_obs           5.00 
_refine_analyze.Luzzati_coordinate_error_free   0.31 
_refine_analyze.Luzzati_sigma_a_free            0.27 
_refine_analyze.Luzzati_d_res_low_free          ? 
_refine_analyze.number_disordered_residues      ? 
_refine_analyze.occupancy_sum_hydrogen          ? 
_refine_analyze.occupancy_sum_non_hydrogen      ? 
_refine_analyze.pdbx_Luzzati_d_res_high_obs     ? 
_refine_analyze.pdbx_refine_id                  'X-RAY DIFFRACTION' 
# 
_refine_hist.pdbx_refine_id                   'X-RAY DIFFRACTION' 
_refine_hist.cycle_id                         LAST 
_refine_hist.pdbx_number_atoms_protein        1606 
_refine_hist.pdbx_number_atoms_nucleic_acid   0 
_refine_hist.pdbx_number_atoms_ligand         0 
_refine_hist.number_atoms_solvent             87 
_refine_hist.number_atoms_total               1693 
_refine_hist.d_res_high                       2.20 
_refine_hist.d_res_low                        42.52 
# 
loop_
_refine_ls_restr.type 
_refine_ls_restr.dev_ideal 
_refine_ls_restr.dev_ideal_target 
_refine_ls_restr.weight 
_refine_ls_restr.number 
_refine_ls_restr.pdbx_refine_id 
_refine_ls_restr.pdbx_restraint_function 
c_bond_d                0.020 ? ? ? 'X-RAY DIFFRACTION' ? 
c_bond_d_na             ?     ? ? ? 'X-RAY DIFFRACTION' ? 
c_bond_d_prot           ?     ? ? ? 'X-RAY DIFFRACTION' ? 
c_angle_d               ?     ? ? ? 'X-RAY DIFFRACTION' ? 
c_angle_d_na            ?     ? ? ? 'X-RAY DIFFRACTION' ? 
c_angle_d_prot          ?     ? ? ? 'X-RAY DIFFRACTION' ? 
c_angle_deg             1.8   ? ? ? 'X-RAY DIFFRACTION' ? 
c_angle_deg_na          ?     ? ? ? 'X-RAY DIFFRACTION' ? 
c_angle_deg_prot        ?     ? ? ? 'X-RAY DIFFRACTION' ? 
c_dihedral_angle_d      21.5  ? ? ? 'X-RAY DIFFRACTION' ? 
c_dihedral_angle_d_na   ?     ? ? ? 'X-RAY DIFFRACTION' ? 
c_dihedral_angle_d_prot ?     ? ? ? 'X-RAY DIFFRACTION' ? 
c_improper_angle_d      1.16  ? ? ? 'X-RAY DIFFRACTION' ? 
c_improper_angle_d_na   ?     ? ? ? 'X-RAY DIFFRACTION' ? 
c_improper_angle_d_prot ?     ? ? ? 'X-RAY DIFFRACTION' ? 
c_mcbond_it             ?     ? ? ? 'X-RAY DIFFRACTION' ? 
c_mcangle_it            ?     ? ? ? 'X-RAY DIFFRACTION' ? 
c_scbond_it             ?     ? ? ? 'X-RAY DIFFRACTION' ? 
c_scangle_it            ?     ? ? ? 'X-RAY DIFFRACTION' ? 
# 
_refine_ls_shell.pdbx_total_number_of_bins_used   6 
_refine_ls_shell.d_res_high                       2.20 
_refine_ls_shell.d_res_low                        2.34 
_refine_ls_shell.number_reflns_R_work             3272 
_refine_ls_shell.R_factor_R_work                  0.223 
_refine_ls_shell.percent_reflns_obs               92.1 
_refine_ls_shell.R_factor_R_free                  0.31 
_refine_ls_shell.R_factor_R_free_error            0.017 
_refine_ls_shell.percent_reflns_R_free            9.1 
_refine_ls_shell.number_reflns_R_free             327 
_refine_ls_shell.number_reflns_all                ? 
_refine_ls_shell.R_factor_all                     ? 
_refine_ls_shell.number_reflns_obs                ? 
_refine_ls_shell.redundancy_reflns_obs            ? 
_refine_ls_shell.pdbx_refine_id                   'X-RAY DIFFRACTION' 
# 
loop_
_pdbx_xplor_file.serial_no 
_pdbx_xplor_file.param_file 
_pdbx_xplor_file.topol_file 
_pdbx_xplor_file.pdbx_refine_id 
1 protein_rep.param protein.top 'X-RAY DIFFRACTION' 
2 water_rep.param   water.top   'X-RAY DIFFRACTION' 
# 
_struct.entry_id                  2D8N 
_struct.title                     'Crystal structure of human recoverin at 2.2 A resolution' 
_struct.pdbx_model_details        ? 
_struct.pdbx_CASP_flag            ? 
_struct.pdbx_model_type_details   ? 
# 
_struct_keywords.entry_id        2D8N 
_struct_keywords.pdbx_keywords   'METAL BINDING PROTEIN' 
_struct_keywords.text            
;Structural Genomics, NPPSFA, National Project on Protein Structural and Functional Analyses, RIKEN Structural Genomics/Proteomics Initiative, RSGI, METAL BINDING PROTEIN
;
# 
loop_
_struct_asym.id 
_struct_asym.pdbx_blank_PDB_chainid_flag 
_struct_asym.pdbx_modified 
_struct_asym.entity_id 
_struct_asym.details 
A N N 1 ? 
B N N 2 ? 
# 
_struct_ref.id                         1 
_struct_ref.db_name                    UNP 
_struct_ref.db_code                    RECO_HUMAN 
_struct_ref.pdbx_db_accession          P35243 
_struct_ref.entity_id                  1 
_struct_ref.pdbx_seq_one_letter_code   
;MGNSKSGALSKEILEELQLNTKFSEEELCSWYQSFLKDCPTGRITQQQFQSIYAKFFPDTDPKAYAQHVFRSFDSNLDGT
LDFKEYVIALHMTTAGKTNQKLEWAFSLYDVDGNGTISKNEVLEIVMAIFKMITPEDVKLLPDDENTPEKRAEKIWKYFG
KNDDDKLTEKEFIEGTLANKEILRLIQFEPQKVKEKMKNA
;
_struct_ref.pdbx_align_begin           0 
_struct_ref.pdbx_db_isoform            ? 
# 
_struct_ref_seq.align_id                      1 
_struct_ref_seq.ref_id                        1 
_struct_ref_seq.pdbx_PDB_id_code              2D8N 
_struct_ref_seq.pdbx_strand_id                A 
_struct_ref_seq.seq_align_beg                 8 
_struct_ref_seq.pdbx_seq_align_beg_ins_code   ? 
_struct_ref_seq.seq_align_end                 207 
_struct_ref_seq.pdbx_seq_align_end_ins_code   ? 
_struct_ref_seq.pdbx_db_accession             P35243 
_struct_ref_seq.db_align_beg                  1 
_struct_ref_seq.pdbx_db_align_beg_ins_code    ? 
_struct_ref_seq.db_align_end                  200 
_struct_ref_seq.pdbx_db_align_end_ins_code    ? 
_struct_ref_seq.pdbx_auth_seq_align_beg       1 
_struct_ref_seq.pdbx_auth_seq_align_end       200 
# 
loop_
_struct_ref_seq_dif.align_id 
_struct_ref_seq_dif.pdbx_pdb_id_code 
_struct_ref_seq_dif.mon_id 
_struct_ref_seq_dif.pdbx_pdb_strand_id 
_struct_ref_seq_dif.seq_num 
_struct_ref_seq_dif.pdbx_pdb_ins_code 
_struct_ref_seq_dif.pdbx_seq_db_name 
_struct_ref_seq_dif.pdbx_seq_db_accession_code 
_struct_ref_seq_dif.db_mon_id 
_struct_ref_seq_dif.pdbx_seq_db_seq_num 
_struct_ref_seq_dif.details 
_struct_ref_seq_dif.pdbx_auth_seq_num 
_struct_ref_seq_dif.pdbx_ordinal 
1 2D8N GLY A 1   ? UNP P35243 ?   ?   'cloning artifact' -6  1  
1 2D8N SER A 2   ? UNP P35243 ?   ?   'cloning artifact' -5  2  
1 2D8N SER A 3   ? UNP P35243 ?   ?   'cloning artifact' -4  3  
1 2D8N GLY A 4   ? UNP P35243 ?   ?   'cloning artifact' -3  4  
1 2D8N SER A 5   ? UNP P35243 ?   ?   'cloning artifact' -2  5  
1 2D8N SER A 6   ? UNP P35243 ?   ?   'cloning artifact' -1  6  
1 2D8N GLY A 7   ? UNP P35243 ?   ?   'cloning artifact' 0   7  
1 2D8N MSE A 8   ? UNP P35243 MET 1   'modified residue' 1   8  
1 2D8N MSE A 99  ? UNP P35243 MET 92  'modified residue' 92  9  
1 2D8N MSE A 134 ? UNP P35243 MET 127 'modified residue' 127 10 
1 2D8N MSE A 139 ? UNP P35243 MET 132 'modified residue' 132 11 
1 2D8N MSE A 204 ? UNP P35243 MET 197 'modified residue' 197 12 
# 
loop_
_pdbx_struct_assembly.id 
_pdbx_struct_assembly.details 
_pdbx_struct_assembly.method_details 
_pdbx_struct_assembly.oligomeric_details 
_pdbx_struct_assembly.oligomeric_count 
1 author_defined_assembly   ?        monomeric  1 
2 software_defined_assembly PISA,PQS tetrameric 4 
# 
loop_
_pdbx_struct_assembly_prop.biol_id 
_pdbx_struct_assembly_prop.type 
_pdbx_struct_assembly_prop.value 
_pdbx_struct_assembly_prop.details 
2 'ABSA (A^2)' 8670  ? 
2 MORE         -42   ? 
2 'SSA (A^2)'  35380 ? 
# 
loop_
_pdbx_struct_assembly_gen.assembly_id 
_pdbx_struct_assembly_gen.oper_expression 
_pdbx_struct_assembly_gen.asym_id_list 
1 1       A,B 
2 1,2,3,4 A,B 
# 
loop_
_pdbx_struct_oper_list.id 
_pdbx_struct_oper_list.type 
_pdbx_struct_oper_list.name 
_pdbx_struct_oper_list.symmetry_operation 
_pdbx_struct_oper_list.matrix[1][1] 
_pdbx_struct_oper_list.matrix[1][2] 
_pdbx_struct_oper_list.matrix[1][3] 
_pdbx_struct_oper_list.vector[1] 
_pdbx_struct_oper_list.matrix[2][1] 
_pdbx_struct_oper_list.matrix[2][2] 
_pdbx_struct_oper_list.matrix[2][3] 
_pdbx_struct_oper_list.vector[2] 
_pdbx_struct_oper_list.matrix[3][1] 
_pdbx_struct_oper_list.matrix[3][2] 
_pdbx_struct_oper_list.matrix[3][3] 
_pdbx_struct_oper_list.vector[3] 
1 'identity operation'         1_555 x,y,z   1.0000000000  0.0000000000  0.0000000000  0.0000000000   0.0000000000  1.0000000000  0.0000000000 0.0000000000   0.0000000000  0.0000000000 1.0000000000 0.0000000000  
2 'crystal symmetry operation' 2_555 -x,-y,z -0.9862113151 -0.1107582791 -0.1229627815 -15.9993825624 -0.1107582791 -0.1103287623 0.9877044942 -30.1946561938 -0.1229627815 0.9877044942 0.0965400774 25.4036032194 
3 'crystal symmetry operation' 3_555 -y,x,z  0.0068943425  -0.7958317300 0.6054785922  -27.6501403642 0.6850734509  0.4448356188  0.5768844244 -10.2285942082 -0.7284413737 0.4108200698 0.5482700387 6.1127636260  
4 'crystal symmetry operation' 4_555 y,-x,z  0.0068943425  0.6850734509  -0.7284413737 11.6507578018  -0.7958317300 0.4448356188  0.4108200698 -19.9660619856 0.6054785922  0.5768844244 0.5482700387 19.2908395934 
# 
_struct_biol.id                    1 
_struct_biol.details               'In this crystal packing, it looks like monomer. But, there is no experimental evidence.' 
_struct_biol.pdbx_parent_biol_id   ? 
# 
loop_
_struct_conf.conf_type_id 
_struct_conf.id 
_struct_conf.pdbx_PDB_helix_id 
_struct_conf.beg_label_comp_id 
_struct_conf.beg_label_asym_id 
_struct_conf.beg_label_seq_id 
_struct_conf.pdbx_beg_PDB_ins_code 
_struct_conf.end_label_comp_id 
_struct_conf.end_label_asym_id 
_struct_conf.end_label_seq_id 
_struct_conf.pdbx_end_PDB_ins_code 
_struct_conf.beg_auth_comp_id 
_struct_conf.beg_auth_asym_id 
_struct_conf.beg_auth_seq_id 
_struct_conf.end_auth_comp_id 
_struct_conf.end_auth_asym_id 
_struct_conf.end_auth_seq_id 
_struct_conf.pdbx_PDB_helix_class 
_struct_conf.details 
_struct_conf.pdbx_PDB_helix_length 
HELX_P HELX_P1  1  SER A 17  ? THR A 28  ? SER A 10  THR A 21  1 ? 12 
HELX_P HELX_P2  2  SER A 31  ? CYS A 46  ? SER A 24  CYS A 39  1 ? 16 
HELX_P HELX_P3  3  GLN A 53  ? PHE A 63  ? GLN A 46  PHE A 56  1 ? 11 
HELX_P HELX_P4  4  PRO A 69  ? ASP A 81  ? PRO A 62  ASP A 74  1 ? 13 
HELX_P HELX_P5  5  PHE A 90  ? THR A 101 ? PHE A 83  THR A 94  1 ? 12 
HELX_P HELX_P6  6  LYS A 108 ? ASP A 117 ? LYS A 101 ASP A 110 1 ? 10 
HELX_P HELX_P7  7  SER A 125 ? ILE A 140 ? SER A 118 ILE A 133 1 ? 16 
HELX_P HELX_P8  8  THR A 141 ? LEU A 147 ? THR A 134 LEU A 140 1 ? 7  
HELX_P HELX_P9  9  THR A 154 ? PHE A 166 ? THR A 147 PHE A 159 1 ? 13 
HELX_P HELX_P10 10 GLU A 176 ? ASN A 186 ? GLU A 169 ASN A 179 1 ? 11 
HELX_P HELX_P11 11 ASN A 186 ? GLN A 194 ? ASN A 179 GLN A 187 1 ? 9  
# 
_struct_conf_type.id          HELX_P 
_struct_conf_type.criteria    ? 
_struct_conf_type.reference   ? 
# 
loop_
_struct_conn.id 
_struct_conn.conn_type_id 
_struct_conn.pdbx_leaving_atom_flag 
_struct_conn.pdbx_PDB_id 
_struct_conn.ptnr1_label_asym_id 
_struct_conn.ptnr1_label_comp_id 
_struct_conn.ptnr1_label_seq_id 
_struct_conn.ptnr1_label_atom_id 
_struct_conn.pdbx_ptnr1_label_alt_id 
_struct_conn.pdbx_ptnr1_PDB_ins_code 
_struct_conn.pdbx_ptnr1_standard_comp_id 
_struct_conn.ptnr1_symmetry 
_struct_conn.ptnr2_label_asym_id 
_struct_conn.ptnr2_label_comp_id 
_struct_conn.ptnr2_label_seq_id 
_struct_conn.ptnr2_label_atom_id 
_struct_conn.pdbx_ptnr2_label_alt_id 
_struct_conn.pdbx_ptnr2_PDB_ins_code 
_struct_conn.ptnr1_auth_asym_id 
_struct_conn.ptnr1_auth_comp_id 
_struct_conn.ptnr1_auth_seq_id 
_struct_conn.ptnr2_auth_asym_id 
_struct_conn.ptnr2_auth_comp_id 
_struct_conn.ptnr2_auth_seq_id 
_struct_conn.ptnr2_symmetry 
_struct_conn.pdbx_ptnr3_label_atom_id 
_struct_conn.pdbx_ptnr3_label_seq_id 
_struct_conn.pdbx_ptnr3_label_comp_id 
_struct_conn.pdbx_ptnr3_label_asym_id 
_struct_conn.pdbx_ptnr3_label_alt_id 
_struct_conn.pdbx_ptnr3_PDB_ins_code 
_struct_conn.details 
_struct_conn.pdbx_dist_value 
_struct_conn.pdbx_value_order 
_struct_conn.pdbx_role 
covale1 covale both ? A MSE 8   C ? ? ? 1_555 A GLY 9   N ? ? A MSE 1   A GLY 2   1_555 ? ? ? ? ? ? ? 1.331 ? ? 
covale2 covale both ? A HIS 98  C ? ? ? 1_555 A MSE 99  N ? ? A HIS 91  A MSE 92  1_555 ? ? ? ? ? ? ? 1.325 ? ? 
covale3 covale both ? A MSE 99  C ? ? ? 1_555 A THR 100 N ? ? A MSE 92  A THR 93  1_555 ? ? ? ? ? ? ? 1.315 ? ? 
covale4 covale both ? A VAL 133 C ? ? ? 1_555 A MSE 134 N ? ? A VAL 126 A MSE 127 1_555 ? ? ? ? ? ? ? 1.331 ? ? 
covale5 covale both ? A MSE 134 C ? ? ? 1_555 A ALA 135 N ? ? A MSE 127 A ALA 128 1_555 ? ? ? ? ? ? ? 1.326 ? ? 
covale6 covale both ? A LYS 138 C ? ? ? 1_555 A MSE 139 N ? ? A LYS 131 A MSE 132 1_555 ? ? ? ? ? ? ? 1.327 ? ? 
covale7 covale both ? A MSE 139 C ? ? ? 1_555 A ILE 140 N ? ? A MSE 132 A ILE 133 1_555 ? ? ? ? ? ? ? 1.340 ? ? 
covale8 covale both ? A LYS 203 C ? ? ? 1_555 A MSE 204 N ? ? A LYS 196 A MSE 197 1_555 ? ? ? ? ? ? ? 1.336 ? ? 
# 
_struct_conn_type.id          covale 
_struct_conn_type.criteria    ? 
_struct_conn_type.reference   ? 
# 
loop_
_pdbx_modification_feature.ordinal 
_pdbx_modification_feature.label_comp_id 
_pdbx_modification_feature.label_asym_id 
_pdbx_modification_feature.label_seq_id 
_pdbx_modification_feature.label_alt_id 
_pdbx_modification_feature.modified_residue_label_comp_id 
_pdbx_modification_feature.modified_residue_label_asym_id 
_pdbx_modification_feature.modified_residue_label_seq_id 
_pdbx_modification_feature.modified_residue_label_alt_id 
_pdbx_modification_feature.auth_comp_id 
_pdbx_modification_feature.auth_asym_id 
_pdbx_modification_feature.auth_seq_id 
_pdbx_modification_feature.PDB_ins_code 
_pdbx_modification_feature.symmetry 
_pdbx_modification_feature.modified_residue_auth_comp_id 
_pdbx_modification_feature.modified_residue_auth_asym_id 
_pdbx_modification_feature.modified_residue_auth_seq_id 
_pdbx_modification_feature.modified_residue_PDB_ins_code 
_pdbx_modification_feature.modified_residue_symmetry 
_pdbx_modification_feature.comp_id_linking_atom 
_pdbx_modification_feature.modified_residue_id_linking_atom 
_pdbx_modification_feature.modified_residue_id 
_pdbx_modification_feature.ref_pcm_id 
_pdbx_modification_feature.ref_comp_id 
_pdbx_modification_feature.type 
_pdbx_modification_feature.category 
1 MSE A 8   ? . . . . MSE A 1   ? 1_555 . . . . . . . MET 1 MSE Selenomethionine 'Named protein modification' 
2 MSE A 99  ? . . . . MSE A 92  ? 1_555 . . . . . . . MET 1 MSE Selenomethionine 'Named protein modification' 
3 MSE A 134 ? . . . . MSE A 127 ? 1_555 . . . . . . . MET 1 MSE Selenomethionine 'Named protein modification' 
4 MSE A 139 ? . . . . MSE A 132 ? 1_555 . . . . . . . MET 1 MSE Selenomethionine 'Named protein modification' 
5 MSE A 204 ? . . . . MSE A 197 ? 1_555 . . . . . . . MET 1 MSE Selenomethionine 'Named protein modification' 
# 
loop_
_struct_sheet.id 
_struct_sheet.type 
_struct_sheet.number_strands 
_struct_sheet.details 
A ? 2 ? 
B ? 2 ? 
# 
loop_
_struct_sheet_order.sheet_id 
_struct_sheet_order.range_id_1 
_struct_sheet_order.range_id_2 
_struct_sheet_order.offset 
_struct_sheet_order.sense 
A 1 2 ? anti-parallel 
B 1 2 ? anti-parallel 
# 
loop_
_struct_sheet_range.sheet_id 
_struct_sheet_range.id 
_struct_sheet_range.beg_label_comp_id 
_struct_sheet_range.beg_label_asym_id 
_struct_sheet_range.beg_label_seq_id 
_struct_sheet_range.pdbx_beg_PDB_ins_code 
_struct_sheet_range.end_label_comp_id 
_struct_sheet_range.end_label_asym_id 
_struct_sheet_range.end_label_seq_id 
_struct_sheet_range.pdbx_end_PDB_ins_code 
_struct_sheet_range.beg_auth_comp_id 
_struct_sheet_range.beg_auth_asym_id 
_struct_sheet_range.beg_auth_seq_id 
_struct_sheet_range.end_auth_comp_id 
_struct_sheet_range.end_auth_asym_id 
_struct_sheet_range.end_auth_seq_id 
A 1 ARG A 50  ? THR A 52  ? ARG A 43  THR A 45  
A 2 THR A 87  ? ASP A 89  ? THR A 80  ASP A 82  
B 1 THR A 123 ? ILE A 124 ? THR A 116 ILE A 117 
B 2 LEU A 174 ? THR A 175 ? LEU A 167 THR A 168 
# 
loop_
_pdbx_struct_sheet_hbond.sheet_id 
_pdbx_struct_sheet_hbond.range_id_1 
_pdbx_struct_sheet_hbond.range_id_2 
_pdbx_struct_sheet_hbond.range_1_label_atom_id 
_pdbx_struct_sheet_hbond.range_1_label_comp_id 
_pdbx_struct_sheet_hbond.range_1_label_asym_id 
_pdbx_struct_sheet_hbond.range_1_label_seq_id 
_pdbx_struct_sheet_hbond.range_1_PDB_ins_code 
_pdbx_struct_sheet_hbond.range_1_auth_atom_id 
_pdbx_struct_sheet_hbond.range_1_auth_comp_id 
_pdbx_struct_sheet_hbond.range_1_auth_asym_id 
_pdbx_struct_sheet_hbond.range_1_auth_seq_id 
_pdbx_struct_sheet_hbond.range_2_label_atom_id 
_pdbx_struct_sheet_hbond.range_2_label_comp_id 
_pdbx_struct_sheet_hbond.range_2_label_asym_id 
_pdbx_struct_sheet_hbond.range_2_label_seq_id 
_pdbx_struct_sheet_hbond.range_2_PDB_ins_code 
_pdbx_struct_sheet_hbond.range_2_auth_atom_id 
_pdbx_struct_sheet_hbond.range_2_auth_comp_id 
_pdbx_struct_sheet_hbond.range_2_auth_asym_id 
_pdbx_struct_sheet_hbond.range_2_auth_seq_id 
A 1 2 N ILE A 51  ? N ILE A 44  O LEU A 88  ? O LEU A 81  
B 1 2 N ILE A 124 ? N ILE A 117 O LEU A 174 ? O LEU A 167 
# 
_pdbx_entry_details.entry_id                   2D8N 
_pdbx_entry_details.compound_details           ? 
_pdbx_entry_details.source_details             ? 
_pdbx_entry_details.nonpolymer_details         ? 
_pdbx_entry_details.sequence_details           ? 
_pdbx_entry_details.has_ligand_of_interest     ? 
_pdbx_entry_details.has_protein_modification   Y 
# 
loop_
_pdbx_validate_torsion.id 
_pdbx_validate_torsion.PDB_model_num 
_pdbx_validate_torsion.auth_comp_id 
_pdbx_validate_torsion.auth_asym_id 
_pdbx_validate_torsion.auth_seq_id 
_pdbx_validate_torsion.PDB_ins_code 
_pdbx_validate_torsion.label_alt_id 
_pdbx_validate_torsion.phi 
_pdbx_validate_torsion.psi 
1  1 ASN A 3   ? ? 100.13  -2.00   
2  1 LEU A 9   ? ? -72.88  -76.46  
3  1 SER A 10  ? ? 142.13  146.94  
4  1 THR A 93  ? ? -51.74  -75.15  
5  1 ALA A 95  ? ? 9.76    -105.97 
6  1 LYS A 97  ? ? 168.75  115.64  
7  1 GLN A 100 ? ? -57.32  92.85   
8  1 LYS A 101 ? ? 47.86   93.52   
9  1 PHE A 188 ? ? -66.85  96.07   
10 1 GLU A 189 ? ? -146.01 34.65   
11 1 LYS A 192 ? ? 108.81  -13.94  
12 1 GLU A 195 ? ? -88.30  -153.16 
# 
_pdbx_SG_project.id                    1 
_pdbx_SG_project.project_name          'NPPSFA, National Project on Protein Structural and Functional Analyses' 
_pdbx_SG_project.full_name_of_center   'RIKEN Structural Genomics/Proteomics Initiative' 
_pdbx_SG_project.initial_of_center     RSGI 
# 
loop_
_pdbx_struct_mod_residue.id 
_pdbx_struct_mod_residue.label_asym_id 
_pdbx_struct_mod_residue.label_comp_id 
_pdbx_struct_mod_residue.label_seq_id 
_pdbx_struct_mod_residue.auth_asym_id 
_pdbx_struct_mod_residue.auth_comp_id 
_pdbx_struct_mod_residue.auth_seq_id 
_pdbx_struct_mod_residue.PDB_ins_code 
_pdbx_struct_mod_residue.parent_comp_id 
_pdbx_struct_mod_residue.details 
1 A MSE 8   A MSE 1   ? MET SELENOMETHIONINE 
2 A MSE 99  A MSE 92  ? MET SELENOMETHIONINE 
3 A MSE 134 A MSE 127 ? MET SELENOMETHIONINE 
4 A MSE 139 A MSE 132 ? MET SELENOMETHIONINE 
5 A MSE 204 A MSE 197 ? MET SELENOMETHIONINE 
# 
loop_
_pdbx_unobs_or_zero_occ_residues.id 
_pdbx_unobs_or_zero_occ_residues.PDB_model_num 
_pdbx_unobs_or_zero_occ_residues.polymer_flag 
_pdbx_unobs_or_zero_occ_residues.occupancy_flag 
_pdbx_unobs_or_zero_occ_residues.auth_asym_id 
_pdbx_unobs_or_zero_occ_residues.auth_comp_id 
_pdbx_unobs_or_zero_occ_residues.auth_seq_id 
_pdbx_unobs_or_zero_occ_residues.PDB_ins_code 
_pdbx_unobs_or_zero_occ_residues.label_asym_id 
_pdbx_unobs_or_zero_occ_residues.label_comp_id 
_pdbx_unobs_or_zero_occ_residues.label_seq_id 
1  1 Y 1 A GLY -6  ? A GLY 1   
2  1 Y 1 A SER -5  ? A SER 2   
3  1 Y 1 A SER -4  ? A SER 3   
4  1 Y 1 A GLY -3  ? A GLY 4   
5  1 Y 1 A SER -2  ? A SER 5   
6  1 Y 1 A SER -1  ? A SER 6   
7  1 Y 1 A GLY 0   ? A GLY 7   
8  1 Y 1 A LYS 198 ? A LYS 205 
9  1 Y 1 A ASN 199 ? A ASN 206 
10 1 Y 1 A ALA 200 ? A ALA 207 
# 
loop_
_chem_comp_atom.comp_id 
_chem_comp_atom.atom_id 
_chem_comp_atom.type_symbol 
_chem_comp_atom.pdbx_aromatic_flag 
_chem_comp_atom.pdbx_stereo_config 
_chem_comp_atom.pdbx_ordinal 
ALA N    N  N N 1   
ALA CA   C  N S 2   
ALA C    C  N N 3   
ALA O    O  N N 4   
ALA CB   C  N N 5   
ALA OXT  O  N N 6   
ALA H    H  N N 7   
ALA H2   H  N N 8   
ALA HA   H  N N 9   
ALA HB1  H  N N 10  
ALA HB2  H  N N 11  
ALA HB3  H  N N 12  
ALA HXT  H  N N 13  
ARG N    N  N N 14  
ARG CA   C  N S 15  
ARG C    C  N N 16  
ARG O    O  N N 17  
ARG CB   C  N N 18  
ARG CG   C  N N 19  
ARG CD   C  N N 20  
ARG NE   N  N N 21  
ARG CZ   C  N N 22  
ARG NH1  N  N N 23  
ARG NH2  N  N N 24  
ARG OXT  O  N N 25  
ARG H    H  N N 26  
ARG H2   H  N N 27  
ARG HA   H  N N 28  
ARG HB2  H  N N 29  
ARG HB3  H  N N 30  
ARG HG2  H  N N 31  
ARG HG3  H  N N 32  
ARG HD2  H  N N 33  
ARG HD3  H  N N 34  
ARG HE   H  N N 35  
ARG HH11 H  N N 36  
ARG HH12 H  N N 37  
ARG HH21 H  N N 38  
ARG HH22 H  N N 39  
ARG HXT  H  N N 40  
ASN N    N  N N 41  
ASN CA   C  N S 42  
ASN C    C  N N 43  
ASN O    O  N N 44  
ASN CB   C  N N 45  
ASN CG   C  N N 46  
ASN OD1  O  N N 47  
ASN ND2  N  N N 48  
ASN OXT  O  N N 49  
ASN H    H  N N 50  
ASN H2   H  N N 51  
ASN HA   H  N N 52  
ASN HB2  H  N N 53  
ASN HB3  H  N N 54  
ASN HD21 H  N N 55  
ASN HD22 H  N N 56  
ASN HXT  H  N N 57  
ASP N    N  N N 58  
ASP CA   C  N S 59  
ASP C    C  N N 60  
ASP O    O  N N 61  
ASP CB   C  N N 62  
ASP CG   C  N N 63  
ASP OD1  O  N N 64  
ASP OD2  O  N N 65  
ASP OXT  O  N N 66  
ASP H    H  N N 67  
ASP H2   H  N N 68  
ASP HA   H  N N 69  
ASP HB2  H  N N 70  
ASP HB3  H  N N 71  
ASP HD2  H  N N 72  
ASP HXT  H  N N 73  
CYS N    N  N N 74  
CYS CA   C  N R 75  
CYS C    C  N N 76  
CYS O    O  N N 77  
CYS CB   C  N N 78  
CYS SG   S  N N 79  
CYS OXT  O  N N 80  
CYS H    H  N N 81  
CYS H2   H  N N 82  
CYS HA   H  N N 83  
CYS HB2  H  N N 84  
CYS HB3  H  N N 85  
CYS HG   H  N N 86  
CYS HXT  H  N N 87  
GLN N    N  N N 88  
GLN CA   C  N S 89  
GLN C    C  N N 90  
GLN O    O  N N 91  
GLN CB   C  N N 92  
GLN CG   C  N N 93  
GLN CD   C  N N 94  
GLN OE1  O  N N 95  
GLN NE2  N  N N 96  
GLN OXT  O  N N 97  
GLN H    H  N N 98  
GLN H2   H  N N 99  
GLN HA   H  N N 100 
GLN HB2  H  N N 101 
GLN HB3  H  N N 102 
GLN HG2  H  N N 103 
GLN HG3  H  N N 104 
GLN HE21 H  N N 105 
GLN HE22 H  N N 106 
GLN HXT  H  N N 107 
GLU N    N  N N 108 
GLU CA   C  N S 109 
GLU C    C  N N 110 
GLU O    O  N N 111 
GLU CB   C  N N 112 
GLU CG   C  N N 113 
GLU CD   C  N N 114 
GLU OE1  O  N N 115 
GLU OE2  O  N N 116 
GLU OXT  O  N N 117 
GLU H    H  N N 118 
GLU H2   H  N N 119 
GLU HA   H  N N 120 
GLU HB2  H  N N 121 
GLU HB3  H  N N 122 
GLU HG2  H  N N 123 
GLU HG3  H  N N 124 
GLU HE2  H  N N 125 
GLU HXT  H  N N 126 
GLY N    N  N N 127 
GLY CA   C  N N 128 
GLY C    C  N N 129 
GLY O    O  N N 130 
GLY OXT  O  N N 131 
GLY H    H  N N 132 
GLY H2   H  N N 133 
GLY HA2  H  N N 134 
GLY HA3  H  N N 135 
GLY HXT  H  N N 136 
HIS N    N  N N 137 
HIS CA   C  N S 138 
HIS C    C  N N 139 
HIS O    O  N N 140 
HIS CB   C  N N 141 
HIS CG   C  Y N 142 
HIS ND1  N  Y N 143 
HIS CD2  C  Y N 144 
HIS CE1  C  Y N 145 
HIS NE2  N  Y N 146 
HIS OXT  O  N N 147 
HIS H    H  N N 148 
HIS H2   H  N N 149 
HIS HA   H  N N 150 
HIS HB2  H  N N 151 
HIS HB3  H  N N 152 
HIS HD1  H  N N 153 
HIS HD2  H  N N 154 
HIS HE1  H  N N 155 
HIS HE2  H  N N 156 
HIS HXT  H  N N 157 
HOH O    O  N N 158 
HOH H1   H  N N 159 
HOH H2   H  N N 160 
ILE N    N  N N 161 
ILE CA   C  N S 162 
ILE C    C  N N 163 
ILE O    O  N N 164 
ILE CB   C  N S 165 
ILE CG1  C  N N 166 
ILE CG2  C  N N 167 
ILE CD1  C  N N 168 
ILE OXT  O  N N 169 
ILE H    H  N N 170 
ILE H2   H  N N 171 
ILE HA   H  N N 172 
ILE HB   H  N N 173 
ILE HG12 H  N N 174 
ILE HG13 H  N N 175 
ILE HG21 H  N N 176 
ILE HG22 H  N N 177 
ILE HG23 H  N N 178 
ILE HD11 H  N N 179 
ILE HD12 H  N N 180 
ILE HD13 H  N N 181 
ILE HXT  H  N N 182 
LEU N    N  N N 183 
LEU CA   C  N S 184 
LEU C    C  N N 185 
LEU O    O  N N 186 
LEU CB   C  N N 187 
LEU CG   C  N N 188 
LEU CD1  C  N N 189 
LEU CD2  C  N N 190 
LEU OXT  O  N N 191 
LEU H    H  N N 192 
LEU H2   H  N N 193 
LEU HA   H  N N 194 
LEU HB2  H  N N 195 
LEU HB3  H  N N 196 
LEU HG   H  N N 197 
LEU HD11 H  N N 198 
LEU HD12 H  N N 199 
LEU HD13 H  N N 200 
LEU HD21 H  N N 201 
LEU HD22 H  N N 202 
LEU HD23 H  N N 203 
LEU HXT  H  N N 204 
LYS N    N  N N 205 
LYS CA   C  N S 206 
LYS C    C  N N 207 
LYS O    O  N N 208 
LYS CB   C  N N 209 
LYS CG   C  N N 210 
LYS CD   C  N N 211 
LYS CE   C  N N 212 
LYS NZ   N  N N 213 
LYS OXT  O  N N 214 
LYS H    H  N N 215 
LYS H2   H  N N 216 
LYS HA   H  N N 217 
LYS HB2  H  N N 218 
LYS HB3  H  N N 219 
LYS HG2  H  N N 220 
LYS HG3  H  N N 221 
LYS HD2  H  N N 222 
LYS HD3  H  N N 223 
LYS HE2  H  N N 224 
LYS HE3  H  N N 225 
LYS HZ1  H  N N 226 
LYS HZ2  H  N N 227 
LYS HZ3  H  N N 228 
LYS HXT  H  N N 229 
MET N    N  N N 230 
MET CA   C  N S 231 
MET C    C  N N 232 
MET O    O  N N 233 
MET CB   C  N N 234 
MET CG   C  N N 235 
MET SD   S  N N 236 
MET CE   C  N N 237 
MET OXT  O  N N 238 
MET H    H  N N 239 
MET H2   H  N N 240 
MET HA   H  N N 241 
MET HB2  H  N N 242 
MET HB3  H  N N 243 
MET HG2  H  N N 244 
MET HG3  H  N N 245 
MET HE1  H  N N 246 
MET HE2  H  N N 247 
MET HE3  H  N N 248 
MET HXT  H  N N 249 
MSE N    N  N N 250 
MSE CA   C  N S 251 
MSE C    C  N N 252 
MSE O    O  N N 253 
MSE OXT  O  N N 254 
MSE CB   C  N N 255 
MSE CG   C  N N 256 
MSE SE   SE N N 257 
MSE CE   C  N N 258 
MSE H    H  N N 259 
MSE H2   H  N N 260 
MSE HA   H  N N 261 
MSE HXT  H  N N 262 
MSE HB2  H  N N 263 
MSE HB3  H  N N 264 
MSE HG2  H  N N 265 
MSE HG3  H  N N 266 
MSE HE1  H  N N 267 
MSE HE2  H  N N 268 
MSE HE3  H  N N 269 
PHE N    N  N N 270 
PHE CA   C  N S 271 
PHE C    C  N N 272 
PHE O    O  N N 273 
PHE CB   C  N N 274 
PHE CG   C  Y N 275 
PHE CD1  C  Y N 276 
PHE CD2  C  Y N 277 
PHE CE1  C  Y N 278 
PHE CE2  C  Y N 279 
PHE CZ   C  Y N 280 
PHE OXT  O  N N 281 
PHE H    H  N N 282 
PHE H2   H  N N 283 
PHE HA   H  N N 284 
PHE HB2  H  N N 285 
PHE HB3  H  N N 286 
PHE HD1  H  N N 287 
PHE HD2  H  N N 288 
PHE HE1  H  N N 289 
PHE HE2  H  N N 290 
PHE HZ   H  N N 291 
PHE HXT  H  N N 292 
PRO N    N  N N 293 
PRO CA   C  N S 294 
PRO C    C  N N 295 
PRO O    O  N N 296 
PRO CB   C  N N 297 
PRO CG   C  N N 298 
PRO CD   C  N N 299 
PRO OXT  O  N N 300 
PRO H    H  N N 301 
PRO HA   H  N N 302 
PRO HB2  H  N N 303 
PRO HB3  H  N N 304 
PRO HG2  H  N N 305 
PRO HG3  H  N N 306 
PRO HD2  H  N N 307 
PRO HD3  H  N N 308 
PRO HXT  H  N N 309 
SER N    N  N N 310 
SER CA   C  N S 311 
SER C    C  N N 312 
SER O    O  N N 313 
SER CB   C  N N 314 
SER OG   O  N N 315 
SER OXT  O  N N 316 
SER H    H  N N 317 
SER H2   H  N N 318 
SER HA   H  N N 319 
SER HB2  H  N N 320 
SER HB3  H  N N 321 
SER HG   H  N N 322 
SER HXT  H  N N 323 
THR N    N  N N 324 
THR CA   C  N S 325 
THR C    C  N N 326 
THR O    O  N N 327 
THR CB   C  N R 328 
THR OG1  O  N N 329 
THR CG2  C  N N 330 
THR OXT  O  N N 331 
THR H    H  N N 332 
THR H2   H  N N 333 
THR HA   H  N N 334 
THR HB   H  N N 335 
THR HG1  H  N N 336 
THR HG21 H  N N 337 
THR HG22 H  N N 338 
THR HG23 H  N N 339 
THR HXT  H  N N 340 
TRP N    N  N N 341 
TRP CA   C  N S 342 
TRP C    C  N N 343 
TRP O    O  N N 344 
TRP CB   C  N N 345 
TRP CG   C  Y N 346 
TRP CD1  C  Y N 347 
TRP CD2  C  Y N 348 
TRP NE1  N  Y N 349 
TRP CE2  C  Y N 350 
TRP CE3  C  Y N 351 
TRP CZ2  C  Y N 352 
TRP CZ3  C  Y N 353 
TRP CH2  C  Y N 354 
TRP OXT  O  N N 355 
TRP H    H  N N 356 
TRP H2   H  N N 357 
TRP HA   H  N N 358 
TRP HB2  H  N N 359 
TRP HB3  H  N N 360 
TRP HD1  H  N N 361 
TRP HE1  H  N N 362 
TRP HE3  H  N N 363 
TRP HZ2  H  N N 364 
TRP HZ3  H  N N 365 
TRP HH2  H  N N 366 
TRP HXT  H  N N 367 
TYR N    N  N N 368 
TYR CA   C  N S 369 
TYR C    C  N N 370 
TYR O    O  N N 371 
TYR CB   C  N N 372 
TYR CG   C  Y N 373 
TYR CD1  C  Y N 374 
TYR CD2  C  Y N 375 
TYR CE1  C  Y N 376 
TYR CE2  C  Y N 377 
TYR CZ   C  Y N 378 
TYR OH   O  N N 379 
TYR OXT  O  N N 380 
TYR H    H  N N 381 
TYR H2   H  N N 382 
TYR HA   H  N N 383 
TYR HB2  H  N N 384 
TYR HB3  H  N N 385 
TYR HD1  H  N N 386 
TYR HD2  H  N N 387 
TYR HE1  H  N N 388 
TYR HE2  H  N N 389 
TYR HH   H  N N 390 
TYR HXT  H  N N 391 
VAL N    N  N N 392 
VAL CA   C  N S 393 
VAL C    C  N N 394 
VAL O    O  N N 395 
VAL CB   C  N N 396 
VAL CG1  C  N N 397 
VAL CG2  C  N N 398 
VAL OXT  O  N N 399 
VAL H    H  N N 400 
VAL H2   H  N N 401 
VAL HA   H  N N 402 
VAL HB   H  N N 403 
VAL HG11 H  N N 404 
VAL HG12 H  N N 405 
VAL HG13 H  N N 406 
VAL HG21 H  N N 407 
VAL HG22 H  N N 408 
VAL HG23 H  N N 409 
VAL HXT  H  N N 410 
# 
loop_
_chem_comp_bond.comp_id 
_chem_comp_bond.atom_id_1 
_chem_comp_bond.atom_id_2 
_chem_comp_bond.value_order 
_chem_comp_bond.pdbx_aromatic_flag 
_chem_comp_bond.pdbx_stereo_config 
_chem_comp_bond.pdbx_ordinal 
ALA N   CA   sing N N 1   
ALA N   H    sing N N 2   
ALA N   H2   sing N N 3   
ALA CA  C    sing N N 4   
ALA CA  CB   sing N N 5   
ALA CA  HA   sing N N 6   
ALA C   O    doub N N 7   
ALA C   OXT  sing N N 8   
ALA CB  HB1  sing N N 9   
ALA CB  HB2  sing N N 10  
ALA CB  HB3  sing N N 11  
ALA OXT HXT  sing N N 12  
ARG N   CA   sing N N 13  
ARG N   H    sing N N 14  
ARG N   H2   sing N N 15  
ARG CA  C    sing N N 16  
ARG CA  CB   sing N N 17  
ARG CA  HA   sing N N 18  
ARG C   O    doub N N 19  
ARG C   OXT  sing N N 20  
ARG CB  CG   sing N N 21  
ARG CB  HB2  sing N N 22  
ARG CB  HB3  sing N N 23  
ARG CG  CD   sing N N 24  
ARG CG  HG2  sing N N 25  
ARG CG  HG3  sing N N 26  
ARG CD  NE   sing N N 27  
ARG CD  HD2  sing N N 28  
ARG CD  HD3  sing N N 29  
ARG NE  CZ   sing N N 30  
ARG NE  HE   sing N N 31  
ARG CZ  NH1  sing N N 32  
ARG CZ  NH2  doub N N 33  
ARG NH1 HH11 sing N N 34  
ARG NH1 HH12 sing N N 35  
ARG NH2 HH21 sing N N 36  
ARG NH2 HH22 sing N N 37  
ARG OXT HXT  sing N N 38  
ASN N   CA   sing N N 39  
ASN N   H    sing N N 40  
ASN N   H2   sing N N 41  
ASN CA  C    sing N N 42  
ASN CA  CB   sing N N 43  
ASN CA  HA   sing N N 44  
ASN C   O    doub N N 45  
ASN C   OXT  sing N N 46  
ASN CB  CG   sing N N 47  
ASN CB  HB2  sing N N 48  
ASN CB  HB3  sing N N 49  
ASN CG  OD1  doub N N 50  
ASN CG  ND2  sing N N 51  
ASN ND2 HD21 sing N N 52  
ASN ND2 HD22 sing N N 53  
ASN OXT HXT  sing N N 54  
ASP N   CA   sing N N 55  
ASP N   H    sing N N 56  
ASP N   H2   sing N N 57  
ASP CA  C    sing N N 58  
ASP CA  CB   sing N N 59  
ASP CA  HA   sing N N 60  
ASP C   O    doub N N 61  
ASP C   OXT  sing N N 62  
ASP CB  CG   sing N N 63  
ASP CB  HB2  sing N N 64  
ASP CB  HB3  sing N N 65  
ASP CG  OD1  doub N N 66  
ASP CG  OD2  sing N N 67  
ASP OD2 HD2  sing N N 68  
ASP OXT HXT  sing N N 69  
CYS N   CA   sing N N 70  
CYS N   H    sing N N 71  
CYS N   H2   sing N N 72  
CYS CA  C    sing N N 73  
CYS CA  CB   sing N N 74  
CYS CA  HA   sing N N 75  
CYS C   O    doub N N 76  
CYS C   OXT  sing N N 77  
CYS CB  SG   sing N N 78  
CYS CB  HB2  sing N N 79  
CYS CB  HB3  sing N N 80  
CYS SG  HG   sing N N 81  
CYS OXT HXT  sing N N 82  
GLN N   CA   sing N N 83  
GLN N   H    sing N N 84  
GLN N   H2   sing N N 85  
GLN CA  C    sing N N 86  
GLN CA  CB   sing N N 87  
GLN CA  HA   sing N N 88  
GLN C   O    doub N N 89  
GLN C   OXT  sing N N 90  
GLN CB  CG   sing N N 91  
GLN CB  HB2  sing N N 92  
GLN CB  HB3  sing N N 93  
GLN CG  CD   sing N N 94  
GLN CG  HG2  sing N N 95  
GLN CG  HG3  sing N N 96  
GLN CD  OE1  doub N N 97  
GLN CD  NE2  sing N N 98  
GLN NE2 HE21 sing N N 99  
GLN NE2 HE22 sing N N 100 
GLN OXT HXT  sing N N 101 
GLU N   CA   sing N N 102 
GLU N   H    sing N N 103 
GLU N   H2   sing N N 104 
GLU CA  C    sing N N 105 
GLU CA  CB   sing N N 106 
GLU CA  HA   sing N N 107 
GLU C   O    doub N N 108 
GLU C   OXT  sing N N 109 
GLU CB  CG   sing N N 110 
GLU CB  HB2  sing N N 111 
GLU CB  HB3  sing N N 112 
GLU CG  CD   sing N N 113 
GLU CG  HG2  sing N N 114 
GLU CG  HG3  sing N N 115 
GLU CD  OE1  doub N N 116 
GLU CD  OE2  sing N N 117 
GLU OE2 HE2  sing N N 118 
GLU OXT HXT  sing N N 119 
GLY N   CA   sing N N 120 
GLY N   H    sing N N 121 
GLY N   H2   sing N N 122 
GLY CA  C    sing N N 123 
GLY CA  HA2  sing N N 124 
GLY CA  HA3  sing N N 125 
GLY C   O    doub N N 126 
GLY C   OXT  sing N N 127 
GLY OXT HXT  sing N N 128 
HIS N   CA   sing N N 129 
HIS N   H    sing N N 130 
HIS N   H2   sing N N 131 
HIS CA  C    sing N N 132 
HIS CA  CB   sing N N 133 
HIS CA  HA   sing N N 134 
HIS C   O    doub N N 135 
HIS C   OXT  sing N N 136 
HIS CB  CG   sing N N 137 
HIS CB  HB2  sing N N 138 
HIS CB  HB3  sing N N 139 
HIS CG  ND1  sing Y N 140 
HIS CG  CD2  doub Y N 141 
HIS ND1 CE1  doub Y N 142 
HIS ND1 HD1  sing N N 143 
HIS CD2 NE2  sing Y N 144 
HIS CD2 HD2  sing N N 145 
HIS CE1 NE2  sing Y N 146 
HIS CE1 HE1  sing N N 147 
HIS NE2 HE2  sing N N 148 
HIS OXT HXT  sing N N 149 
HOH O   H1   sing N N 150 
HOH O   H2   sing N N 151 
ILE N   CA   sing N N 152 
ILE N   H    sing N N 153 
ILE N   H2   sing N N 154 
ILE CA  C    sing N N 155 
ILE CA  CB   sing N N 156 
ILE CA  HA   sing N N 157 
ILE C   O    doub N N 158 
ILE C   OXT  sing N N 159 
ILE CB  CG1  sing N N 160 
ILE CB  CG2  sing N N 161 
ILE CB  HB   sing N N 162 
ILE CG1 CD1  sing N N 163 
ILE CG1 HG12 sing N N 164 
ILE CG1 HG13 sing N N 165 
ILE CG2 HG21 sing N N 166 
ILE CG2 HG22 sing N N 167 
ILE CG2 HG23 sing N N 168 
ILE CD1 HD11 sing N N 169 
ILE CD1 HD12 sing N N 170 
ILE CD1 HD13 sing N N 171 
ILE OXT HXT  sing N N 172 
LEU N   CA   sing N N 173 
LEU N   H    sing N N 174 
LEU N   H2   sing N N 175 
LEU CA  C    sing N N 176 
LEU CA  CB   sing N N 177 
LEU CA  HA   sing N N 178 
LEU C   O    doub N N 179 
LEU C   OXT  sing N N 180 
LEU CB  CG   sing N N 181 
LEU CB  HB2  sing N N 182 
LEU CB  HB3  sing N N 183 
LEU CG  CD1  sing N N 184 
LEU CG  CD2  sing N N 185 
LEU CG  HG   sing N N 186 
LEU CD1 HD11 sing N N 187 
LEU CD1 HD12 sing N N 188 
LEU CD1 HD13 sing N N 189 
LEU CD2 HD21 sing N N 190 
LEU CD2 HD22 sing N N 191 
LEU CD2 HD23 sing N N 192 
LEU OXT HXT  sing N N 193 
LYS N   CA   sing N N 194 
LYS N   H    sing N N 195 
LYS N   H2   sing N N 196 
LYS CA  C    sing N N 197 
LYS CA  CB   sing N N 198 
LYS CA  HA   sing N N 199 
LYS C   O    doub N N 200 
LYS C   OXT  sing N N 201 
LYS CB  CG   sing N N 202 
LYS CB  HB2  sing N N 203 
LYS CB  HB3  sing N N 204 
LYS CG  CD   sing N N 205 
LYS CG  HG2  sing N N 206 
LYS CG  HG3  sing N N 207 
LYS CD  CE   sing N N 208 
LYS CD  HD2  sing N N 209 
LYS CD  HD3  sing N N 210 
LYS CE  NZ   sing N N 211 
LYS CE  HE2  sing N N 212 
LYS CE  HE3  sing N N 213 
LYS NZ  HZ1  sing N N 214 
LYS NZ  HZ2  sing N N 215 
LYS NZ  HZ3  sing N N 216 
LYS OXT HXT  sing N N 217 
MET N   CA   sing N N 218 
MET N   H    sing N N 219 
MET N   H2   sing N N 220 
MET CA  C    sing N N 221 
MET CA  CB   sing N N 222 
MET CA  HA   sing N N 223 
MET C   O    doub N N 224 
MET C   OXT  sing N N 225 
MET CB  CG   sing N N 226 
MET CB  HB2  sing N N 227 
MET CB  HB3  sing N N 228 
MET CG  SD   sing N N 229 
MET CG  HG2  sing N N 230 
MET CG  HG3  sing N N 231 
MET SD  CE   sing N N 232 
MET CE  HE1  sing N N 233 
MET CE  HE2  sing N N 234 
MET CE  HE3  sing N N 235 
MET OXT HXT  sing N N 236 
MSE N   CA   sing N N 237 
MSE N   H    sing N N 238 
MSE N   H2   sing N N 239 
MSE CA  C    sing N N 240 
MSE CA  CB   sing N N 241 
MSE CA  HA   sing N N 242 
MSE C   O    doub N N 243 
MSE C   OXT  sing N N 244 
MSE OXT HXT  sing N N 245 
MSE CB  CG   sing N N 246 
MSE CB  HB2  sing N N 247 
MSE CB  HB3  sing N N 248 
MSE CG  SE   sing N N 249 
MSE CG  HG2  sing N N 250 
MSE CG  HG3  sing N N 251 
MSE SE  CE   sing N N 252 
MSE CE  HE1  sing N N 253 
MSE CE  HE2  sing N N 254 
MSE CE  HE3  sing N N 255 
PHE N   CA   sing N N 256 
PHE N   H    sing N N 257 
PHE N   H2   sing N N 258 
PHE CA  C    sing N N 259 
PHE CA  CB   sing N N 260 
PHE CA  HA   sing N N 261 
PHE C   O    doub N N 262 
PHE C   OXT  sing N N 263 
PHE CB  CG   sing N N 264 
PHE CB  HB2  sing N N 265 
PHE CB  HB3  sing N N 266 
PHE CG  CD1  doub Y N 267 
PHE CG  CD2  sing Y N 268 
PHE CD1 CE1  sing Y N 269 
PHE CD1 HD1  sing N N 270 
PHE CD2 CE2  doub Y N 271 
PHE CD2 HD2  sing N N 272 
PHE CE1 CZ   doub Y N 273 
PHE CE1 HE1  sing N N 274 
PHE CE2 CZ   sing Y N 275 
PHE CE2 HE2  sing N N 276 
PHE CZ  HZ   sing N N 277 
PHE OXT HXT  sing N N 278 
PRO N   CA   sing N N 279 
PRO N   CD   sing N N 280 
PRO N   H    sing N N 281 
PRO CA  C    sing N N 282 
PRO CA  CB   sing N N 283 
PRO CA  HA   sing N N 284 
PRO C   O    doub N N 285 
PRO C   OXT  sing N N 286 
PRO CB  CG   sing N N 287 
PRO CB  HB2  sing N N 288 
PRO CB  HB3  sing N N 289 
PRO CG  CD   sing N N 290 
PRO CG  HG2  sing N N 291 
PRO CG  HG3  sing N N 292 
PRO CD  HD2  sing N N 293 
PRO CD  HD3  sing N N 294 
PRO OXT HXT  sing N N 295 
SER N   CA   sing N N 296 
SER N   H    sing N N 297 
SER N   H2   sing N N 298 
SER CA  C    sing N N 299 
SER CA  CB   sing N N 300 
SER CA  HA   sing N N 301 
SER C   O    doub N N 302 
SER C   OXT  sing N N 303 
SER CB  OG   sing N N 304 
SER CB  HB2  sing N N 305 
SER CB  HB3  sing N N 306 
SER OG  HG   sing N N 307 
SER OXT HXT  sing N N 308 
THR N   CA   sing N N 309 
THR N   H    sing N N 310 
THR N   H2   sing N N 311 
THR CA  C    sing N N 312 
THR CA  CB   sing N N 313 
THR CA  HA   sing N N 314 
THR C   O    doub N N 315 
THR C   OXT  sing N N 316 
THR CB  OG1  sing N N 317 
THR CB  CG2  sing N N 318 
THR CB  HB   sing N N 319 
THR OG1 HG1  sing N N 320 
THR CG2 HG21 sing N N 321 
THR CG2 HG22 sing N N 322 
THR CG2 HG23 sing N N 323 
THR OXT HXT  sing N N 324 
TRP N   CA   sing N N 325 
TRP N   H    sing N N 326 
TRP N   H2   sing N N 327 
TRP CA  C    sing N N 328 
TRP CA  CB   sing N N 329 
TRP CA  HA   sing N N 330 
TRP C   O    doub N N 331 
TRP C   OXT  sing N N 332 
TRP CB  CG   sing N N 333 
TRP CB  HB2  sing N N 334 
TRP CB  HB3  sing N N 335 
TRP CG  CD1  doub Y N 336 
TRP CG  CD2  sing Y N 337 
TRP CD1 NE1  sing Y N 338 
TRP CD1 HD1  sing N N 339 
TRP CD2 CE2  doub Y N 340 
TRP CD2 CE3  sing Y N 341 
TRP NE1 CE2  sing Y N 342 
TRP NE1 HE1  sing N N 343 
TRP CE2 CZ2  sing Y N 344 
TRP CE3 CZ3  doub Y N 345 
TRP CE3 HE3  sing N N 346 
TRP CZ2 CH2  doub Y N 347 
TRP CZ2 HZ2  sing N N 348 
TRP CZ3 CH2  sing Y N 349 
TRP CZ3 HZ3  sing N N 350 
TRP CH2 HH2  sing N N 351 
TRP OXT HXT  sing N N 352 
TYR N   CA   sing N N 353 
TYR N   H    sing N N 354 
TYR N   H2   sing N N 355 
TYR CA  C    sing N N 356 
TYR CA  CB   sing N N 357 
TYR CA  HA   sing N N 358 
TYR C   O    doub N N 359 
TYR C   OXT  sing N N 360 
TYR CB  CG   sing N N 361 
TYR CB  HB2  sing N N 362 
TYR CB  HB3  sing N N 363 
TYR CG  CD1  doub Y N 364 
TYR CG  CD2  sing Y N 365 
TYR CD1 CE1  sing Y N 366 
TYR CD1 HD1  sing N N 367 
TYR CD2 CE2  doub Y N 368 
TYR CD2 HD2  sing N N 369 
TYR CE1 CZ   doub Y N 370 
TYR CE1 HE1  sing N N 371 
TYR CE2 CZ   sing Y N 372 
TYR CE2 HE2  sing N N 373 
TYR CZ  OH   sing N N 374 
TYR OH  HH   sing N N 375 
TYR OXT HXT  sing N N 376 
VAL N   CA   sing N N 377 
VAL N   H    sing N N 378 
VAL N   H2   sing N N 379 
VAL CA  C    sing N N 380 
VAL CA  CB   sing N N 381 
VAL CA  HA   sing N N 382 
VAL C   O    doub N N 383 
VAL C   OXT  sing N N 384 
VAL CB  CG1  sing N N 385 
VAL CB  CG2  sing N N 386 
VAL CB  HB   sing N N 387 
VAL CG1 HG11 sing N N 388 
VAL CG1 HG12 sing N N 389 
VAL CG1 HG13 sing N N 390 
VAL CG2 HG21 sing N N 391 
VAL CG2 HG22 sing N N 392 
VAL CG2 HG23 sing N N 393 
VAL OXT HXT  sing N N 394 
# 
_atom_sites.entry_id                    2D8N 
_atom_sites.fract_transf_matrix[1][1]   0.00745667 
_atom_sites.fract_transf_matrix[1][2]   -0.00632520 
_atom_sites.fract_transf_matrix[1][3]   0.00653357 
_atom_sites.fract_transf_matrix[2][1]   0.00904114 
_atom_sites.fract_transf_matrix[2][2]   0.00606381 
_atom_sites.fract_transf_matrix[2][3]   -0.00444811 
_atom_sites.fract_transf_matrix[3][1]   -0.00126400 
_atom_sites.fract_transf_matrix[3][2]   0.01015313 
_atom_sites.fract_transf_matrix[3][3]   0.01127191 
_atom_sites.fract_transf_vector[1]      -0.118831 
_atom_sites.fract_transf_vector[2]      0.220373 
_atom_sites.fract_transf_vector[3]      0.377194 
# 
loop_
_atom_type.symbol 
C  
N  
O  
S  
SE 
# 
loop_
_atom_site.group_PDB 
_atom_site.id 
_atom_site.type_symbol 
_atom_site.label_atom_id 
_atom_site.label_alt_id 
_atom_site.label_comp_id 
_atom_site.label_asym_id 
_atom_site.label_entity_id 
_atom_site.label_seq_id 
_atom_site.pdbx_PDB_ins_code 
_atom_site.Cartn_x 
_atom_site.Cartn_y 
_atom_site.Cartn_z 
_atom_site.occupancy 
_atom_site.B_iso_or_equiv 
_atom_site.pdbx_formal_charge 
_atom_site.auth_seq_id 
_atom_site.auth_comp_id 
_atom_site.auth_asym_id 
_atom_site.auth_atom_id 
_atom_site.pdbx_PDB_model_num 
HETATM 1    N  N   . MSE A 1 8   ? -21.527 -14.806 -28.862 1.00 105.05 ? 1   MSE A N   1 
HETATM 2    C  CA  . MSE A 1 8   ? -20.285 -14.998 -29.667 1.00 105.76 ? 1   MSE A CA  1 
HETATM 3    C  C   . MSE A 1 8   ? -19.129 -15.375 -28.750 1.00 105.11 ? 1   MSE A C   1 
HETATM 4    O  O   . MSE A 1 8   ? -18.087 -14.716 -28.732 1.00 104.48 ? 1   MSE A O   1 
HETATM 5    C  CB  . MSE A 1 8   ? -19.947 -13.717 -30.405 1.00 106.29 ? 1   MSE A CB  1 
HETATM 6    C  CG  . MSE A 1 8   ? -19.677 -12.567 -29.467 1.00 109.05 ? 1   MSE A CG  1 
HETATM 7    SE SE  . MSE A 1 8   ? -20.093 -10.889 -30.294 1.00 112.07 ? 1   MSE A SE  1 
HETATM 8    C  CE  . MSE A 1 8   ? -21.597 -10.341 -29.171 1.00 109.49 ? 1   MSE A CE  1 
ATOM   9    N  N   . GLY A 1 9   ? -19.340 -16.439 -27.979 1.00 104.88 ? 2   GLY A N   1 
ATOM   10   C  CA  . GLY A 1 9   ? -18.328 -16.915 -27.060 1.00 102.87 ? 2   GLY A CA  1 
ATOM   11   C  C   . GLY A 1 9   ? -17.140 -17.402 -27.849 1.00 101.96 ? 2   GLY A C   1 
ATOM   12   O  O   . GLY A 1 9   ? -17.278 -17.721 -29.037 1.00 101.97 ? 2   GLY A O   1 
ATOM   13   N  N   . ASN A 1 10  ? -15.991 -17.466 -27.175 1.00 100.64 ? 3   ASN A N   1 
ATOM   14   C  CA  . ASN A 1 10  ? -14.705 -17.894 -27.749 1.00 99.19  ? 3   ASN A CA  1 
ATOM   15   C  C   . ASN A 1 10  ? -13.925 -16.608 -28.055 1.00 97.28  ? 3   ASN A C   1 
ATOM   16   O  O   . ASN A 1 10  ? -12.764 -16.633 -28.474 1.00 97.43  ? 3   ASN A O   1 
ATOM   17   C  CB  . ASN A 1 10  ? -14.913 -18.724 -29.035 1.00 99.06  ? 3   ASN A CB  1 
ATOM   18   C  CG  . ASN A 1 10  ? -13.824 -19.760 -29.247 1.00 99.02  ? 3   ASN A CG  1 
ATOM   19   O  OD1 . ASN A 1 10  ? -12.730 -19.449 -29.716 1.00 100.16 ? 3   ASN A OD1 1 
ATOM   20   N  ND2 . ASN A 1 10  ? -14.117 -20.997 -28.885 1.00 98.51  ? 3   ASN A ND2 1 
ATOM   21   N  N   . SER A 1 11  ? -14.582 -15.483 -27.783 1.00 95.12  ? 4   SER A N   1 
ATOM   22   C  CA  . SER A 1 11  ? -14.035 -14.163 -28.048 1.00 91.37  ? 4   SER A CA  1 
ATOM   23   C  C   . SER A 1 11  ? -14.587 -13.102 -27.110 1.00 88.37  ? 4   SER A C   1 
ATOM   24   O  O   . SER A 1 11  ? -15.719 -12.635 -27.305 1.00 89.49  ? 4   SER A O   1 
ATOM   25   C  CB  . SER A 1 11  ? -14.396 -13.759 -29.477 1.00 93.67  ? 4   SER A CB  1 
ATOM   26   O  OG  . SER A 1 11  ? -15.812 -13.807 -29.678 1.00 92.98  ? 4   SER A OG  1 
ATOM   27   N  N   . LYS A 1 12  ? -13.819 -12.710 -26.098 1.00 82.33  ? 5   LYS A N   1 
ATOM   28   C  CA  . LYS A 1 12  ? -14.311 -11.661 -25.222 1.00 75.15  ? 5   LYS A CA  1 
ATOM   29   C  C   . LYS A 1 12  ? -13.286 -10.610 -24.825 1.00 70.11  ? 5   LYS A C   1 
ATOM   30   O  O   . LYS A 1 12  ? -12.284 -10.829 -24.125 1.00 66.55  ? 5   LYS A O   1 
ATOM   31   C  CB  . LYS A 1 12  ? -15.016 -12.226 -23.978 1.00 76.15  ? 5   LYS A CB  1 
ATOM   32   C  CG  . LYS A 1 12  ? -16.538 -12.302 -24.105 1.00 76.58  ? 5   LYS A CG  1 
ATOM   33   C  CD  . LYS A 1 12  ? -17.190 -10.946 -24.371 1.00 76.03  ? 5   LYS A CD  1 
ATOM   34   C  CE  . LYS A 1 12  ? -18.698 -11.148 -24.554 1.00 76.62  ? 5   LYS A CE  1 
ATOM   35   N  NZ  . LYS A 1 12  ? -18.968 -12.337 -25.427 1.00 75.40  ? 5   LYS A NZ  1 
ATOM   36   N  N   . SER A 1 13  ? -13.588 -9.431  -25.317 1.00 64.15  ? 6   SER A N   1 
ATOM   37   C  CA  . SER A 1 13  ? -12.801 -8.273  -25.061 1.00 59.01  ? 6   SER A CA  1 
ATOM   38   C  C   . SER A 1 13  ? -13.073 -7.991  -23.572 1.00 57.60  ? 6   SER A C   1 
ATOM   39   O  O   . SER A 1 13  ? -12.247 -7.404  -22.874 1.00 57.67  ? 6   SER A O   1 
ATOM   40   C  CB  . SER A 1 13  ? -13.290 -7.186  -26.027 1.00 55.72  ? 6   SER A CB  1 
ATOM   41   O  OG  . SER A 1 13  ? -13.687 -7.799  -27.266 1.00 39.36  ? 6   SER A OG  1 
ATOM   42   N  N   . GLY A 1 14  ? -14.207 -8.480  -23.073 1.00 56.82  ? 7   GLY A N   1 
ATOM   43   C  CA  . GLY A 1 14  ? -14.552 -8.258  -21.676 1.00 57.21  ? 7   GLY A CA  1 
ATOM   44   C  C   . GLY A 1 14  ? -14.260 -9.417  -20.742 1.00 57.18  ? 7   GLY A C   1 
ATOM   45   O  O   . GLY A 1 14  ? -14.694 -9.432  -19.602 1.00 57.56  ? 7   GLY A O   1 
ATOM   46   N  N   . ALA A 1 15  ? -13.508 -10.395 -21.225 1.00 58.92  ? 8   ALA A N   1 
ATOM   47   C  CA  . ALA A 1 15  ? -13.191 -11.570 -20.431 1.00 58.81  ? 8   ALA A CA  1 
ATOM   48   C  C   . ALA A 1 15  ? -11.998 -11.308 -19.532 1.00 60.05  ? 8   ALA A C   1 
ATOM   49   O  O   . ALA A 1 15  ? -11.048 -10.613 -19.917 1.00 59.58  ? 8   ALA A O   1 
ATOM   50   C  CB  . ALA A 1 15  ? -12.901 -12.734 -21.342 1.00 57.39  ? 8   ALA A CB  1 
ATOM   51   N  N   . LEU A 1 16  ? -12.029 -11.877 -18.336 1.00 60.72  ? 9   LEU A N   1 
ATOM   52   C  CA  . LEU A 1 16  ? -10.932 -11.656 -17.435 1.00 61.21  ? 9   LEU A CA  1 
ATOM   53   C  C   . LEU A 1 16  ? -9.648  -12.377 -17.794 1.00 60.95  ? 9   LEU A C   1 
ATOM   54   O  O   . LEU A 1 16  ? -8.714  -11.744 -18.307 1.00 62.55  ? 9   LEU A O   1 
ATOM   55   C  CB  . LEU A 1 16  ? -11.328 -11.984 -15.997 1.00 61.21  ? 9   LEU A CB  1 
ATOM   56   C  CG  . LEU A 1 16  ? -10.511 -11.133 -15.005 1.00 59.49  ? 9   LEU A CG  1 
ATOM   57   C  CD1 . LEU A 1 16  ? -9.950  -9.898  -15.690 1.00 56.82  ? 9   LEU A CD1 1 
ATOM   58   C  CD2 . LEU A 1 16  ? -11.400 -10.720 -13.843 1.00 58.93  ? 9   LEU A CD2 1 
ATOM   59   N  N   . SER A 1 17  ? -9.597  -13.677 -17.530 1.00 58.86  ? 10  SER A N   1 
ATOM   60   C  CA  . SER A 1 17  ? -8.403  -14.504 -17.784 1.00 60.95  ? 10  SER A CA  1 
ATOM   61   C  C   . SER A 1 17  ? -8.324  -15.475 -16.637 1.00 62.04  ? 10  SER A C   1 
ATOM   62   O  O   . SER A 1 17  ? -8.690  -15.147 -15.514 1.00 62.74  ? 10  SER A O   1 
ATOM   63   C  CB  . SER A 1 17  ? -7.113  -13.693 -17.808 1.00 62.30  ? 10  SER A CB  1 
ATOM   64   O  OG  . SER A 1 17  ? -5.987  -14.514 -17.501 1.00 64.61  ? 10  SER A OG  1 
ATOM   65   N  N   . LYS A 1 18  ? -7.839  -16.674 -16.886 1.00 62.72  ? 11  LYS A N   1 
ATOM   66   C  CA  . LYS A 1 18  ? -7.840  -17.615 -15.802 1.00 64.09  ? 11  LYS A CA  1 
ATOM   67   C  C   . LYS A 1 18  ? -6.630  -17.482 -14.924 1.00 63.11  ? 11  LYS A C   1 
ATOM   68   O  O   . LYS A 1 18  ? -6.671  -17.862 -13.761 1.00 65.67  ? 11  LYS A O   1 
ATOM   69   C  CB  . LYS A 1 18  ? -8.011  -19.038 -16.337 1.00 66.85  ? 11  LYS A CB  1 
ATOM   70   C  CG  . LYS A 1 18  ? -9.077  -19.144 -17.459 1.00 70.63  ? 11  LYS A CG  1 
ATOM   71   C  CD  . LYS A 1 18  ? -10.121 -18.005 -17.451 1.00 71.10  ? 11  LYS A CD  1 
ATOM   72   C  CE  . LYS A 1 18  ? -10.723 -17.826 -18.841 1.00 73.19  ? 11  LYS A CE  1 
ATOM   73   N  NZ  . LYS A 1 18  ? -11.476 -16.529 -19.035 1.00 74.86  ? 11  LYS A NZ  1 
ATOM   74   N  N   . GLU A 1 19  ? -5.553  -16.921 -15.450 1.00 62.27  ? 12  GLU A N   1 
ATOM   75   C  CA  . GLU A 1 19  ? -4.371  -16.747 -14.621 1.00 60.99  ? 12  GLU A CA  1 
ATOM   76   C  C   . GLU A 1 19  ? -4.626  -15.616 -13.605 1.00 57.49  ? 12  GLU A C   1 
ATOM   77   O  O   . GLU A 1 19  ? -4.366  -15.761 -12.409 1.00 55.62  ? 12  GLU A O   1 
ATOM   78   C  CB  . GLU A 1 19  ? -3.170  -16.400 -15.478 1.00 65.96  ? 12  GLU A CB  1 
ATOM   79   C  CG  . GLU A 1 19  ? -1.920  -16.174 -14.649 1.00 74.41  ? 12  GLU A CG  1 
ATOM   80   C  CD  . GLU A 1 19  ? -0.663  -15.963 -15.504 1.00 80.00  ? 12  GLU A CD  1 
ATOM   81   O  OE1 . GLU A 1 19  ? -0.612  -14.954 -16.275 1.00 81.53  ? 12  GLU A OE1 1 
ATOM   82   O  OE2 . GLU A 1 19  ? 0.271   -16.808 -15.396 1.00 79.83  ? 12  GLU A OE2 1 
ATOM   83   N  N   . ILE A 1 20  ? -5.150  -14.501 -14.110 1.00 52.71  ? 13  ILE A N   1 
ATOM   84   C  CA  . ILE A 1 20  ? -5.471  -13.312 -13.319 1.00 48.44  ? 13  ILE A CA  1 
ATOM   85   C  C   . ILE A 1 20  ? -6.540  -13.646 -12.300 1.00 44.76  ? 13  ILE A C   1 
ATOM   86   O  O   . ILE A 1 20  ? -6.406  -13.365 -11.132 1.00 37.92  ? 13  ILE A O   1 
ATOM   87   C  CB  . ILE A 1 20  ? -6.000  -12.193 -14.210 1.00 46.29  ? 13  ILE A CB  1 
ATOM   88   C  CG1 . ILE A 1 20  ? -4.862  -11.639 -15.073 1.00 47.18  ? 13  ILE A CG1 1 
ATOM   89   C  CG2 . ILE A 1 20  ? -6.635  -11.136 -13.351 1.00 44.96  ? 13  ILE A CG2 1 
ATOM   90   C  CD1 . ILE A 1 20  ? -5.277  -11.185 -16.486 1.00 50.55  ? 13  ILE A CD1 1 
ATOM   91   N  N   . LEU A 1 21  ? -7.599  -14.278 -12.772 1.00 44.70  ? 14  LEU A N   1 
ATOM   92   C  CA  . LEU A 1 21  ? -8.696  -14.672 -11.919 1.00 48.47  ? 14  LEU A CA  1 
ATOM   93   C  C   . LEU A 1 21  ? -8.169  -15.523 -10.746 1.00 50.18  ? 14  LEU A C   1 
ATOM   94   O  O   . LEU A 1 21  ? -8.655  -15.451 -9.630  1.00 50.09  ? 14  LEU A O   1 
ATOM   95   C  CB  . LEU A 1 21  ? -9.674  -15.463 -12.768 1.00 47.25  ? 14  LEU A CB  1 
ATOM   96   C  CG  . LEU A 1 21  ? -11.152 -15.408 -12.433 1.00 49.80  ? 14  LEU A CG  1 
ATOM   97   C  CD1 . LEU A 1 21  ? -11.612 -13.989 -12.106 1.00 48.65  ? 14  LEU A CD1 1 
ATOM   98   C  CD2 . LEU A 1 21  ? -11.896 -15.953 -13.638 1.00 49.50  ? 14  LEU A CD2 1 
ATOM   99   N  N   . GLU A 1 22  ? -7.132  -16.297 -11.010 1.00 51.21  ? 15  GLU A N   1 
ATOM   100  C  CA  . GLU A 1 22  ? -6.588  -17.195 -10.001 1.00 54.70  ? 15  GLU A CA  1 
ATOM   101  C  C   . GLU A 1 22  ? -5.726  -16.447 -9.004  1.00 52.57  ? 15  GLU A C   1 
ATOM   102  O  O   . GLU A 1 22  ? -5.865  -16.607 -7.796  1.00 49.15  ? 15  GLU A O   1 
ATOM   103  C  CB  . GLU A 1 22  ? -5.773  -18.287 -10.706 1.00 59.21  ? 15  GLU A CB  1 
ATOM   104  C  CG  . GLU A 1 22  ? -5.731  -19.616 -9.988  1.00 66.36  ? 15  GLU A CG  1 
ATOM   105  C  CD  . GLU A 1 22  ? -4.305  -20.169 -9.900  1.00 71.51  ? 15  GLU A CD  1 
ATOM   106  O  OE1 . GLU A 1 22  ? -3.486  -19.608 -9.122  1.00 73.22  ? 15  GLU A OE1 1 
ATOM   107  O  OE2 . GLU A 1 22  ? -3.993  -21.157 -10.617 1.00 73.83  ? 15  GLU A OE2 1 
ATOM   108  N  N   . GLU A 1 23  ? -4.815  -15.640 -9.528  1.00 50.86  ? 16  GLU A N   1 
ATOM   109  C  CA  . GLU A 1 23  ? -3.958  -14.836 -8.693  1.00 50.58  ? 16  GLU A CA  1 
ATOM   110  C  C   . GLU A 1 23  ? -4.858  -14.024 -7.730  1.00 48.97  ? 16  GLU A C   1 
ATOM   111  O  O   . GLU A 1 23  ? -4.607  -13.958 -6.521  1.00 46.04  ? 16  GLU A O   1 
ATOM   112  C  CB  . GLU A 1 23  ? -3.127  -13.906 -9.583  1.00 55.02  ? 16  GLU A CB  1 
ATOM   113  C  CG  . GLU A 1 23  ? -1.868  -13.376 -8.935  1.00 63.25  ? 16  GLU A CG  1 
ATOM   114  C  CD  . GLU A 1 23  ? -0.839  -12.927 -9.971  1.00 70.42  ? 16  GLU A CD  1 
ATOM   115  O  OE1 . GLU A 1 23  ? -0.542  -13.730 -10.905 1.00 73.98  ? 16  GLU A OE1 1 
ATOM   116  O  OE2 . GLU A 1 23  ? -0.325  -11.782 -9.853  1.00 70.75  ? 16  GLU A OE2 1 
ATOM   117  N  N   . LEU A 1 24  ? -5.920  -13.435 -8.277  1.00 45.92  ? 17  LEU A N   1 
ATOM   118  C  CA  . LEU A 1 24  ? -6.843  -12.633 -7.484  1.00 46.00  ? 17  LEU A CA  1 
ATOM   119  C  C   . LEU A 1 24  ? -7.618  -13.439 -6.452  1.00 47.32  ? 17  LEU A C   1 
ATOM   120  O  O   . LEU A 1 24  ? -7.828  -12.962 -5.326  1.00 49.42  ? 17  LEU A O   1 
ATOM   121  C  CB  . LEU A 1 24  ? -7.825  -11.864 -8.381  1.00 39.49  ? 17  LEU A CB  1 
ATOM   122  C  CG  . LEU A 1 24  ? -7.218  -10.710 -9.186  1.00 36.29  ? 17  LEU A CG  1 
ATOM   123  C  CD1 . LEU A 1 24  ? -8.268  -10.085 -10.079 1.00 29.08  ? 17  LEU A CD1 1 
ATOM   124  C  CD2 . LEU A 1 24  ? -6.696  -9.659  -8.205  1.00 36.53  ? 17  LEU A CD2 1 
ATOM   125  N  N   . GLN A 1 25  ? -8.041  -14.645 -6.801  1.00 48.23  ? 18  GLN A N   1 
ATOM   126  C  CA  . GLN A 1 25  ? -8.789  -15.438 -5.829  1.00 53.87  ? 18  GLN A CA  1 
ATOM   127  C  C   . GLN A 1 25  ? -7.912  -15.868 -4.673  1.00 55.02  ? 18  GLN A C   1 
ATOM   128  O  O   . GLN A 1 25  ? -8.383  -16.089 -3.561  1.00 55.18  ? 18  GLN A O   1 
ATOM   129  C  CB  . GLN A 1 25  ? -9.397  -16.642 -6.509  1.00 55.96  ? 18  GLN A CB  1 
ATOM   130  C  CG  . GLN A 1 25  ? -10.817 -16.418 -6.998  1.00 59.13  ? 18  GLN A CG  1 
ATOM   131  C  CD  . GLN A 1 25  ? -11.282 -17.566 -7.861  1.00 60.67  ? 18  GLN A CD  1 
ATOM   132  O  OE1 . GLN A 1 25  ? -12.368 -17.538 -8.425  1.00 62.87  ? 18  GLN A OE1 1 
ATOM   133  N  NE2 . GLN A 1 25  ? -10.444 -18.588 -7.976  1.00 62.65  ? 18  GLN A NE2 1 
ATOM   134  N  N   . LEU A 1 26  ? -6.615  -15.933 -4.947  1.00 58.10  ? 19  LEU A N   1 
ATOM   135  C  CA  . LEU A 1 26  ? -5.632  -16.329 -3.965  1.00 61.27  ? 19  LEU A CA  1 
ATOM   136  C  C   . LEU A 1 26  ? -5.383  -15.244 -2.944  1.00 62.73  ? 19  LEU A C   1 
ATOM   137  O  O   . LEU A 1 26  ? -5.408  -15.503 -1.734  1.00 64.50  ? 19  LEU A O   1 
ATOM   138  C  CB  . LEU A 1 26  ? -4.317  -16.686 -4.647  1.00 64.23  ? 19  LEU A CB  1 
ATOM   139  C  CG  . LEU A 1 26  ? -4.009  -18.186 -4.533  1.00 68.89  ? 19  LEU A CG  1 
ATOM   140  C  CD1 . LEU A 1 26  ? -4.796  -18.959 -5.601  1.00 69.23  ? 19  LEU A CD1 1 
ATOM   141  C  CD2 . LEU A 1 26  ? -2.497  -18.423 -4.677  1.00 68.76  ? 19  LEU A CD2 1 
ATOM   142  N  N   . ASN A 1 27  ? -5.153  -14.026 -3.436  1.00 61.96  ? 20  ASN A N   1 
ATOM   143  C  CA  . ASN A 1 27  ? -4.878  -12.870 -2.592  1.00 58.54  ? 20  ASN A CA  1 
ATOM   144  C  C   . ASN A 1 27  ? -6.080  -12.098 -2.077  1.00 55.10  ? 20  ASN A C   1 
ATOM   145  O  O   . ASN A 1 27  ? -5.902  -11.053 -1.465  1.00 52.12  ? 20  ASN A O   1 
ATOM   146  C  CB  . ASN A 1 27  ? -3.973  -11.894 -3.341  1.00 62.66  ? 20  ASN A CB  1 
ATOM   147  C  CG  . ASN A 1 27  ? -2.519  -12.320 -3.336  1.00 66.35  ? 20  ASN A CG  1 
ATOM   148  O  OD1 . ASN A 1 27  ? -2.188  -13.489 -3.576  1.00 67.11  ? 20  ASN A OD1 1 
ATOM   149  N  ND2 . ASN A 1 27  ? -1.637  -11.367 -3.077  1.00 68.18  ? 20  ASN A ND2 1 
ATOM   150  N  N   . THR A 1 28  ? -7.296  -12.569 -2.322  1.00 50.60  ? 21  THR A N   1 
ATOM   151  C  CA  . THR A 1 28  ? -8.435  -11.804 -1.837  1.00 51.04  ? 21  THR A CA  1 
ATOM   152  C  C   . THR A 1 28  ? -9.514  -12.746 -1.339  1.00 50.95  ? 21  THR A C   1 
ATOM   153  O  O   . THR A 1 28  ? -9.318  -13.935 -1.370  1.00 54.25  ? 21  THR A O   1 
ATOM   154  C  CB  . THR A 1 28  ? -9.020  -10.844 -2.961  1.00 49.12  ? 21  THR A CB  1 
ATOM   155  O  OG1 . THR A 1 28  ? -9.689  -11.602 -3.989  1.00 47.12  ? 21  THR A OG1 1 
ATOM   156  C  CG2 . THR A 1 28  ? -7.891  -10.009 -3.602  1.00 45.97  ? 21  THR A CG2 1 
ATOM   157  N  N   . LYS A 1 29  ? -10.639 -12.209 -0.885  1.00 50.91  ? 22  LYS A N   1 
ATOM   158  C  CA  . LYS A 1 29  ? -11.755 -13.007 -0.392  1.00 51.89  ? 22  LYS A CA  1 
ATOM   159  C  C   . LYS A 1 29  ? -12.894 -12.939 -1.395  1.00 51.65  ? 22  LYS A C   1 
ATOM   160  O  O   . LYS A 1 29  ? -14.047 -13.301 -1.075  1.00 53.12  ? 22  LYS A O   1 
ATOM   161  C  CB  . LYS A 1 29  ? -12.285 -12.447 0.924   1.00 51.72  ? 22  LYS A CB  1 
ATOM   162  C  CG  . LYS A 1 29  ? -11.215 -12.157 1.933   1.00 57.83  ? 22  LYS A CG  1 
ATOM   163  C  CD  . LYS A 1 29  ? -10.584 -13.412 2.500   1.00 60.21  ? 22  LYS A CD  1 
ATOM   164  C  CE  . LYS A 1 29  ? -9.603  -12.998 3.591   1.00 63.89  ? 22  LYS A CE  1 
ATOM   165  N  NZ  . LYS A 1 29  ? -10.195 -11.939 4.460   1.00 63.57  ? 22  LYS A NZ  1 
ATOM   166  N  N   . PHE A 1 30  ? -12.581 -12.451 -2.590  1.00 48.15  ? 23  PHE A N   1 
ATOM   167  C  CA  . PHE A 1 30  ? -13.591 -12.316 -3.632  1.00 46.42  ? 23  PHE A CA  1 
ATOM   168  C  C   . PHE A 1 30  ? -13.776 -13.585 -4.452  1.00 46.81  ? 23  PHE A C   1 
ATOM   169  O  O   . PHE A 1 30  ? -12.797 -14.312 -4.730  1.00 45.24  ? 23  PHE A O   1 
ATOM   170  C  CB  . PHE A 1 30  ? -13.227 -11.152 -4.557  1.00 42.70  ? 23  PHE A CB  1 
ATOM   171  C  CG  . PHE A 1 30  ? -13.514 -9.800  -3.975  1.00 40.48  ? 23  PHE A CG  1 
ATOM   172  C  CD1 . PHE A 1 30  ? -14.804 -9.248  -4.068  1.00 38.47  ? 23  PHE A CD1 1 
ATOM   173  C  CD2 . PHE A 1 30  ? -12.508 -9.063  -3.349  1.00 37.43  ? 23  PHE A CD2 1 
ATOM   174  C  CE1 . PHE A 1 30  ? -15.080 -7.979  -3.550  1.00 40.75  ? 23  PHE A CE1 1 
ATOM   175  C  CE2 . PHE A 1 30  ? -12.775 -7.784  -2.821  1.00 37.00  ? 23  PHE A CE2 1 
ATOM   176  C  CZ  . PHE A 1 30  ? -14.064 -7.233  -2.921  1.00 38.00  ? 23  PHE A CZ  1 
ATOM   177  N  N   . SER A 1 31  ? -15.026 -13.860 -4.816  1.00 44.47  ? 24  SER A N   1 
ATOM   178  C  CA  . SER A 1 31  ? -15.306 -15.040 -5.592  1.00 48.50  ? 24  SER A CA  1 
ATOM   179  C  C   . SER A 1 31  ? -15.064 -14.709 -7.052  1.00 51.09  ? 24  SER A C   1 
ATOM   180  O  O   . SER A 1 31  ? -14.940 -13.528 -7.414  1.00 51.56  ? 24  SER A O   1 
ATOM   181  C  CB  . SER A 1 31  ? -16.740 -15.515 -5.379  1.00 48.04  ? 24  SER A CB  1 
ATOM   182  O  OG  . SER A 1 31  ? -17.700 -14.539 -5.738  1.00 49.30  ? 24  SER A OG  1 
ATOM   183  N  N   . GLU A 1 32  ? -14.974 -15.748 -7.882  1.00 51.25  ? 25  GLU A N   1 
ATOM   184  C  CA  . GLU A 1 32  ? -14.750 -15.575 -9.316  1.00 52.19  ? 25  GLU A CA  1 
ATOM   185  C  C   . GLU A 1 32  ? -15.856 -14.743 -9.922  1.00 51.12  ? 25  GLU A C   1 
ATOM   186  O  O   . GLU A 1 32  ? -15.614 -13.898 -10.780 1.00 51.67  ? 25  GLU A O   1 
ATOM   187  C  CB  . GLU A 1 32  ? -14.692 -16.928 -10.054 1.00 53.94  ? 25  GLU A CB  1 
ATOM   188  C  CG  . GLU A 1 32  ? -14.930 -16.799 -11.579 1.00 58.39  ? 25  GLU A CG  1 
ATOM   189  C  CD  . GLU A 1 32  ? -14.747 -18.107 -12.357 1.00 62.68  ? 25  GLU A CD  1 
ATOM   190  O  OE1 . GLU A 1 32  ? -15.180 -19.177 -11.859 1.00 65.49  ? 25  GLU A OE1 1 
ATOM   191  O  OE2 . GLU A 1 32  ? -14.185 -18.064 -13.481 1.00 63.74  ? 25  GLU A OE2 1 
ATOM   192  N  N   . GLU A 1 33  ? -17.079 -14.994 -9.476  1.00 49.77  ? 26  GLU A N   1 
ATOM   193  C  CA  . GLU A 1 33  ? -18.224 -14.287 -9.994  1.00 49.24  ? 26  GLU A CA  1 
ATOM   194  C  C   . GLU A 1 33  ? -18.148 -12.832 -9.549  1.00 46.02  ? 26  GLU A C   1 
ATOM   195  O  O   . GLU A 1 33  ? -18.528 -11.928 -10.289 1.00 46.26  ? 26  GLU A O   1 
ATOM   196  C  CB  . GLU A 1 33  ? -19.478 -14.953 -9.447  1.00 54.94  ? 26  GLU A CB  1 
ATOM   197  C  CG  . GLU A 1 33  ? -20.767 -14.622 -10.187 1.00 63.85  ? 26  GLU A CG  1 
ATOM   198  C  CD  . GLU A 1 33  ? -21.869 -15.663 -9.890  1.00 70.68  ? 26  GLU A CD  1 
ATOM   199  O  OE1 . GLU A 1 33  ? -22.201 -15.847 -8.683  1.00 71.81  ? 26  GLU A OE1 1 
ATOM   200  O  OE2 . GLU A 1 33  ? -22.389 -16.297 -10.863 1.00 73.76  ? 26  GLU A OE2 1 
ATOM   201  N  N   . GLU A 1 34  ? -17.659 -12.598 -8.334  1.00 42.17  ? 27  GLU A N   1 
ATOM   202  C  CA  . GLU A 1 34  ? -17.580 -11.226 -7.831  1.00 40.52  ? 27  GLU A CA  1 
ATOM   203  C  C   . GLU A 1 34  ? -16.538 -10.411 -8.639  1.00 34.73  ? 27  GLU A C   1 
ATOM   204  O  O   . GLU A 1 34  ? -16.778 -9.281  -9.005  1.00 31.38  ? 27  GLU A O   1 
ATOM   205  C  CB  . GLU A 1 34  ? -17.228 -11.222 -6.333  1.00 38.38  ? 27  GLU A CB  1 
ATOM   206  C  CG  . GLU A 1 34  ? -18.391 -11.556 -5.319  1.00 39.63  ? 27  GLU A CG  1 
ATOM   207  C  CD  . GLU A 1 34  ? -17.860 -11.551 -3.880  1.00 41.56  ? 27  GLU A CD  1 
ATOM   208  O  OE1 . GLU A 1 34  ? -17.141 -12.507 -3.508  1.00 40.61  ? 27  GLU A OE1 1 
ATOM   209  O  OE2 . GLU A 1 34  ? -18.099 -10.573 -3.128  1.00 43.25  ? 27  GLU A OE2 1 
ATOM   210  N  N   . LEU A 1 35  ? -15.393 -11.025 -8.902  1.00 32.54  ? 28  LEU A N   1 
ATOM   211  C  CA  . LEU A 1 35  ? -14.323 -10.414 -9.671  1.00 32.50  ? 28  LEU A CA  1 
ATOM   212  C  C   . LEU A 1 35  ? -14.758 -10.105 -11.086 1.00 32.90  ? 28  LEU A C   1 
ATOM   213  O  O   . LEU A 1 35  ? -14.597 -8.969  -11.564 1.00 32.49  ? 28  LEU A O   1 
ATOM   214  C  CB  . LEU A 1 35  ? -13.141 -11.343 -9.694  1.00 33.93  ? 28  LEU A CB  1 
ATOM   215  C  CG  . LEU A 1 35  ? -12.514 -11.567 -8.330  1.00 35.62  ? 28  LEU A CG  1 
ATOM   216  C  CD1 . LEU A 1 35  ? -11.522 -12.763 -8.406  1.00 36.96  ? 28  LEU A CD1 1 
ATOM   217  C  CD2 . LEU A 1 35  ? -11.836 -10.264 -7.882  1.00 31.86  ? 28  LEU A CD2 1 
ATOM   218  N  N   . CYS A 1 36  ? -15.350 -11.088 -11.764 1.00 33.45  ? 29  CYS A N   1 
ATOM   219  C  CA  . CYS A 1 36  ? -15.822 -10.868 -13.146 1.00 33.70  ? 29  CYS A CA  1 
ATOM   220  C  C   . CYS A 1 36  ? -16.864 -9.772  -13.181 1.00 33.15  ? 29  CYS A C   1 
ATOM   221  O  O   . CYS A 1 36  ? -16.849 -8.938  -14.069 1.00 33.07  ? 29  CYS A O   1 
ATOM   222  C  CB  . CYS A 1 36  ? -16.406 -12.170 -13.765 1.00 37.97  ? 29  CYS A CB  1 
ATOM   223  S  SG  . CYS A 1 36  ? -15.118 -13.389 -14.122 1.00 44.87  ? 29  CYS A SG  1 
ATOM   224  N  N   . SER A 1 37  ? -17.787 -9.753  -12.235 1.00 31.23  ? 30  SER A N   1 
ATOM   225  C  CA  . SER A 1 37  ? -18.797 -8.670  -12.267 1.00 31.67  ? 30  SER A CA  1 
ATOM   226  C  C   . SER A 1 37  ? -18.137 -7.274  -11.999 1.00 30.61  ? 30  SER A C   1 
ATOM   227  O  O   . SER A 1 37  ? -18.518 -6.248  -12.583 1.00 34.29  ? 30  SER A O   1 
ATOM   228  C  CB  . SER A 1 37  ? -19.916 -8.968  -11.236 1.00 30.58  ? 30  SER A CB  1 
ATOM   229  O  OG  . SER A 1 37  ? -20.664 -7.789  -10.946 1.00 32.15  ? 30  SER A OG  1 
ATOM   230  N  N   . TRP A 1 38  ? -17.154 -7.236  -11.104 1.00 31.11  ? 31  TRP A N   1 
ATOM   231  C  CA  . TRP A 1 38  ? -16.438 -6.002  -10.786 1.00 29.73  ? 31  TRP A CA  1 
ATOM   232  C  C   . TRP A 1 38  ? -15.648 -5.584  -12.068 1.00 28.56  ? 31  TRP A C   1 
ATOM   233  O  O   . TRP A 1 38  ? -15.711 -4.425  -12.526 1.00 25.16  ? 31  TRP A O   1 
ATOM   234  C  CB  . TRP A 1 38  ? -15.524 -6.289  -9.600  1.00 29.63  ? 31  TRP A CB  1 
ATOM   235  C  CG  . TRP A 1 38  ? -14.732 -5.129  -9.059  1.00 28.32  ? 31  TRP A CG  1 
ATOM   236  C  CD1 . TRP A 1 38  ? -14.690 -3.862  -9.555  1.00 26.99  ? 31  TRP A CD1 1 
ATOM   237  C  CD2 . TRP A 1 38  ? -13.786 -5.179  -8.004  1.00 26.39  ? 31  TRP A CD2 1 
ATOM   238  N  NE1 . TRP A 1 38  ? -13.764 -3.120  -8.878  1.00 26.37  ? 31  TRP A NE1 1 
ATOM   239  C  CE2 . TRP A 1 38  ? -13.187 -3.901  -7.920  1.00 26.96  ? 31  TRP A CE2 1 
ATOM   240  C  CE3 . TRP A 1 38  ? -13.388 -6.175  -7.102  1.00 26.69  ? 31  TRP A CE3 1 
ATOM   241  C  CZ2 . TRP A 1 38  ? -12.201 -3.588  -6.973  1.00 25.02  ? 31  TRP A CZ2 1 
ATOM   242  C  CZ3 . TRP A 1 38  ? -12.417 -5.867  -6.142  1.00 24.37  ? 31  TRP A CZ3 1 
ATOM   243  C  CH2 . TRP A 1 38  ? -11.834 -4.578  -6.090  1.00 25.30  ? 31  TRP A CH2 1 
ATOM   244  N  N   . TYR A 1 39  ? -14.962 -6.549  -12.666 1.00 28.77  ? 32  TYR A N   1 
ATOM   245  C  CA  . TYR A 1 39  ? -14.189 -6.288  -13.874 1.00 28.13  ? 32  TYR A CA  1 
ATOM   246  C  C   . TYR A 1 39  ? -15.037 -5.672  -14.955 1.00 29.29  ? 32  TYR A C   1 
ATOM   247  O  O   . TYR A 1 39  ? -14.616 -4.725  -15.616 1.00 28.30  ? 32  TYR A O   1 
ATOM   248  C  CB  . TYR A 1 39  ? -13.548 -7.572  -14.427 1.00 29.74  ? 32  TYR A CB  1 
ATOM   249  C  CG  . TYR A 1 39  ? -12.701 -7.328  -15.727 1.00 33.80  ? 32  TYR A CG  1 
ATOM   250  C  CD1 . TYR A 1 39  ? -11.567 -6.462  -15.708 1.00 31.01  ? 32  TYR A CD1 1 
ATOM   251  C  CD2 . TYR A 1 39  ? -13.018 -7.980  -16.937 1.00 27.85  ? 32  TYR A CD2 1 
ATOM   252  C  CE1 . TYR A 1 39  ? -10.787 -6.259  -16.855 1.00 35.09  ? 32  TYR A CE1 1 
ATOM   253  C  CE2 . TYR A 1 39  ? -12.214 -7.807  -18.101 1.00 34.70  ? 32  TYR A CE2 1 
ATOM   254  C  CZ  . TYR A 1 39  ? -11.100 -6.938  -18.049 1.00 34.19  ? 32  TYR A CZ  1 
ATOM   255  O  OH  . TYR A 1 39  ? -10.290 -6.756  -19.152 1.00 39.28  ? 32  TYR A OH  1 
ATOM   256  N  N   . GLN A 1 40  ? -16.254 -6.181  -15.124 1.00 30.34  ? 33  GLN A N   1 
ATOM   257  C  CA  . GLN A 1 40  ? -17.096 -5.654  -16.180 1.00 35.90  ? 33  GLN A CA  1 
ATOM   258  C  C   . GLN A 1 40  ? -17.400 -4.163  -15.961 1.00 32.83  ? 33  GLN A C   1 
ATOM   259  O  O   . GLN A 1 40  ? -17.355 -3.365  -16.916 1.00 33.36  ? 33  GLN A O   1 
ATOM   260  C  CB  . GLN A 1 40  ? -18.395 -6.475  -16.326 1.00 42.30  ? 33  GLN A CB  1 
ATOM   261  C  CG  . GLN A 1 40  ? -18.208 -8.012  -16.566 1.00 53.27  ? 33  GLN A CG  1 
ATOM   262  C  CD  . GLN A 1 40  ? -17.797 -8.424  -18.007 1.00 58.09  ? 33  GLN A CD  1 
ATOM   263  O  OE1 . GLN A 1 40  ? -16.654 -8.229  -18.436 1.00 57.83  ? 33  GLN A OE1 1 
ATOM   264  N  NE2 . GLN A 1 40  ? -18.753 -9.016  -18.746 1.00 61.33  ? 33  GLN A NE2 1 
ATOM   265  N  N   . SER A 1 41  ? -17.680 -3.770  -14.727 1.00 30.89  ? 34  SER A N   1 
ATOM   266  C  CA  . SER A 1 41  ? -17.959 -2.361  -14.439 1.00 31.75  ? 34  SER A CA  1 
ATOM   267  C  C   . SER A 1 41  ? -16.685 -1.533  -14.565 1.00 28.13  ? 34  SER A C   1 
ATOM   268  O  O   . SER A 1 41  ? -16.728 -0.392  -15.001 1.00 30.70  ? 34  SER A O   1 
ATOM   269  C  CB  . SER A 1 41  ? -18.478 -2.176  -13.012 1.00 32.76  ? 34  SER A CB  1 
ATOM   270  O  OG  . SER A 1 41  ? -19.468 -3.125  -12.713 1.00 45.32  ? 34  SER A OG  1 
ATOM   271  N  N   . PHE A 1 42  ? -15.575 -2.074  -14.087 1.00 25.93  ? 35  PHE A N   1 
ATOM   272  C  CA  . PHE A 1 42  ? -14.298 -1.369  -14.190 1.00 28.46  ? 35  PHE A CA  1 
ATOM   273  C  C   . PHE A 1 42  ? -14.001 -1.032  -15.700 1.00 28.69  ? 35  PHE A C   1 
ATOM   274  O  O   . PHE A 1 42  ? -13.519 0.050   -16.002 1.00 27.81  ? 35  PHE A O   1 
ATOM   275  C  CB  . PHE A 1 42  ? -13.218 -2.265  -13.596 1.00 27.73  ? 35  PHE A CB  1 
ATOM   276  C  CG  . PHE A 1 42  ? -11.828 -1.820  -13.869 1.00 31.29  ? 35  PHE A CG  1 
ATOM   277  C  CD1 . PHE A 1 42  ? -11.154 -0.970  -12.963 1.00 28.72  ? 35  PHE A CD1 1 
ATOM   278  C  CD2 . PHE A 1 42  ? -11.125 -2.348  -14.984 1.00 27.45  ? 35  PHE A CD2 1 
ATOM   279  C  CE1 . PHE A 1 42  ? -9.807  -0.653  -13.133 1.00 30.23  ? 35  PHE A CE1 1 
ATOM   280  C  CE2 . PHE A 1 42  ? -9.756  -2.043  -15.169 1.00 32.61  ? 35  PHE A CE2 1 
ATOM   281  C  CZ  . PHE A 1 42  ? -9.074  -1.201  -14.255 1.00 31.49  ? 35  PHE A CZ  1 
ATOM   282  N  N   . LEU A 1 43  ? -14.310 -1.948  -16.626 1.00 29.68  ? 36  LEU A N   1 
ATOM   283  C  CA  . LEU A 1 43  ? -14.096 -1.722  -18.075 1.00 32.65  ? 36  LEU A CA  1 
ATOM   284  C  C   . LEU A 1 43  ? -14.919 -0.607  -18.646 1.00 36.21  ? 36  LEU A C   1 
ATOM   285  O  O   . LEU A 1 43  ? -14.535 -0.022  -19.639 1.00 35.80  ? 36  LEU A O   1 
ATOM   286  C  CB  . LEU A 1 43  ? -14.388 -2.973  -18.909 1.00 36.11  ? 36  LEU A CB  1 
ATOM   287  C  CG  . LEU A 1 43  ? -13.243 -3.959  -19.020 1.00 31.36  ? 36  LEU A CG  1 
ATOM   288  C  CD1 . LEU A 1 43  ? -13.544 -4.925  -20.146 1.00 35.88  ? 36  LEU A CD1 1 
ATOM   289  C  CD2 . LEU A 1 43  ? -11.991 -3.239  -19.330 1.00 31.13  ? 36  LEU A CD2 1 
ATOM   290  N  N   . LYS A 1 44  ? -16.041 -0.293  -18.000 1.00 39.49  ? 37  LYS A N   1 
ATOM   291  C  CA  . LYS A 1 44  ? -16.915 0.793   -18.438 1.00 39.28  ? 37  LYS A CA  1 
ATOM   292  C  C   . LYS A 1 44  ? -16.304 2.158   -18.080 1.00 40.05  ? 37  LYS A C   1 
ATOM   293  O  O   . LYS A 1 44  ? -16.462 3.119   -18.830 1.00 40.35  ? 37  LYS A O   1 
ATOM   294  C  CB  . LYS A 1 44  ? -18.321 0.635   -17.810 1.00 46.54  ? 37  LYS A CB  1 
ATOM   295  C  CG  . LYS A 1 44  ? -19.208 -0.458  -18.455 1.00 49.73  ? 37  LYS A CG  1 
ATOM   296  C  CD  . LYS A 1 44  ? -18.361 -1.575  -19.106 1.00 55.63  ? 37  LYS A CD  1 
ATOM   297  C  CE  . LYS A 1 44  ? -19.096 -2.905  -19.394 1.00 55.45  ? 37  LYS A CE  1 
ATOM   298  N  NZ  . LYS A 1 44  ? -18.066 -4.006  -19.657 1.00 52.82  ? 37  LYS A NZ  1 
ATOM   299  N  N   . ASP A 1 45  ? -15.628 2.292   -16.944 1.00 35.18  ? 38  ASP A N   1 
ATOM   300  C  CA  . ASP A 1 45  ? -14.984 3.590   -16.694 1.00 33.07  ? 38  ASP A CA  1 
ATOM   301  C  C   . ASP A 1 45  ? -13.519 3.596   -17.169 1.00 32.23  ? 38  ASP A C   1 
ATOM   302  O  O   . ASP A 1 45  ? -12.909 4.675   -17.275 1.00 32.34  ? 38  ASP A O   1 
ATOM   303  C  CB  . ASP A 1 45  ? -15.055 3.979   -15.196 1.00 39.34  ? 38  ASP A CB  1 
ATOM   304  C  CG  . ASP A 1 45  ? -16.498 4.001   -14.665 1.00 40.58  ? 38  ASP A CG  1 
ATOM   305  O  OD1 . ASP A 1 45  ? -17.391 4.500   -15.357 1.00 42.67  ? 38  ASP A OD1 1 
ATOM   306  O  OD2 . ASP A 1 45  ? -16.752 3.518   -13.562 1.00 44.10  ? 38  ASP A OD2 1 
ATOM   307  N  N   . CYS A 1 46  ? -12.959 2.410   -17.468 1.00 28.13  ? 39  CYS A N   1 
ATOM   308  C  CA  . CYS A 1 46  ? -11.557 2.279   -17.918 1.00 29.25  ? 39  CYS A CA  1 
ATOM   309  C  C   . CYS A 1 46  ? -11.505 1.303   -19.102 1.00 27.83  ? 39  CYS A C   1 
ATOM   310  O  O   . CYS A 1 46  ? -10.965 0.191   -19.000 1.00 26.27  ? 39  CYS A O   1 
ATOM   311  C  CB  . CYS A 1 46  ? -10.690 1.724   -16.771 1.00 31.30  ? 39  CYS A CB  1 
ATOM   312  S  SG  . CYS A 1 46  ? -10.679 2.740   -15.202 1.00 29.23  ? 39  CYS A SG  1 
ATOM   313  N  N   . PRO A 1 47  ? -12.050 1.729   -20.248 1.00 27.27  ? 40  PRO A N   1 
ATOM   314  C  CA  . PRO A 1 47  ? -12.128 0.937   -21.476 1.00 27.97  ? 40  PRO A CA  1 
ATOM   315  C  C   . PRO A 1 47  ? -10.850 0.306   -22.021 1.00 29.44  ? 40  PRO A C   1 
ATOM   316  O  O   . PRO A 1 47  ? -10.928 -0.705  -22.742 1.00 28.97  ? 40  PRO A O   1 
ATOM   317  C  CB  . PRO A 1 47  ? -12.826 1.875   -22.451 1.00 28.17  ? 40  PRO A CB  1 
ATOM   318  C  CG  . PRO A 1 47  ? -12.445 3.209   -22.007 1.00 29.50  ? 40  PRO A CG  1 
ATOM   319  C  CD  . PRO A 1 47  ? -12.558 3.086   -20.472 1.00 28.20  ? 40  PRO A CD  1 
ATOM   320  N  N   . THR A 1 48  ? -9.689  0.856   -21.658 1.00 26.03  ? 41  THR A N   1 
ATOM   321  C  CA  . THR A 1 48  ? -8.409  0.243   -22.092 1.00 28.42  ? 41  THR A CA  1 
ATOM   322  C  C   . THR A 1 48  ? -8.113  -0.922  -21.153 1.00 27.82  ? 41  THR A C   1 
ATOM   323  O  O   . THR A 1 48  ? -7.257  -1.783  -21.453 1.00 29.68  ? 41  THR A O   1 
ATOM   324  C  CB  . THR A 1 48  ? -7.233  1.246   -21.965 1.00 30.83  ? 41  THR A CB  1 
ATOM   325  O  OG1 . THR A 1 48  ? -7.058  1.622   -20.584 1.00 32.53  ? 41  THR A OG1 1 
ATOM   326  C  CG2 . THR A 1 48  ? -7.564  2.540   -22.713 1.00 24.30  ? 41  THR A CG2 1 
ATOM   327  N  N   . GLY A 1 49  ? -8.850  -0.992  -20.025 1.00 27.15  ? 42  GLY A N   1 
ATOM   328  C  CA  . GLY A 1 49  ? -8.566  -2.028  -19.038 1.00 26.02  ? 42  GLY A CA  1 
ATOM   329  C  C   . GLY A 1 49  ? -7.423  -1.628  -18.081 1.00 26.31  ? 42  GLY A C   1 
ATOM   330  O  O   . GLY A 1 49  ? -6.937  -2.444  -17.304 1.00 27.38  ? 42  GLY A O   1 
ATOM   331  N  N   . ARG A 1 50  ? -7.017  -0.367  -18.109 1.00 23.20  ? 43  ARG A N   1 
ATOM   332  C  CA  . ARG A 1 50  ? -5.942  0.143   -17.265 1.00 25.02  ? 43  ARG A CA  1 
ATOM   333  C  C   . ARG A 1 50  ? -6.456  1.421   -16.576 1.00 25.59  ? 43  ARG A C   1 
ATOM   334  O  O   . ARG A 1 50  ? -7.125  2.236   -17.211 1.00 23.98  ? 43  ARG A O   1 
ATOM   335  C  CB  . ARG A 1 50  ? -4.717  0.525   -18.112 1.00 28.57  ? 43  ARG A CB  1 
ATOM   336  C  CG  . ARG A 1 50  ? -3.961  -0.626  -18.782 1.00 33.79  ? 43  ARG A CG  1 
ATOM   337  C  CD  . ARG A 1 50  ? -2.620  -0.834  -18.018 1.00 47.19  ? 43  ARG A CD  1 
ATOM   338  N  NE  . ARG A 1 50  ? -1.675  -1.757  -18.650 1.00 49.68  ? 43  ARG A NE  1 
ATOM   339  C  CZ  . ARG A 1 50  ? -2.038  -2.926  -19.177 1.00 56.86  ? 43  ARG A CZ  1 
ATOM   340  N  NH1 . ARG A 1 50  ? -3.323  -3.303  -19.137 1.00 57.05  ? 43  ARG A NH1 1 
ATOM   341  N  NH2 . ARG A 1 50  ? -1.132  -3.713  -19.775 1.00 58.42  ? 43  ARG A NH2 1 
ATOM   342  N  N   . ILE A 1 51  ? -6.104  1.620   -15.302 1.00 22.98  ? 44  ILE A N   1 
ATOM   343  C  CA  . ILE A 1 51  ? -6.545  2.805   -14.594 1.00 18.66  ? 44  ILE A CA  1 
ATOM   344  C  C   . ILE A 1 51  ? -5.343  3.670   -14.374 1.00 22.06  ? 44  ILE A C   1 
ATOM   345  O  O   . ILE A 1 51  ? -4.240  3.153   -14.182 1.00 22.19  ? 44  ILE A O   1 
ATOM   346  C  CB  . ILE A 1 51  ? -7.228  2.429   -13.229 1.00 21.25  ? 44  ILE A CB  1 
ATOM   347  C  CG1 . ILE A 1 51  ? -7.614  3.699   -12.464 1.00 21.51  ? 44  ILE A CG1 1 
ATOM   348  C  CG2 . ILE A 1 51  ? -6.321  1.527   -12.387 1.00 16.55  ? 44  ILE A CG2 1 
ATOM   349  C  CD1 . ILE A 1 51  ? -8.606  3.398   -11.316 1.00 25.91  ? 44  ILE A CD1 1 
ATOM   350  N  N   . THR A 1 52  ? -5.531  4.996   -14.401 1.00 23.14  ? 45  THR A N   1 
ATOM   351  C  CA  . THR A 1 52  ? -4.418  5.929   -14.229 1.00 25.72  ? 45  THR A CA  1 
ATOM   352  C  C   . THR A 1 52  ? -4.190  6.353   -12.776 1.00 25.88  ? 45  THR A C   1 
ATOM   353  O  O   . THR A 1 52  ? -5.075  6.216   -11.935 1.00 24.11  ? 45  THR A O   1 
ATOM   354  C  CB  . THR A 1 52  ? -4.686  7.245   -14.995 1.00 29.18  ? 45  THR A CB  1 
ATOM   355  O  OG1 . THR A 1 52  ? -5.887  7.839   -14.477 1.00 28.99  ? 45  THR A OG1 1 
ATOM   356  C  CG2 . THR A 1 52  ? -4.907  6.971   -16.511 1.00 29.50  ? 45  THR A CG2 1 
ATOM   357  N  N   . GLN A 1 53  ? -3.010  6.935   -12.542 1.00 26.11  ? 46  GLN A N   1 
ATOM   358  C  CA  . GLN A 1 53  ? -2.611  7.526   -11.255 1.00 28.21  ? 46  GLN A CA  1 
ATOM   359  C  C   . GLN A 1 53  ? -3.680  8.462   -10.770 1.00 25.42  ? 46  GLN A C   1 
ATOM   360  O  O   . GLN A 1 53  ? -4.151  8.376   -9.625  1.00 23.06  ? 46  GLN A O   1 
ATOM   361  C  CB  . GLN A 1 53  ? -1.329  8.363   -11.391 1.00 24.50  ? 46  GLN A CB  1 
ATOM   362  C  CG  . GLN A 1 53  ? -0.069  7.645   -11.081 1.00 32.42  ? 46  GLN A CG  1 
ATOM   363  C  CD  . GLN A 1 53  ? 0.196   7.462   -9.580  1.00 39.61  ? 46  GLN A CD  1 
ATOM   364  O  OE1 . GLN A 1 53  ? 1.286   6.986   -9.190  1.00 40.31  ? 46  GLN A OE1 1 
ATOM   365  N  NE2 . GLN A 1 53  ? -0.781  7.828   -8.736  1.00 34.76  ? 46  GLN A NE2 1 
ATOM   366  N  N   . GLN A 1 54  ? -4.044  9.380   -11.657 1.00 26.38  ? 47  GLN A N   1 
ATOM   367  C  CA  . GLN A 1 54  ? -5.060  10.394  -11.346 1.00 29.08  ? 47  GLN A CA  1 
ATOM   368  C  C   . GLN A 1 54  ? -6.402  9.756   -10.970 1.00 26.57  ? 47  GLN A C   1 
ATOM   369  O  O   . GLN A 1 54  ? -6.993  10.170  -9.985  1.00 24.87  ? 47  GLN A O   1 
ATOM   370  C  CB  . GLN A 1 54  ? -5.231  11.368  -12.513 1.00 33.97  ? 47  GLN A CB  1 
ATOM   371  C  CG  . GLN A 1 54  ? -6.258  12.417  -12.265 1.00 48.59  ? 47  GLN A CG  1 
ATOM   372  C  CD  . GLN A 1 54  ? -7.219  12.593  -13.456 1.00 60.81  ? 47  GLN A CD  1 
ATOM   373  O  OE1 . GLN A 1 54  ? -7.864  11.616  -13.925 1.00 63.93  ? 47  GLN A OE1 1 
ATOM   374  N  NE2 . GLN A 1 54  ? -7.330  13.843  -13.951 1.00 62.61  ? 47  GLN A NE2 1 
ATOM   375  N  N   . GLN A 1 55  ? -6.870  8.718   -11.693 1.00 26.82  ? 48  GLN A N   1 
ATOM   376  C  CA  . GLN A 1 55  ? -8.139  8.070   -11.323 1.00 26.24  ? 48  GLN A CA  1 
ATOM   377  C  C   . GLN A 1 55  ? -8.015  7.289   -9.991  1.00 25.03  ? 48  GLN A C   1 
ATOM   378  O  O   . GLN A 1 55  ? -8.907  7.286   -9.163  1.00 26.75  ? 48  GLN A O   1 
ATOM   379  C  CB  . GLN A 1 55  ? -8.597  7.119   -12.418 1.00 29.02  ? 48  GLN A CB  1 
ATOM   380  C  CG  . GLN A 1 55  ? -8.810  7.801   -13.736 1.00 28.62  ? 48  GLN A CG  1 
ATOM   381  C  CD  . GLN A 1 55  ? -9.153  6.798   -14.827 1.00 34.65  ? 48  GLN A CD  1 
ATOM   382  O  OE1 . GLN A 1 55  ? -8.374  5.874   -15.167 1.00 28.40  ? 48  GLN A OE1 1 
ATOM   383  N  NE2 . GLN A 1 55  ? -10.331 6.959   -15.372 1.00 34.95  ? 48  GLN A NE2 1 
ATOM   384  N  N   . PHE A 1 56  ? -6.893  6.640   -9.781  1.00 21.22  ? 49  PHE A N   1 
ATOM   385  C  CA  . PHE A 1 56  ? -6.717  5.885   -8.569  1.00 22.32  ? 49  PHE A CA  1 
ATOM   386  C  C   . PHE A 1 56  ? -6.753  6.844   -7.372  1.00 22.09  ? 49  PHE A C   1 
ATOM   387  O  O   . PHE A 1 56  ? -7.398  6.593   -6.349  1.00 22.38  ? 49  PHE A O   1 
ATOM   388  C  CB  . PHE A 1 56  ? -5.377  5.170   -8.616  1.00 22.57  ? 49  PHE A CB  1 
ATOM   389  C  CG  . PHE A 1 56  ? -5.205  4.218   -7.501  1.00 24.91  ? 49  PHE A CG  1 
ATOM   390  C  CD1 . PHE A 1 56  ? -5.805  2.969   -7.558  1.00 17.30  ? 49  PHE A CD1 1 
ATOM   391  C  CD2 . PHE A 1 56  ? -4.409  4.544   -6.388  1.00 23.66  ? 49  PHE A CD2 1 
ATOM   392  C  CE1 . PHE A 1 56  ? -5.589  2.042   -6.512  1.00 21.15  ? 49  PHE A CE1 1 
ATOM   393  C  CE2 . PHE A 1 56  ? -4.217  3.624   -5.364  1.00 21.96  ? 49  PHE A CE2 1 
ATOM   394  C  CZ  . PHE A 1 56  ? -4.821  2.357   -5.445  1.00 20.55  ? 49  PHE A CZ  1 
ATOM   395  N  N   . GLN A 1 57  ? -6.026  7.951   -7.488  1.00 23.10  ? 50  GLN A N   1 
ATOM   396  C  CA  . GLN A 1 57  ? -6.030  8.957   -6.420  1.00 23.63  ? 50  GLN A CA  1 
ATOM   397  C  C   . GLN A 1 57  ? -7.438  9.510   -6.149  1.00 25.72  ? 50  GLN A C   1 
ATOM   398  O  O   . GLN A 1 57  ? -7.779  9.838   -4.994  1.00 24.59  ? 50  GLN A O   1 
ATOM   399  C  CB  . GLN A 1 57  ? -5.134  10.128  -6.798  1.00 23.69  ? 50  GLN A CB  1 
ATOM   400  C  CG  . GLN A 1 57  ? -3.653  9.770   -6.661  1.00 27.56  ? 50  GLN A CG  1 
ATOM   401  C  CD  . GLN A 1 57  ? -2.729  10.865  -7.189  1.00 33.35  ? 50  GLN A CD  1 
ATOM   402  O  OE1 . GLN A 1 57  ? -2.896  12.029  -6.871  1.00 34.78  ? 50  GLN A OE1 1 
ATOM   403  N  NE2 . GLN A 1 57  ? -1.731  10.474  -7.966  1.00 31.13  ? 50  GLN A NE2 1 
ATOM   404  N  N   . SER A 1 58  ? -8.227  9.651   -7.205  1.00 23.05  ? 51  SER A N   1 
ATOM   405  C  CA  . SER A 1 58  ? -9.582  10.201  -7.070  1.00 25.56  ? 51  SER A CA  1 
ATOM   406  C  C   . SER A 1 58  ? -10.458 9.247   -6.287  1.00 27.25  ? 51  SER A C   1 
ATOM   407  O  O   . SER A 1 58  ? -11.338 9.685   -5.549  1.00 27.60  ? 51  SER A O   1 
ATOM   408  C  CB  . SER A 1 58  ? -10.192 10.495  -8.463  1.00 27.49  ? 51  SER A CB  1 
ATOM   409  O  OG  . SER A 1 58  ? -9.491  11.577  -9.109  1.00 28.99  ? 51  SER A OG  1 
ATOM   410  N  N   . ILE A 1 59  ? -10.198 7.940   -6.429  1.00 24.93  ? 52  ILE A N   1 
ATOM   411  C  CA  . ILE A 1 59  ? -10.968 6.973   -5.688  1.00 26.27  ? 52  ILE A CA  1 
ATOM   412  C  C   . ILE A 1 59  ? -10.770 7.225   -4.220  1.00 25.76  ? 52  ILE A C   1 
ATOM   413  O  O   . ILE A 1 59  ? -11.719 7.261   -3.482  1.00 21.55  ? 52  ILE A O   1 
ATOM   414  C  CB  . ILE A 1 59  ? -10.549 5.526   -5.953  1.00 28.60  ? 52  ILE A CB  1 
ATOM   415  C  CG1 . ILE A 1 59  ? -11.093 5.031   -7.277  1.00 31.53  ? 52  ILE A CG1 1 
ATOM   416  C  CG2 . ILE A 1 59  ? -11.114 4.610   -4.907  1.00 35.12  ? 52  ILE A CG2 1 
ATOM   417  C  CD1 . ILE A 1 59  ? -10.307 3.786   -7.714  1.00 30.40  ? 52  ILE A CD1 1 
ATOM   418  N  N   . TYR A 1 60  ? -9.530  7.392   -3.790  1.00 25.17  ? 53  TYR A N   1 
ATOM   419  C  CA  . TYR A 1 60  ? -9.295  7.617   -2.378  1.00 26.89  ? 53  TYR A CA  1 
ATOM   420  C  C   . TYR A 1 60  ? -9.765  8.959   -1.879  1.00 29.20  ? 53  TYR A C   1 
ATOM   421  O  O   . TYR A 1 60  ? -10.189 9.088   -0.709  1.00 31.34  ? 53  TYR A O   1 
ATOM   422  C  CB  . TYR A 1 60  ? -7.792  7.473   -2.046  1.00 27.88  ? 53  TYR A CB  1 
ATOM   423  C  CG  . TYR A 1 60  ? -7.334  6.025   -1.892  1.00 30.19  ? 53  TYR A CG  1 
ATOM   424  C  CD1 . TYR A 1 60  ? -7.142  5.209   -3.022  1.00 28.66  ? 53  TYR A CD1 1 
ATOM   425  C  CD2 . TYR A 1 60  ? -7.167  5.451   -0.617  1.00 27.58  ? 53  TYR A CD2 1 
ATOM   426  C  CE1 . TYR A 1 60  ? -6.816  3.870   -2.898  1.00 33.96  ? 53  TYR A CE1 1 
ATOM   427  C  CE2 . TYR A 1 60  ? -6.822  4.095   -0.481  1.00 36.01  ? 53  TYR A CE2 1 
ATOM   428  C  CZ  . TYR A 1 60  ? -6.661  3.314   -1.628  1.00 34.52  ? 53  TYR A CZ  1 
ATOM   429  O  OH  . TYR A 1 60  ? -6.438  1.980   -1.497  1.00 39.20  ? 53  TYR A OH  1 
ATOM   430  N  N   . ALA A 1 61  ? -9.679  9.970   -2.734  1.00 25.52  ? 54  ALA A N   1 
ATOM   431  C  CA  . ALA A 1 61  ? -10.038 11.282  -2.288  1.00 27.55  ? 54  ALA A CA  1 
ATOM   432  C  C   . ALA A 1 61  ? -11.540 11.310  -2.037  1.00 30.64  ? 54  ALA A C   1 
ATOM   433  O  O   . ALA A 1 61  ? -12.013 12.020  -1.139  1.00 29.75  ? 54  ALA A O   1 
ATOM   434  C  CB  . ALA A 1 61  ? -9.648  12.350  -3.320  1.00 25.01  ? 54  ALA A CB  1 
ATOM   435  N  N   . LYS A 1 62  ? -12.279 10.532  -2.822  1.00 31.70  ? 55  LYS A N   1 
ATOM   436  C  CA  . LYS A 1 62  ? -13.714 10.520  -2.658  1.00 34.93  ? 55  LYS A CA  1 
ATOM   437  C  C   . LYS A 1 62  ? -14.218 9.795   -1.413  1.00 33.01  ? 55  LYS A C   1 
ATOM   438  O  O   . LYS A 1 62  ? -15.278 10.117  -0.905  1.00 30.81  ? 55  LYS A O   1 
ATOM   439  C  CB  . LYS A 1 62  ? -14.385 9.974   -3.950  1.00 39.92  ? 55  LYS A CB  1 
ATOM   440  C  CG  . LYS A 1 62  ? -14.600 8.495   -4.083  1.00 45.36  ? 55  LYS A CG  1 
ATOM   441  C  CD  . LYS A 1 62  ? -15.149 8.102   -5.504  1.00 53.62  ? 55  LYS A CD  1 
ATOM   442  C  CE  . LYS A 1 62  ? -16.688 8.359   -5.681  1.00 56.76  ? 55  LYS A CE  1 
ATOM   443  N  NZ  . LYS A 1 62  ? -17.244 8.109   -7.092  1.00 54.33  ? 55  LYS A NZ  1 
ATOM   444  N  N   . PHE A 1 63  ? -13.446 8.828   -0.917  1.00 32.68  ? 56  PHE A N   1 
ATOM   445  C  CA  . PHE A 1 63  ? -13.843 8.031   0.240   1.00 29.37  ? 56  PHE A CA  1 
ATOM   446  C  C   . PHE A 1 63  ? -13.221 8.369   1.600   1.00 30.21  ? 56  PHE A C   1 
ATOM   447  O  O   . PHE A 1 63  ? -13.383 7.603   2.582   1.00 29.34  ? 56  PHE A O   1 
ATOM   448  C  CB  . PHE A 1 63  ? -13.606 6.559   -0.135  1.00 30.03  ? 56  PHE A CB  1 
ATOM   449  C  CG  . PHE A 1 63  ? -14.353 6.140   -1.395  1.00 27.61  ? 56  PHE A CG  1 
ATOM   450  C  CD1 . PHE A 1 63  ? -15.690 6.484   -1.561  1.00 27.14  ? 56  PHE A CD1 1 
ATOM   451  C  CD2 . PHE A 1 63  ? -13.745 5.339   -2.357  1.00 31.74  ? 56  PHE A CD2 1 
ATOM   452  C  CE1 . PHE A 1 63  ? -16.438 6.055   -2.635  1.00 28.54  ? 56  PHE A CE1 1 
ATOM   453  C  CE2 . PHE A 1 63  ? -14.465 4.877   -3.455  1.00 29.44  ? 56  PHE A CE2 1 
ATOM   454  C  CZ  . PHE A 1 63  ? -15.841 5.242   -3.599  1.00 32.74  ? 56  PHE A CZ  1 
ATOM   455  N  N   . PHE A 1 64  ? -12.489 9.493   1.632   1.00 28.86  ? 57  PHE A N   1 
ATOM   456  C  CA  . PHE A 1 64  ? -11.809 10.059  2.811   1.00 31.21  ? 57  PHE A CA  1 
ATOM   457  C  C   . PHE A 1 64  ? -12.262 11.509  2.849   1.00 35.39  ? 57  PHE A C   1 
ATOM   458  O  O   . PHE A 1 64  ? -11.529 12.408  2.442   1.00 37.18  ? 57  PHE A O   1 
ATOM   459  C  CB  . PHE A 1 64  ? -10.272 10.019  2.683   1.00 27.61  ? 57  PHE A CB  1 
ATOM   460  C  CG  . PHE A 1 64  ? -9.692  8.683   2.962   1.00 28.18  ? 57  PHE A CG  1 
ATOM   461  C  CD1 . PHE A 1 64  ? -9.263  8.340   4.246   1.00 30.77  ? 57  PHE A CD1 1 
ATOM   462  C  CD2 . PHE A 1 64  ? -9.653  7.704   1.962   1.00 29.84  ? 57  PHE A CD2 1 
ATOM   463  C  CE1 . PHE A 1 64  ? -8.807  7.018   4.541   1.00 28.13  ? 57  PHE A CE1 1 
ATOM   464  C  CE2 . PHE A 1 64  ? -9.212  6.424   2.237   1.00 24.94  ? 57  PHE A CE2 1 
ATOM   465  C  CZ  . PHE A 1 64  ? -8.785  6.066   3.542   1.00 28.37  ? 57  PHE A CZ  1 
ATOM   466  N  N   . PRO A 1 65  ? -13.475 11.756  3.373   1.00 38.32  ? 58  PRO A N   1 
ATOM   467  C  CA  . PRO A 1 65  ? -14.056 13.100  3.472   1.00 38.65  ? 58  PRO A CA  1 
ATOM   468  C  C   . PRO A 1 65  ? -13.324 14.120  4.350   1.00 39.20  ? 58  PRO A C   1 
ATOM   469  O  O   . PRO A 1 65  ? -13.324 15.293  4.053   1.00 42.64  ? 58  PRO A O   1 
ATOM   470  C  CB  . PRO A 1 65  ? -15.442 12.842  4.058   1.00 38.72  ? 58  PRO A CB  1 
ATOM   471  C  CG  . PRO A 1 65  ? -15.175 11.698  5.030   1.00 41.32  ? 58  PRO A CG  1 
ATOM   472  C  CD  . PRO A 1 65  ? -14.252 10.775  4.180   1.00 37.03  ? 58  PRO A CD  1 
ATOM   473  N  N   . ASP A 1 66  ? -12.730 13.681  5.435   1.00 37.60  ? 59  ASP A N   1 
ATOM   474  C  CA  . ASP A 1 66  ? -12.097 14.597  6.349   1.00 38.95  ? 59  ASP A CA  1 
ATOM   475  C  C   . ASP A 1 66  ? -10.586 14.689  6.256   1.00 38.38  ? 59  ASP A C   1 
ATOM   476  O  O   . ASP A 1 66  ? -9.978  15.409  7.090   1.00 36.58  ? 59  ASP A O   1 
ATOM   477  C  CB  . ASP A 1 66  ? -12.418 14.167  7.782   1.00 46.12  ? 59  ASP A CB  1 
ATOM   478  C  CG  . ASP A 1 66  ? -13.917 14.103  8.044   1.00 55.36  ? 59  ASP A CG  1 
ATOM   479  O  OD1 . ASP A 1 66  ? -14.713 14.629  7.196   1.00 52.59  ? 59  ASP A OD1 1 
ATOM   480  O  OD2 . ASP A 1 66  ? -14.289 13.528  9.106   1.00 59.27  ? 59  ASP A OD2 1 
ATOM   481  N  N   . THR A 1 67  ? -9.965  13.946  5.321   1.00 31.51  ? 60  THR A N   1 
ATOM   482  C  CA  . THR A 1 67  ? -8.511  13.940  5.270   1.00 27.22  ? 60  THR A CA  1 
ATOM   483  C  C   . THR A 1 67  ? -8.025  13.950  3.858   1.00 27.37  ? 60  THR A C   1 
ATOM   484  O  O   . THR A 1 67  ? -8.853  14.075  2.927   1.00 26.56  ? 60  THR A O   1 
ATOM   485  C  CB  . THR A 1 67  ? -7.906  12.720  6.039   1.00 25.70  ? 60  THR A CB  1 
ATOM   486  O  OG1 . THR A 1 67  ? -8.307  11.485  5.408   1.00 27.05  ? 60  THR A OG1 1 
ATOM   487  C  CG2 . THR A 1 67  ? -8.394  12.711  7.495   1.00 24.00  ? 60  THR A CG2 1 
ATOM   488  N  N   . ASP A 1 68  ? -6.696  13.844  3.678   1.00 24.89  ? 61  ASP A N   1 
ATOM   489  C  CA  . ASP A 1 68  ? -6.106  13.902  2.337   1.00 25.71  ? 61  ASP A CA  1 
ATOM   490  C  C   . ASP A 1 68  ? -5.239  12.675  2.014   1.00 27.76  ? 61  ASP A C   1 
ATOM   491  O  O   . ASP A 1 68  ? -4.002  12.662  2.201   1.00 26.66  ? 61  ASP A O   1 
ATOM   492  C  CB  . ASP A 1 68  ? -5.276  15.184  2.145   1.00 31.04  ? 61  ASP A CB  1 
ATOM   493  C  CG  . ASP A 1 68  ? -4.653  15.258  0.732   1.00 40.45  ? 61  ASP A CG  1 
ATOM   494  O  OD1 . ASP A 1 68  ? -5.170  14.544  -0.197  1.00 35.36  ? 61  ASP A OD1 1 
ATOM   495  O  OD2 . ASP A 1 68  ? -3.657  16.021  0.567   1.00 44.66  ? 61  ASP A OD2 1 
ATOM   496  N  N   . PRO A 1 69  ? -5.874  11.633  1.450   1.00 26.77  ? 62  PRO A N   1 
ATOM   497  C  CA  . PRO A 1 69  ? -5.129  10.423  1.127   1.00 24.83  ? 62  PRO A CA  1 
ATOM   498  C  C   . PRO A 1 69  ? -4.446  10.416  -0.231  1.00 25.89  ? 62  PRO A C   1 
ATOM   499  O  O   . PRO A 1 69  ? -3.929  9.371   -0.627  1.00 26.47  ? 62  PRO A O   1 
ATOM   500  C  CB  . PRO A 1 69  ? -6.216  9.340   1.194   1.00 24.56  ? 62  PRO A CB  1 
ATOM   501  C  CG  . PRO A 1 69  ? -7.381  10.071  0.491   1.00 24.25  ? 62  PRO A CG  1 
ATOM   502  C  CD  . PRO A 1 69  ? -7.275  11.547  0.990   1.00 23.41  ? 62  PRO A CD  1 
ATOM   503  N  N   . LYS A 1 70  ? -4.440  11.531  -0.958  1.00 23.81  ? 63  LYS A N   1 
ATOM   504  C  CA  . LYS A 1 70  ? -3.840  11.471  -2.288  1.00 26.86  ? 63  LYS A CA  1 
ATOM   505  C  C   . LYS A 1 70  ? -2.357  11.062  -2.368  1.00 22.88  ? 63  LYS A C   1 
ATOM   506  O  O   . LYS A 1 70  ? -2.014  10.217  -3.193  1.00 19.97  ? 63  LYS A O   1 
ATOM   507  C  CB  . LYS A 1 70  ? -4.079  12.825  -3.067  1.00 30.46  ? 63  LYS A CB  1 
ATOM   508  C  CG  . LYS A 1 70  ? -5.550  13.092  -3.333  1.00 39.16  ? 63  LYS A CG  1 
ATOM   509  C  CD  . LYS A 1 70  ? -5.812  14.314  -4.254  1.00 45.35  ? 63  LYS A CD  1 
ATOM   510  C  CE  . LYS A 1 70  ? -6.003  13.888  -5.718  1.00 50.56  ? 63  LYS A CE  1 
ATOM   511  N  NZ  . LYS A 1 70  ? -7.399  14.171  -6.259  1.00 53.58  ? 63  LYS A NZ  1 
ATOM   512  N  N   . ALA A 1 71  ? -1.495  11.664  -1.535  1.00 21.32  ? 64  ALA A N   1 
ATOM   513  C  CA  . ALA A 1 71  ? -0.060  11.339  -1.581  1.00 22.88  ? 64  ALA A CA  1 
ATOM   514  C  C   . ALA A 1 71  ? 0.094   9.864   -1.245  1.00 24.58  ? 64  ALA A C   1 
ATOM   515  O  O   . ALA A 1 71  ? 0.904   9.173   -1.845  1.00 28.41  ? 64  ALA A O   1 
ATOM   516  C  CB  . ALA A 1 71  ? 0.752   12.186  -0.574  1.00 23.46  ? 64  ALA A CB  1 
ATOM   517  N  N   . TYR A 1 72  ? -0.667  9.385   -0.264  1.00 22.90  ? 65  TYR A N   1 
ATOM   518  C  CA  . TYR A 1 72  ? -0.551  7.967   0.089   1.00 22.27  ? 65  TYR A CA  1 
ATOM   519  C  C   . TYR A 1 72  ? -0.994  7.147   -1.134  1.00 24.34  ? 65  TYR A C   1 
ATOM   520  O  O   . TYR A 1 72  ? -0.305  6.186   -1.556  1.00 23.34  ? 65  TYR A O   1 
ATOM   521  C  CB  . TYR A 1 72  ? -1.445  7.618   1.262   1.00 19.93  ? 65  TYR A CB  1 
ATOM   522  C  CG  . TYR A 1 72  ? -1.432  6.147   1.604   1.00 26.38  ? 65  TYR A CG  1 
ATOM   523  C  CD1 . TYR A 1 72  ? -0.293  5.532   2.123   1.00 25.29  ? 65  TYR A CD1 1 
ATOM   524  C  CD2 . TYR A 1 72  ? -2.540  5.370   1.365   1.00 22.21  ? 65  TYR A CD2 1 
ATOM   525  C  CE1 . TYR A 1 72  ? -0.281  4.154   2.399   1.00 30.81  ? 65  TYR A CE1 1 
ATOM   526  C  CE2 . TYR A 1 72  ? -2.533  4.012   1.628   1.00 31.47  ? 65  TYR A CE2 1 
ATOM   527  C  CZ  . TYR A 1 72  ? -1.425  3.408   2.142   1.00 28.83  ? 65  TYR A CZ  1 
ATOM   528  O  OH  . TYR A 1 72  ? -1.520  2.070   2.434   1.00 35.63  ? 65  TYR A OH  1 
ATOM   529  N  N   . ALA A 1 73  ? -2.147  7.499   -1.707  1.00 23.49  ? 66  ALA A N   1 
ATOM   530  C  CA  . ALA A 1 73  ? -2.631  6.724   -2.869  1.00 25.40  ? 66  ALA A CA  1 
ATOM   531  C  C   . ALA A 1 73  ? -1.590  6.695   -4.009  1.00 25.31  ? 66  ALA A C   1 
ATOM   532  O  O   . ALA A 1 73  ? -1.456  5.688   -4.710  1.00 28.44  ? 66  ALA A O   1 
ATOM   533  C  CB  . ALA A 1 73  ? -3.952  7.303   -3.385  1.00 23.91  ? 66  ALA A CB  1 
ATOM   534  N  N   . GLN A 1 74  ? -0.909  7.822   -4.218  1.00 24.36  ? 67  GLN A N   1 
ATOM   535  C  CA  . GLN A 1 74  ? 0.100   7.910   -5.237  1.00 25.15  ? 67  GLN A CA  1 
ATOM   536  C  C   . GLN A 1 74  ? 1.264   6.940   -4.941  1.00 25.48  ? 67  GLN A C   1 
ATOM   537  O  O   . GLN A 1 74  ? 1.758   6.297   -5.861  1.00 23.14  ? 67  GLN A O   1 
ATOM   538  C  CB  . GLN A 1 74  ? 0.607   9.346   -5.348  1.00 27.23  ? 67  GLN A CB  1 
ATOM   539  C  CG  . GLN A 1 74  ? 1.528   9.635   -6.573  1.00 37.40  ? 67  GLN A CG  1 
ATOM   540  C  CD  . GLN A 1 74  ? 2.993   9.169   -6.385  1.00 44.51  ? 67  GLN A CD  1 
ATOM   541  O  OE1 . GLN A 1 74  ? 3.574   9.289   -5.273  1.00 47.15  ? 67  GLN A OE1 1 
ATOM   542  N  NE2 . GLN A 1 74  ? 3.607   8.649   -7.478  1.00 43.47  ? 67  GLN A NE2 1 
ATOM   543  N  N   . HIS A 1 75  ? 1.685   6.827   -3.667  1.00 22.83  ? 68  HIS A N   1 
ATOM   544  C  CA  . HIS A 1 75  ? 2.752   5.902   -3.344  1.00 21.98  ? 68  HIS A CA  1 
ATOM   545  C  C   . HIS A 1 75  ? 2.328   4.483   -3.541  1.00 23.97  ? 68  HIS A C   1 
ATOM   546  O  O   . HIS A 1 75  ? 3.117   3.648   -3.984  1.00 21.40  ? 68  HIS A O   1 
ATOM   547  C  CB  . HIS A 1 75  ? 3.200   6.073   -1.924  1.00 22.53  ? 68  HIS A CB  1 
ATOM   548  C  CG  . HIS A 1 75  ? 4.089   7.260   -1.744  1.00 28.05  ? 68  HIS A CG  1 
ATOM   549  N  ND1 . HIS A 1 75  ? 5.331   7.340   -2.334  1.00 28.18  ? 68  HIS A ND1 1 
ATOM   550  C  CD2 . HIS A 1 75  ? 3.868   8.465   -1.148  1.00 26.06  ? 68  HIS A CD2 1 
ATOM   551  C  CE1 . HIS A 1 75  ? 5.836   8.544   -2.122  1.00 26.21  ? 68  HIS A CE1 1 
ATOM   552  N  NE2 . HIS A 1 75  ? 4.966   9.243   -1.401  1.00 29.70  ? 68  HIS A NE2 1 
ATOM   553  N  N   . VAL A 1 76  ? 1.079   4.203   -3.176  1.00 22.85  ? 69  VAL A N   1 
ATOM   554  C  CA  . VAL A 1 76  ? 0.571   2.874   -3.305  1.00 24.58  ? 69  VAL A CA  1 
ATOM   555  C  C   . VAL A 1 76  ? 0.579   2.483   -4.793  1.00 26.11  ? 69  VAL A C   1 
ATOM   556  O  O   . VAL A 1 76  ? 1.069   1.416   -5.161  1.00 23.22  ? 69  VAL A O   1 
ATOM   557  C  CB  . VAL A 1 76  ? -0.862  2.794   -2.698  1.00 27.30  ? 69  VAL A CB  1 
ATOM   558  C  CG1 . VAL A 1 76  ? -1.456  1.457   -2.995  1.00 28.61  ? 69  VAL A CG1 1 
ATOM   559  C  CG2 . VAL A 1 76  ? -0.772  2.956   -1.157  1.00 27.35  ? 69  VAL A CG2 1 
ATOM   560  N  N   . PHE A 1 77  ? -0.009  3.347   -5.621  1.00 25.53  ? 70  PHE A N   1 
ATOM   561  C  CA  . PHE A 1 77  ? -0.083  3.149   -7.074  1.00 24.32  ? 70  PHE A CA  1 
ATOM   562  C  C   . PHE A 1 77  ? 1.362   2.926   -7.555  1.00 26.34  ? 70  PHE A C   1 
ATOM   563  O  O   . PHE A 1 77  ? 1.650   1.941   -8.208  1.00 24.78  ? 70  PHE A O   1 
ATOM   564  C  CB  . PHE A 1 77  ? -0.675  4.424   -7.773  1.00 21.75  ? 70  PHE A CB  1 
ATOM   565  C  CG  . PHE A 1 77  ? -0.980  4.237   -9.232  1.00 27.68  ? 70  PHE A CG  1 
ATOM   566  C  CD1 . PHE A 1 77  ? -2.287  4.080   -9.671  1.00 26.38  ? 70  PHE A CD1 1 
ATOM   567  C  CD2 . PHE A 1 77  ? 0.049   4.205   -10.180 1.00 28.41  ? 70  PHE A CD2 1 
ATOM   568  C  CE1 . PHE A 1 77  ? -2.557  3.893   -11.058 1.00 30.05  ? 70  PHE A CE1 1 
ATOM   569  C  CE2 . PHE A 1 77  ? -0.225  4.017   -11.558 1.00 27.15  ? 70  PHE A CE2 1 
ATOM   570  C  CZ  . PHE A 1 77  ? -1.483  3.865   -11.984 1.00 27.06  ? 70  PHE A CZ  1 
ATOM   571  N  N   . ARG A 1 78  ? 2.273   3.838   -7.211  1.00 28.31  ? 71  ARG A N   1 
ATOM   572  C  CA  . ARG A 1 78  ? 3.671   3.683   -7.652  1.00 31.10  ? 71  ARG A CA  1 
ATOM   573  C  C   . ARG A 1 78  ? 4.246   2.285   -7.350  1.00 31.62  ? 71  ARG A C   1 
ATOM   574  O  O   . ARG A 1 78  ? 4.877   1.672   -8.228  1.00 32.76  ? 71  ARG A O   1 
ATOM   575  C  CB  . ARG A 1 78  ? 4.616   4.734   -7.001  1.00 28.32  ? 71  ARG A CB  1 
ATOM   576  C  CG  . ARG A 1 78  ? 6.106   4.316   -7.224  1.00 31.38  ? 71  ARG A CG  1 
ATOM   577  C  CD  . ARG A 1 78  ? 7.058   5.006   -6.300  1.00 32.80  ? 71  ARG A CD  1 
ATOM   578  N  NE  . ARG A 1 78  ? 6.551   5.157   -4.921  1.00 25.40  ? 71  ARG A NE  1 
ATOM   579  C  CZ  . ARG A 1 78  ? 6.669   4.240   -3.962  1.00 27.23  ? 71  ARG A CZ  1 
ATOM   580  N  NH1 . ARG A 1 78  ? 7.260   3.062   -4.210  1.00 21.72  ? 71  ARG A NH1 1 
ATOM   581  N  NH2 . ARG A 1 78  ? 6.277   4.554   -2.717  1.00 20.11  ? 71  ARG A NH2 1 
ATOM   582  N  N   . SER A 1 79  ? 3.994   1.787   -6.130  1.00 30.00  ? 72  SER A N   1 
ATOM   583  C  CA  . SER A 1 79  ? 4.503   0.502   -5.685  1.00 29.71  ? 72  SER A CA  1 
ATOM   584  C  C   . SER A 1 79  ? 4.021   -0.681  -6.523  1.00 31.98  ? 72  SER A C   1 
ATOM   585  O  O   . SER A 1 79  ? 4.648   -1.754  -6.501  1.00 33.54  ? 72  SER A O   1 
ATOM   586  C  CB  . SER A 1 79  ? 4.165   0.292   -4.210  1.00 24.31  ? 72  SER A CB  1 
ATOM   587  O  OG  . SER A 1 79  ? 2.782   -0.014  -4.001  1.00 26.00  ? 72  SER A OG  1 
ATOM   588  N  N   . PHE A 1 80  ? 2.902   -0.506  -7.242  1.00 31.53  ? 73  PHE A N   1 
ATOM   589  C  CA  . PHE A 1 80  ? 2.380   -1.588  -8.092  1.00 31.38  ? 73  PHE A CA  1 
ATOM   590  C  C   . PHE A 1 80  ? 2.634   -1.311  -9.594  1.00 31.96  ? 73  PHE A C   1 
ATOM   591  O  O   . PHE A 1 80  ? 2.391   -2.155  -10.446 1.00 34.02  ? 73  PHE A O   1 
ATOM   592  C  CB  . PHE A 1 80  ? 0.883   -1.784  -7.827  1.00 29.96  ? 73  PHE A CB  1 
ATOM   593  C  CG  . PHE A 1 80  ? 0.591   -2.526  -6.548  1.00 31.90  ? 73  PHE A CG  1 
ATOM   594  C  CD1 . PHE A 1 80  ? 0.789   -3.925  -6.479  1.00 31.20  ? 73  PHE A CD1 1 
ATOM   595  C  CD2 . PHE A 1 80  ? 0.190   -1.850  -5.407  1.00 29.30  ? 73  PHE A CD2 1 
ATOM   596  C  CE1 . PHE A 1 80  ? 0.600   -4.633  -5.300  1.00 33.15  ? 73  PHE A CE1 1 
ATOM   597  C  CE2 . PHE A 1 80  ? -0.012  -2.549  -4.192  1.00 30.49  ? 73  PHE A CE2 1 
ATOM   598  C  CZ  . PHE A 1 80  ? 0.196   -3.945  -4.133  1.00 30.04  ? 73  PHE A CZ  1 
ATOM   599  N  N   . ASP A 1 81  ? 3.121   -0.118  -9.909  1.00 32.06  ? 74  ASP A N   1 
ATOM   600  C  CA  . ASP A 1 81  ? 3.360   0.265   -11.290 1.00 35.03  ? 74  ASP A CA  1 
ATOM   601  C  C   . ASP A 1 81  ? 4.768   -0.194  -11.718 1.00 37.93  ? 74  ASP A C   1 
ATOM   602  O  O   . ASP A 1 81  ? 5.716   0.588   -11.695 1.00 34.20  ? 74  ASP A O   1 
ATOM   603  C  CB  . ASP A 1 81  ? 3.176   1.775   -11.402 1.00 31.44  ? 74  ASP A CB  1 
ATOM   604  C  CG  . ASP A 1 81  ? 3.294   2.265   -12.828 1.00 30.85  ? 74  ASP A CG  1 
ATOM   605  O  OD1 . ASP A 1 81  ? 3.339   1.450   -13.725 1.00 24.92  ? 74  ASP A OD1 1 
ATOM   606  O  OD2 . ASP A 1 81  ? 3.355   3.471   -13.029 1.00 31.72  ? 74  ASP A OD2 1 
ATOM   607  N  N   . SER A 1 82  ? 4.881   -1.486  -12.057 1.00 43.35  ? 75  SER A N   1 
ATOM   608  C  CA  . SER A 1 82  ? 6.156   -2.142  -12.480 1.00 50.43  ? 75  SER A CA  1 
ATOM   609  C  C   . SER A 1 82  ? 6.925   -1.468  -13.583 1.00 52.22  ? 75  SER A C   1 
ATOM   610  O  O   . SER A 1 82  ? 8.103   -1.158  -13.442 1.00 55.51  ? 75  SER A O   1 
ATOM   611  C  CB  . SER A 1 82  ? 5.912   -3.575  -12.957 1.00 49.75  ? 75  SER A CB  1 
ATOM   612  O  OG  . SER A 1 82  ? 5.605   -4.425  -11.877 1.00 55.40  ? 75  SER A OG  1 
ATOM   613  N  N   . ASN A 1 83  ? 6.250   -1.300  -14.705 1.00 54.29  ? 76  ASN A N   1 
ATOM   614  C  CA  . ASN A 1 83  ? 6.830   -0.701  -15.869 1.00 56.60  ? 76  ASN A CA  1 
ATOM   615  C  C   . ASN A 1 83  ? 6.783   0.801   -15.692 1.00 56.88  ? 76  ASN A C   1 
ATOM   616  O  O   . ASN A 1 83  ? 7.157   1.547   -16.585 1.00 59.00  ? 76  ASN A O   1 
ATOM   617  C  CB  . ASN A 1 83  ? 6.001   -1.106  -17.072 1.00 61.15  ? 76  ASN A CB  1 
ATOM   618  C  CG  . ASN A 1 83  ? 4.524   -0.792  -16.879 1.00 63.71  ? 76  ASN A CG  1 
ATOM   619  O  OD1 . ASN A 1 83  ? 4.170   0.344   -16.569 1.00 65.24  ? 76  ASN A OD1 1 
ATOM   620  N  ND2 . ASN A 1 83  ? 3.665   -1.793  -17.042 1.00 64.63  ? 76  ASN A ND2 1 
ATOM   621  N  N   . LEU A 1 84  ? 6.275   1.260   -14.564 1.00 55.09  ? 77  LEU A N   1 
ATOM   622  C  CA  . LEU A 1 84  ? 6.234   2.701   -14.332 1.00 56.75  ? 77  LEU A CA  1 
ATOM   623  C  C   . LEU A 1 84  ? 5.484   3.523   -15.412 1.00 57.38  ? 77  LEU A C   1 
ATOM   624  O  O   . LEU A 1 84  ? 5.853   4.642   -15.737 1.00 57.84  ? 77  LEU A O   1 
ATOM   625  C  CB  . LEU A 1 84  ? 7.676   3.196   -14.168 1.00 56.43  ? 77  LEU A CB  1 
ATOM   626  C  CG  . LEU A 1 84  ? 8.071   4.163   -13.041 1.00 56.97  ? 77  LEU A CG  1 
ATOM   627  C  CD1 . LEU A 1 84  ? 7.392   3.845   -11.704 1.00 59.07  ? 77  LEU A CD1 1 
ATOM   628  C  CD2 . LEU A 1 84  ? 9.578   4.090   -12.893 1.00 56.80  ? 77  LEU A CD2 1 
ATOM   629  N  N   . ASP A 1 85  ? 4.409   2.937   -15.939 1.00 58.89  ? 78  ASP A N   1 
ATOM   630  C  CA  . ASP A 1 85  ? 3.501   3.524   -16.941 1.00 56.40  ? 78  ASP A CA  1 
ATOM   631  C  C   . ASP A 1 85  ? 2.703   4.680   -16.432 1.00 53.58  ? 78  ASP A C   1 
ATOM   632  O  O   . ASP A 1 85  ? 2.371   5.601   -17.173 1.00 57.46  ? 78  ASP A O   1 
ATOM   633  C  CB  . ASP A 1 85  ? 2.422   2.546   -17.295 1.00 58.74  ? 78  ASP A CB  1 
ATOM   634  C  CG  . ASP A 1 85  ? 2.673   1.870   -18.547 1.00 65.29  ? 78  ASP A CG  1 
ATOM   635  O  OD1 . ASP A 1 85  ? 3.798   1.326   -18.691 1.00 69.39  ? 78  ASP A OD1 1 
ATOM   636  O  OD2 . ASP A 1 85  ? 1.739   1.877   -19.388 1.00 70.36  ? 78  ASP A OD2 1 
ATOM   637  N  N   . GLY A 1 86  ? 2.341   4.588   -15.164 1.00 48.02  ? 79  GLY A N   1 
ATOM   638  C  CA  . GLY A 1 86  ? 1.444   5.551   -14.577 1.00 38.85  ? 79  GLY A CA  1 
ATOM   639  C  C   . GLY A 1 86  ? 0.076   4.865   -14.783 1.00 32.95  ? 79  GLY A C   1 
ATOM   640  O  O   . GLY A 1 86  ? -0.947  5.520   -14.779 1.00 32.35  ? 79  GLY A O   1 
ATOM   641  N  N   . THR A 1 87  ? 0.055   3.546   -15.002 1.00 30.08  ? 80  THR A N   1 
ATOM   642  C  CA  . THR A 1 87  ? -1.221  2.828   -15.148 1.00 29.89  ? 80  THR A CA  1 
ATOM   643  C  C   . THR A 1 87  ? -1.125  1.452   -14.483 1.00 29.34  ? 80  THR A C   1 
ATOM   644  O  O   . THR A 1 87  ? -0.033  0.866   -14.386 1.00 27.84  ? 80  THR A O   1 
ATOM   645  C  CB  . THR A 1 87  ? -1.704  2.588   -16.689 1.00 28.96  ? 80  THR A CB  1 
ATOM   646  O  OG1 . THR A 1 87  ? -0.857  1.638   -17.313 1.00 32.72  ? 80  THR A OG1 1 
ATOM   647  C  CG2 . THR A 1 87  ? -1.662  3.857   -17.528 1.00 27.28  ? 80  THR A CG2 1 
ATOM   648  N  N   . LEU A 1 88  ? -2.270  0.941   -14.016 1.00 25.37  ? 81  LEU A N   1 
ATOM   649  C  CA  . LEU A 1 88  ? -2.343  -0.372  -13.411 1.00 20.58  ? 81  LEU A CA  1 
ATOM   650  C  C   . LEU A 1 88  ? -3.421  -1.080  -14.148 1.00 26.19  ? 81  LEU A C   1 
ATOM   651  O  O   . LEU A 1 88  ? -4.417  -0.427  -14.525 1.00 25.48  ? 81  LEU A O   1 
ATOM   652  C  CB  . LEU A 1 88  ? -2.757  -0.304  -11.948 1.00 18.63  ? 81  LEU A CB  1 
ATOM   653  C  CG  . LEU A 1 88  ? -1.789  0.472   -10.992 1.00 21.87  ? 81  LEU A CG  1 
ATOM   654  C  CD1 . LEU A 1 88  ? -2.366  0.417   -9.534  1.00 21.23  ? 81  LEU A CD1 1 
ATOM   655  C  CD2 . LEU A 1 88  ? -0.345  -0.135  -11.061 1.00 16.86  ? 81  LEU A CD2 1 
ATOM   656  N  N   . ASP A 1 89  ? -3.239  -2.395  -14.375 1.00 25.47  ? 82  ASP A N   1 
ATOM   657  C  CA  . ASP A 1 89  ? -4.290  -3.181  -14.999 1.00 29.18  ? 82  ASP A CA  1 
ATOM   658  C  C   . ASP A 1 89  ? -5.241  -3.592  -13.839 1.00 27.38  ? 82  ASP A C   1 
ATOM   659  O  O   . ASP A 1 89  ? -4.943  -3.313  -12.673 1.00 22.61  ? 82  ASP A O   1 
ATOM   660  C  CB  . ASP A 1 89  ? -3.717  -4.409  -15.762 1.00 36.58  ? 82  ASP A CB  1 
ATOM   661  C  CG  . ASP A 1 89  ? -3.079  -5.443  -14.865 1.00 39.94  ? 82  ASP A CG  1 
ATOM   662  O  OD1 . ASP A 1 89  ? -3.074  -5.263  -13.624 1.00 45.16  ? 82  ASP A OD1 1 
ATOM   663  O  OD2 . ASP A 1 89  ? -2.557  -6.456  -15.414 1.00 48.28  ? 82  ASP A OD2 1 
ATOM   664  N  N   . PHE A 1 90  ? -6.372  -4.230  -14.162 1.00 25.76  ? 83  PHE A N   1 
ATOM   665  C  CA  . PHE A 1 90  ? -7.373  -4.605  -13.165 1.00 28.96  ? 83  PHE A CA  1 
ATOM   666  C  C   . PHE A 1 90  ? -6.790  -5.341  -11.958 1.00 31.07  ? 83  PHE A C   1 
ATOM   667  O  O   . PHE A 1 90  ? -7.018  -4.990  -10.800 1.00 31.44  ? 83  PHE A O   1 
ATOM   668  C  CB  . PHE A 1 90  ? -8.440  -5.477  -13.825 1.00 31.31  ? 83  PHE A CB  1 
ATOM   669  C  CG  . PHE A 1 90  ? -9.553  -5.920  -12.879 1.00 30.22  ? 83  PHE A CG  1 
ATOM   670  C  CD1 . PHE A 1 90  ? -10.479 -5.008  -12.398 1.00 30.76  ? 83  PHE A CD1 1 
ATOM   671  C  CD2 . PHE A 1 90  ? -9.666  -7.236  -12.482 1.00 28.59  ? 83  PHE A CD2 1 
ATOM   672  C  CE1 . PHE A 1 90  ? -11.524 -5.418  -11.511 1.00 29.18  ? 83  PHE A CE1 1 
ATOM   673  C  CE2 . PHE A 1 90  ? -10.705 -7.654  -11.607 1.00 30.53  ? 83  PHE A CE2 1 
ATOM   674  C  CZ  . PHE A 1 90  ? -11.624 -6.730  -11.129 1.00 28.41  ? 83  PHE A CZ  1 
ATOM   675  N  N   . LYS A 1 91  ? -6.016  -6.373  -12.243 1.00 31.71  ? 84  LYS A N   1 
ATOM   676  C  CA  . LYS A 1 91  ? -5.412  -7.171  -11.181 1.00 31.68  ? 84  LYS A CA  1 
ATOM   677  C  C   . LYS A 1 91  ? -4.585  -6.360  -10.203 1.00 25.85  ? 84  LYS A C   1 
ATOM   678  O  O   . LYS A 1 91  ? -4.677  -6.556  -9.003  1.00 22.90  ? 84  LYS A O   1 
ATOM   679  C  CB  . LYS A 1 91  ? -4.547  -8.268  -11.813 1.00 38.68  ? 84  LYS A CB  1 
ATOM   680  C  CG  . LYS A 1 91  ? -3.754  -9.098  -10.792 1.00 46.51  ? 84  LYS A CG  1 
ATOM   681  C  CD  . LYS A 1 91  ? -2.819  -10.128 -11.467 1.00 51.10  ? 84  LYS A CD  1 
ATOM   682  C  CE  . LYS A 1 91  ? -1.552  -9.487  -12.079 1.00 57.57  ? 84  LYS A CE  1 
ATOM   683  N  NZ  . LYS A 1 91  ? -0.792  -8.573  -11.139 1.00 59.60  ? 84  LYS A NZ  1 
ATOM   684  N  N   . GLU A 1 92  ? -3.723  -5.488  -10.710 1.00 22.76  ? 85  GLU A N   1 
ATOM   685  C  CA  . GLU A 1 92  ? -2.902  -4.654  -9.820  1.00 25.68  ? 85  GLU A CA  1 
ATOM   686  C  C   . GLU A 1 92  ? -3.757  -3.615  -9.082  1.00 26.56  ? 85  GLU A C   1 
ATOM   687  O  O   . GLU A 1 92  ? -3.473  -3.233  -7.972  1.00 30.13  ? 85  GLU A O   1 
ATOM   688  C  CB  . GLU A 1 92  ? -1.792  -3.927  -10.617 1.00 29.46  ? 85  GLU A CB  1 
ATOM   689  C  CG  . GLU A 1 92  ? -0.882  -4.858  -11.501 1.00 37.94  ? 85  GLU A CG  1 
ATOM   690  C  CD  . GLU A 1 92  ? -0.083  -4.066  -12.563 1.00 43.48  ? 85  GLU A CD  1 
ATOM   691  O  OE1 . GLU A 1 92  ? -0.671  -3.434  -13.478 1.00 39.42  ? 85  GLU A OE1 1 
ATOM   692  O  OE2 . GLU A 1 92  ? 1.166   -4.053  -12.468 1.00 49.13  ? 85  GLU A OE2 1 
ATOM   693  N  N   . TYR A 1 93  ? -4.822  -3.152  -9.685  1.00 26.43  ? 86  TYR A N   1 
ATOM   694  C  CA  . TYR A 1 93  ? -5.661  -2.164  -9.001  1.00 26.61  ? 86  TYR A CA  1 
ATOM   695  C  C   . TYR A 1 93  ? -6.450  -2.883  -7.889  1.00 23.44  ? 86  TYR A C   1 
ATOM   696  O  O   . TYR A 1 93  ? -6.596  -2.384  -6.798  1.00 21.65  ? 86  TYR A O   1 
ATOM   697  C  CB  . TYR A 1 93  ? -6.567  -1.482  -10.064 1.00 23.49  ? 86  TYR A CB  1 
ATOM   698  C  CG  . TYR A 1 93  ? -8.035  -1.251  -9.679  1.00 29.22  ? 86  TYR A CG  1 
ATOM   699  C  CD1 . TYR A 1 93  ? -8.468  -0.023  -9.150  1.00 23.44  ? 86  TYR A CD1 1 
ATOM   700  C  CD2 . TYR A 1 93  ? -9.005  -2.236  -9.947  1.00 24.60  ? 86  TYR A CD2 1 
ATOM   701  C  CE1 . TYR A 1 93  ? -9.805  0.218   -8.917  1.00 22.18  ? 86  TYR A CE1 1 
ATOM   702  C  CE2 . TYR A 1 93  ? -10.351 -1.996  -9.710  1.00 27.03  ? 86  TYR A CE2 1 
ATOM   703  C  CZ  . TYR A 1 93  ? -10.750 -0.768  -9.194  1.00 25.31  ? 86  TYR A CZ  1 
ATOM   704  O  OH  . TYR A 1 93  ? -12.102 -0.566  -8.925  1.00 30.48  ? 86  TYR A OH  1 
ATOM   705  N  N   . VAL A 1 94  ? -6.918  -4.091  -8.149  1.00 26.30  ? 87  VAL A N   1 
ATOM   706  C  CA  . VAL A 1 94  ? -7.637  -4.816  -7.096  1.00 27.11  ? 87  VAL A CA  1 
ATOM   707  C  C   . VAL A 1 94  ? -6.716  -5.119  -5.904  1.00 28.80  ? 87  VAL A C   1 
ATOM   708  O  O   . VAL A 1 94  ? -7.089  -4.905  -4.743  1.00 29.56  ? 87  VAL A O   1 
ATOM   709  C  CB  . VAL A 1 94  ? -8.311  -6.134  -7.640  1.00 28.77  ? 87  VAL A CB  1 
ATOM   710  C  CG1 . VAL A 1 94  ? -8.986  -6.912  -6.465  1.00 26.89  ? 87  VAL A CG1 1 
ATOM   711  C  CG2 . VAL A 1 94  ? -9.387  -5.779  -8.699  1.00 22.16  ? 87  VAL A CG2 1 
ATOM   712  N  N   . ILE A 1 95  ? -5.514  -5.627  -6.177  1.00 28.51  ? 88  ILE A N   1 
ATOM   713  C  CA  . ILE A 1 95  ? -4.570  -5.911  -5.106  1.00 27.76  ? 88  ILE A CA  1 
ATOM   714  C  C   . ILE A 1 95  ? -4.161  -4.626  -4.357  1.00 27.56  ? 88  ILE A C   1 
ATOM   715  O  O   . ILE A 1 95  ? -4.000  -4.619  -3.134  1.00 28.89  ? 88  ILE A O   1 
ATOM   716  C  CB  . ILE A 1 95  ? -3.234  -6.568  -5.617  1.00 28.28  ? 88  ILE A CB  1 
ATOM   717  C  CG1 . ILE A 1 95  ? -3.488  -7.891  -6.384  1.00 34.14  ? 88  ILE A CG1 1 
ATOM   718  C  CG2 . ILE A 1 95  ? -2.336  -6.849  -4.406  1.00 31.80  ? 88  ILE A CG2 1 
ATOM   719  C  CD1 . ILE A 1 95  ? -4.244  -8.925  -5.590  1.00 38.93  ? 88  ILE A CD1 1 
ATOM   720  N  N   . ALA A 1 96  ? -3.975  -3.544  -5.099  1.00 24.77  ? 89  ALA A N   1 
ATOM   721  C  CA  . ALA A 1 96  ? -3.573  -2.315  -4.482  1.00 25.19  ? 89  ALA A CA  1 
ATOM   722  C  C   . ALA A 1 96  ? -4.629  -1.855  -3.480  1.00 27.99  ? 89  ALA A C   1 
ATOM   723  O  O   . ALA A 1 96  ? -4.285  -1.426  -2.373  1.00 24.73  ? 89  ALA A O   1 
ATOM   724  C  CB  . ALA A 1 96  ? -3.335  -1.300  -5.531  1.00 22.21  ? 89  ALA A CB  1 
ATOM   725  N  N   . LEU A 1 97  ? -5.905  -1.991  -3.864  1.00 27.56  ? 90  LEU A N   1 
ATOM   726  C  CA  . LEU A 1 97  ? -6.998  -1.586  -3.011  1.00 30.43  ? 90  LEU A CA  1 
ATOM   727  C  C   . LEU A 1 97  ? -6.998  -2.443  -1.781  1.00 32.76  ? 90  LEU A C   1 
ATOM   728  O  O   . LEU A 1 97  ? -7.523  -2.046  -0.734  1.00 29.96  ? 90  LEU A O   1 
ATOM   729  C  CB  . LEU A 1 97  ? -8.343  -1.751  -3.699  1.00 28.59  ? 90  LEU A CB  1 
ATOM   730  C  CG  . LEU A 1 97  ? -8.721  -0.591  -4.610  1.00 30.46  ? 90  LEU A CG  1 
ATOM   731  C  CD1 . LEU A 1 97  ? -9.999  -1.003  -5.363  1.00 27.19  ? 90  LEU A CD1 1 
ATOM   732  C  CD2 . LEU A 1 97  ? -8.887  0.686   -3.808  1.00 25.83  ? 90  LEU A CD2 1 
ATOM   733  N  N   . HIS A 1 98  ? -6.403  -3.619  -1.900  1.00 36.60  ? 91  HIS A N   1 
ATOM   734  C  CA  . HIS A 1 98  ? -6.337  -4.481  -0.734  1.00 42.90  ? 91  HIS A CA  1 
ATOM   735  C  C   . HIS A 1 98  ? -5.193  -4.133  0.224   1.00 46.85  ? 91  HIS A C   1 
ATOM   736  O  O   . HIS A 1 98  ? -5.320  -4.281  1.435   1.00 47.06  ? 91  HIS A O   1 
ATOM   737  C  CB  . HIS A 1 98  ? -6.233  -5.926  -1.180  1.00 42.18  ? 91  HIS A CB  1 
ATOM   738  C  CG  . HIS A 1 98  ? -7.547  -6.542  -1.526  1.00 40.39  ? 91  HIS A CG  1 
ATOM   739  N  ND1 . HIS A 1 98  ? -8.165  -7.481  -0.718  1.00 43.47  ? 91  HIS A ND1 1 
ATOM   740  C  CD2 . HIS A 1 98  ? -8.362  -6.368  -2.591  1.00 40.22  ? 91  HIS A CD2 1 
ATOM   741  C  CE1 . HIS A 1 98  ? -9.307  -7.856  -1.275  1.00 41.24  ? 91  HIS A CE1 1 
ATOM   742  N  NE2 . HIS A 1 98  ? -9.450  -7.197  -2.413  1.00 38.69  ? 91  HIS A NE2 1 
HETATM 743  N  N   . MSE A 1 99  ? -4.074  -3.638  -0.285  1.00 53.19  ? 92  MSE A N   1 
HETATM 744  C  CA  . MSE A 1 99  ? -2.976  -3.338  0.625   1.00 59.73  ? 92  MSE A CA  1 
HETATM 745  C  C   . MSE A 1 99  ? -3.378  -2.363  1.712   1.00 62.54  ? 92  MSE A C   1 
HETATM 746  O  O   . MSE A 1 99  ? -3.006  -2.516  2.868   1.00 63.77  ? 92  MSE A O   1 
HETATM 747  C  CB  . MSE A 1 99  ? -1.728  -2.822  -0.145  1.00 62.68  ? 92  MSE A CB  1 
HETATM 748  C  CG  . MSE A 1 99  ? -1.102  -3.866  -1.112  1.00 68.35  ? 92  MSE A CG  1 
HETATM 749  SE SE  . MSE A 1 99  ? -0.885  -5.744  -0.428  1.00 79.64  ? 92  MSE A SE  1 
HETATM 750  C  CE  . MSE A 1 99  ? 0.479   -6.626  -1.624  1.00 74.27  ? 92  MSE A CE  1 
ATOM   751  N  N   . THR A 1 100 ? -4.171  -1.376  1.359   1.00 67.31  ? 93  THR A N   1 
ATOM   752  C  CA  . THR A 1 100 ? -4.563  -0.388  2.346   1.00 74.55  ? 93  THR A CA  1 
ATOM   753  C  C   . THR A 1 100 ? -5.132  -0.994  3.617   1.00 76.86  ? 93  THR A C   1 
ATOM   754  O  O   . THR A 1 100 ? -4.450  -1.043  4.645   1.00 78.63  ? 93  THR A O   1 
ATOM   755  C  CB  . THR A 1 100 ? -5.578  0.655   1.757   1.00 76.29  ? 93  THR A CB  1 
ATOM   756  O  OG1 . THR A 1 100 ? -6.078  1.483   2.823   1.00 78.80  ? 93  THR A OG1 1 
ATOM   757  C  CG2 . THR A 1 100 ? -6.726  -0.031  1.002   1.00 73.87  ? 93  THR A CG2 1 
ATOM   758  N  N   . THR A 1 101 ? -6.366  -1.473  3.545   1.00 79.56  ? 94  THR A N   1 
ATOM   759  C  CA  . THR A 1 101 ? -7.014  -2.050  4.706   1.00 82.85  ? 94  THR A CA  1 
ATOM   760  C  C   . THR A 1 101 ? -6.712  -3.519  4.956   1.00 85.14  ? 94  THR A C   1 
ATOM   761  O  O   . THR A 1 101 ? -7.385  -4.394  4.409   1.00 84.06  ? 94  THR A O   1 
ATOM   762  C  CB  . THR A 1 101 ? -8.501  -1.886  4.583   1.00 83.66  ? 94  THR A CB  1 
ATOM   763  O  OG1 . THR A 1 101 ? -8.934  -2.418  3.318   1.00 80.91  ? 94  THR A OG1 1 
ATOM   764  C  CG2 . THR A 1 101 ? -8.870  -0.390  4.724   1.00 83.20  ? 94  THR A CG2 1 
ATOM   765  N  N   . ALA A 1 102 ? -5.701  -3.769  5.792   1.00 88.68  ? 95  ALA A N   1 
ATOM   766  C  CA  . ALA A 1 102 ? -5.252  -5.121  6.166   1.00 92.48  ? 95  ALA A CA  1 
ATOM   767  C  C   . ALA A 1 102 ? -5.868  -6.270  5.354   1.00 94.95  ? 95  ALA A C   1 
ATOM   768  O  O   . ALA A 1 102 ? -5.501  -6.490  4.194   1.00 94.94  ? 95  ALA A O   1 
ATOM   769  C  CB  . ALA A 1 102 ? -5.500  -5.362  7.673   1.00 92.15  ? 95  ALA A CB  1 
ATOM   770  N  N   . GLY A 1 103 ? -6.792  -7.007  5.979   1.00 97.40  ? 96  GLY A N   1 
ATOM   771  C  CA  . GLY A 1 103 ? -7.443  -8.128  5.314   1.00 98.80  ? 96  GLY A CA  1 
ATOM   772  C  C   . GLY A 1 103 ? -6.401  -9.201  5.066   1.00 100.59 ? 96  GLY A C   1 
ATOM   773  O  O   . GLY A 1 103 ? -6.649  -10.209 4.381   1.00 101.08 ? 96  GLY A O   1 
ATOM   774  N  N   . LYS A 1 104 ? -5.226  -8.959  5.653   1.00 101.19 ? 97  LYS A N   1 
ATOM   775  C  CA  . LYS A 1 104 ? -4.053  -9.823  5.552   1.00 101.91 ? 97  LYS A CA  1 
ATOM   776  C  C   . LYS A 1 104 ? -2.901  -8.991  6.139   1.00 102.41 ? 97  LYS A C   1 
ATOM   777  O  O   . LYS A 1 104 ? -2.583  -7.928  5.608   1.00 102.65 ? 97  LYS A O   1 
ATOM   778  C  CB  . LYS A 1 104 ? -3.784  -10.163 4.075   1.00 101.21 ? 97  LYS A CB  1 
ATOM   779  C  CG  . LYS A 1 104 ? -3.511  -11.630 3.763   1.00 100.35 ? 97  LYS A CG  1 
ATOM   780  C  CD  . LYS A 1 104 ? -2.052  -11.990 3.996   1.00 100.50 ? 97  LYS A CD  1 
ATOM   781  C  CE  . LYS A 1 104 ? -1.756  -12.274 5.460   1.00 99.88  ? 97  LYS A CE  1 
ATOM   782  N  NZ  . LYS A 1 104 ? -2.401  -13.537 5.924   1.00 99.42  ? 97  LYS A NZ  1 
ATOM   783  N  N   . THR A 1 105 ? -2.323  -9.442  7.259   1.00 102.55 ? 98  THR A N   1 
ATOM   784  C  CA  . THR A 1 105 ? -1.191  -8.748  7.917   1.00 101.79 ? 98  THR A CA  1 
ATOM   785  C  C   . THR A 1 105 ? 0.075   -9.572  7.620   1.00 101.03 ? 98  THR A C   1 
ATOM   786  O  O   . THR A 1 105 ? -0.024  -10.791 7.398   1.00 101.34 ? 98  THR A O   1 
ATOM   787  C  CB  . THR A 1 105 ? -1.410  -8.610  9.461   1.00 102.61 ? 98  THR A CB  1 
ATOM   788  O  OG1 . THR A 1 105 ? -2.395  -7.590  9.716   1.00 102.04 ? 98  THR A OG1 1 
ATOM   789  C  CG2 . THR A 1 105 ? -0.088  -8.256  10.179  1.00 101.92 ? 98  THR A CG2 1 
ATOM   790  N  N   . ASN A 1 106 ? 1.249   -8.923  7.636   1.00 99.25  ? 99  ASN A N   1 
ATOM   791  C  CA  . ASN A 1 106 ? 2.520   -9.571  7.244   1.00 97.17  ? 99  ASN A CA  1 
ATOM   792  C  C   . ASN A 1 106 ? 2.140   -9.874  5.778   1.00 95.38  ? 99  ASN A C   1 
ATOM   793  O  O   . ASN A 1 106 ? 2.739   -10.717 5.079   1.00 94.67  ? 99  ASN A O   1 
ATOM   794  C  CB  . ASN A 1 106 ? 2.811   -10.884 8.019   1.00 97.66  ? 99  ASN A CB  1 
ATOM   795  C  CG  . ASN A 1 106 ? 4.228   -11.418 7.759   1.00 96.62  ? 99  ASN A CG  1 
ATOM   796  O  OD1 . ASN A 1 106 ? 5.214   -10.817 8.196   1.00 96.53  ? 99  ASN A OD1 1 
ATOM   797  N  ND2 . ASN A 1 106 ? 4.331   -12.538 7.039   1.00 95.38  ? 99  ASN A ND2 1 
ATOM   798  N  N   . GLN A 1 107 ? 1.092   -9.140  5.379   1.00 92.83  ? 100 GLN A N   1 
ATOM   799  C  CA  . GLN A 1 107 ? 0.434   -9.156  4.075   1.00 88.24  ? 100 GLN A CA  1 
ATOM   800  C  C   . GLN A 1 107 ? 1.479   -8.843  3.054   1.00 83.33  ? 100 GLN A C   1 
ATOM   801  O  O   . GLN A 1 107 ? 1.709   -7.679  2.748   1.00 83.04  ? 100 GLN A O   1 
ATOM   802  C  CB  . GLN A 1 107 ? -0.633  -8.063  4.036   1.00 88.83  ? 100 GLN A CB  1 
ATOM   803  C  CG  . GLN A 1 107 ? -0.212  -6.775  4.766   1.00 89.78  ? 100 GLN A CG  1 
ATOM   804  C  CD  . GLN A 1 107 ? -1.249  -5.678  4.656   1.00 91.52  ? 100 GLN A CD  1 
ATOM   805  O  OE1 . GLN A 1 107 ? -1.524  -5.196  3.561   1.00 91.89  ? 100 GLN A OE1 1 
ATOM   806  N  NE2 . GLN A 1 107 ? -1.820  -5.265  5.792   1.00 92.35  ? 100 GLN A NE2 1 
ATOM   807  N  N   . LYS A 1 108 ? 2.089   -9.877  2.504   1.00 76.87  ? 101 LYS A N   1 
ATOM   808  C  CA  . LYS A 1 108 ? 3.137   -9.641  1.549   1.00 70.93  ? 101 LYS A CA  1 
ATOM   809  C  C   . LYS A 1 108 ? 4.098   -8.592  2.137   1.00 65.20  ? 101 LYS A C   1 
ATOM   810  O  O   . LYS A 1 108 ? 3.867   -7.375  2.042   1.00 63.46  ? 101 LYS A O   1 
ATOM   811  C  CB  . LYS A 1 108 ? 2.555   -9.143  0.229   1.00 71.78  ? 101 LYS A CB  1 
ATOM   812  C  CG  . LYS A 1 108 ? 1.422   -10.009 -0.278  1.00 75.07  ? 101 LYS A CG  1 
ATOM   813  C  CD  . LYS A 1 108 ? 1.892   -11.421 -0.576  1.00 75.50  ? 101 LYS A CD  1 
ATOM   814  C  CE  . LYS A 1 108 ? 0.788   -12.433 -0.286  1.00 76.57  ? 101 LYS A CE  1 
ATOM   815  N  NZ  . LYS A 1 108 ? 1.234   -13.825 -0.595  1.00 77.24  ? 101 LYS A NZ  1 
ATOM   816  N  N   . LEU A 1 109 ? 5.152   -9.063  2.798   1.00 56.62  ? 102 LEU A N   1 
ATOM   817  C  CA  . LEU A 1 109 ? 6.138   -8.138  3.301   1.00 47.93  ? 102 LEU A CA  1 
ATOM   818  C  C   . LEU A 1 109 ? 6.688   -7.562  2.017   1.00 42.92  ? 102 LEU A C   1 
ATOM   819  O  O   . LEU A 1 109 ? 7.251   -6.494  2.021   1.00 38.79  ? 102 LEU A O   1 
ATOM   820  C  CB  . LEU A 1 109 ? 7.226   -8.868  4.084   1.00 45.98  ? 102 LEU A CB  1 
ATOM   821  C  CG  . LEU A 1 109 ? 6.841   -9.058  5.558   1.00 46.97  ? 102 LEU A CG  1 
ATOM   822  C  CD1 . LEU A 1 109 ? 7.978   -9.763  6.352   1.00 46.04  ? 102 LEU A CD1 1 
ATOM   823  C  CD2 . LEU A 1 109 ? 6.545   -7.683  6.159   1.00 40.97  ? 102 LEU A CD2 1 
ATOM   824  N  N   . GLU A 1 110 ? 6.490   -8.295  0.919   1.00 39.22  ? 103 GLU A N   1 
ATOM   825  C  CA  . GLU A 1 110 ? 6.925   -7.886  -0.416  1.00 36.74  ? 103 GLU A CA  1 
ATOM   826  C  C   . GLU A 1 110 ? 6.384   -6.481  -0.794  1.00 34.05  ? 103 GLU A C   1 
ATOM   827  O  O   . GLU A 1 110 ? 7.125   -5.619  -1.297  1.00 32.89  ? 103 GLU A O   1 
ATOM   828  C  CB  . GLU A 1 110 ? 6.428   -8.907  -1.449  1.00 37.01  ? 103 GLU A CB  1 
ATOM   829  C  CG  . GLU A 1 110 ? 6.870   -8.607  -2.921  1.00 48.37  ? 103 GLU A CG  1 
ATOM   830  C  CD  . GLU A 1 110 ? 6.647   -9.798  -3.899  1.00 51.49  ? 103 GLU A CD  1 
ATOM   831  O  OE1 . GLU A 1 110 ? 5.479   -10.168 -4.139  1.00 51.89  ? 103 GLU A OE1 1 
ATOM   832  O  OE2 . GLU A 1 110 ? 7.644   -10.372 -4.422  1.00 55.58  ? 103 GLU A OE2 1 
ATOM   833  N  N   . TRP A 1 111 ? 5.075   -6.286  -0.601  1.00 30.47  ? 104 TRP A N   1 
ATOM   834  C  CA  . TRP A 1 111 ? 4.447   -5.029  -0.931  1.00 29.01  ? 104 TRP A CA  1 
ATOM   835  C  C   . TRP A 1 111 ? 4.902   -3.909  -0.034  1.00 26.78  ? 104 TRP A C   1 
ATOM   836  O  O   . TRP A 1 111 ? 5.116   -2.824  -0.504  1.00 26.12  ? 104 TRP A O   1 
ATOM   837  C  CB  . TRP A 1 111 ? 2.919   -5.099  -0.837  1.00 33.46  ? 104 TRP A CB  1 
ATOM   838  C  CG  . TRP A 1 111 ? 2.370   -3.724  -1.062  1.00 44.54  ? 104 TRP A CG  1 
ATOM   839  C  CD1 . TRP A 1 111 ? 2.539   -2.924  -2.204  1.00 44.46  ? 104 TRP A CD1 1 
ATOM   840  C  CD2 . TRP A 1 111 ? 1.678   -2.899  -0.095  1.00 48.56  ? 104 TRP A CD2 1 
ATOM   841  N  NE1 . TRP A 1 111 ? 1.997   -1.678  -1.968  1.00 49.63  ? 104 TRP A NE1 1 
ATOM   842  C  CE2 . TRP A 1 111 ? 1.466   -1.639  -0.694  1.00 49.17  ? 104 TRP A CE2 1 
ATOM   843  C  CE3 . TRP A 1 111 ? 1.235   -3.105  1.216   1.00 51.78  ? 104 TRP A CE3 1 
ATOM   844  C  CZ2 . TRP A 1 111 ? 0.828   -0.611  -0.028  1.00 50.94  ? 104 TRP A CZ2 1 
ATOM   845  C  CZ3 . TRP A 1 111 ? 0.609   -2.071  1.871   1.00 56.08  ? 104 TRP A CZ3 1 
ATOM   846  C  CH2 . TRP A 1 111 ? 0.410   -0.839  1.246   1.00 53.97  ? 104 TRP A CH2 1 
ATOM   847  N  N   . ALA A 1 112 ? 5.023   -4.178  1.277   1.00 26.87  ? 105 ALA A N   1 
ATOM   848  C  CA  . ALA A 1 112 ? 5.456   -3.180  2.240   1.00 26.45  ? 105 ALA A CA  1 
ATOM   849  C  C   . ALA A 1 112 ? 6.873   -2.684  1.813   1.00 26.29  ? 105 ALA A C   1 
ATOM   850  O  O   . ALA A 1 112 ? 7.176   -1.473  1.852   1.00 28.58  ? 105 ALA A O   1 
ATOM   851  C  CB  . ALA A 1 112 ? 5.477   -3.794  3.648   1.00 24.28  ? 105 ALA A CB  1 
ATOM   852  N  N   . PHE A 1 113 ? 7.710   -3.587  1.326   1.00 21.91  ? 106 PHE A N   1 
ATOM   853  C  CA  . PHE A 1 113 ? 9.073   -3.152  0.897   1.00 24.53  ? 106 PHE A CA  1 
ATOM   854  C  C   . PHE A 1 113 ? 8.968   -2.255  -0.329  1.00 22.10  ? 106 PHE A C   1 
ATOM   855  O  O   . PHE A 1 113 ? 9.575   -1.182  -0.404  1.00 26.86  ? 106 PHE A O   1 
ATOM   856  C  CB  . PHE A 1 113 ? 9.998   -4.370  0.553   1.00 24.02  ? 106 PHE A CB  1 
ATOM   857  C  CG  . PHE A 1 113 ? 11.443  -3.977  0.227   1.00 23.83  ? 106 PHE A CG  1 
ATOM   858  C  CD1 . PHE A 1 113 ? 12.344  -3.658  1.253   1.00 21.88  ? 106 PHE A CD1 1 
ATOM   859  C  CD2 . PHE A 1 113 ? 11.831  -3.756  -1.098  1.00 21.96  ? 106 PHE A CD2 1 
ATOM   860  C  CE1 . PHE A 1 113 ? 13.624  -3.098  0.961   1.00 24.84  ? 106 PHE A CE1 1 
ATOM   861  C  CE2 . PHE A 1 113 ? 13.116  -3.187  -1.411  1.00 27.26  ? 106 PHE A CE2 1 
ATOM   862  C  CZ  . PHE A 1 113 ? 14.004  -2.857  -0.368  1.00 22.86  ? 106 PHE A CZ  1 
ATOM   863  N  N   . SER A 1 114 ? 8.194   -2.691  -1.308  1.00 22.79  ? 107 SER A N   1 
ATOM   864  C  CA  . SER A 1 114 ? 8.049   -1.897  -2.535  1.00 22.62  ? 107 SER A CA  1 
ATOM   865  C  C   . SER A 1 114 ? 7.484   -0.533  -2.238  1.00 20.65  ? 107 SER A C   1 
ATOM   866  O  O   . SER A 1 114 ? 7.854   0.425   -2.894  1.00 22.41  ? 107 SER A O   1 
ATOM   867  C  CB  . SER A 1 114 ? 7.104   -2.572  -3.525  1.00 20.64  ? 107 SER A CB  1 
ATOM   868  O  OG  . SER A 1 114 ? 7.651   -3.781  -3.899  1.00 32.65  ? 107 SER A OG  1 
ATOM   869  N  N   . LEU A 1 115 ? 6.591   -0.440  -1.248  1.00 20.06  ? 108 LEU A N   1 
ATOM   870  C  CA  . LEU A 1 115 ? 5.989   0.841   -0.932  1.00 20.95  ? 108 LEU A CA  1 
ATOM   871  C  C   . LEU A 1 115 ? 7.035   1.807   -0.362  1.00 24.68  ? 108 LEU A C   1 
ATOM   872  O  O   . LEU A 1 115 ? 7.201   2.966   -0.837  1.00 24.93  ? 108 LEU A O   1 
ATOM   873  C  CB  . LEU A 1 115 ? 4.853   0.623   0.060   1.00 19.24  ? 108 LEU A CB  1 
ATOM   874  C  CG  . LEU A 1 115 ? 4.236   1.917   0.596   1.00 19.12  ? 108 LEU A CG  1 
ATOM   875  C  CD1 . LEU A 1 115 ? 3.370   2.522   -0.454  1.00 19.18  ? 108 LEU A CD1 1 
ATOM   876  C  CD2 . LEU A 1 115 ? 3.379   1.601   1.880   1.00 18.31  ? 108 LEU A CD2 1 
ATOM   877  N  N   . TYR A 1 116 ? 7.807   1.298   0.600   1.00 21.41  ? 109 TYR A N   1 
ATOM   878  C  CA  . TYR A 1 116 ? 8.823   2.103   1.257   1.00 21.92  ? 109 TYR A CA  1 
ATOM   879  C  C   . TYR A 1 116 ? 10.051  2.402   0.397   1.00 25.14  ? 109 TYR A C   1 
ATOM   880  O  O   . TYR A 1 116 ? 10.743  3.353   0.691   1.00 25.35  ? 109 TYR A O   1 
ATOM   881  C  CB  . TYR A 1 116 ? 9.259   1.453   2.582   1.00 23.80  ? 109 TYR A CB  1 
ATOM   882  C  CG  . TYR A 1 116 ? 8.276   1.649   3.743   1.00 23.80  ? 109 TYR A CG  1 
ATOM   883  C  CD1 . TYR A 1 116 ? 7.270   0.734   4.013   1.00 22.71  ? 109 TYR A CD1 1 
ATOM   884  C  CD2 . TYR A 1 116 ? 8.352   2.790   4.535   1.00 17.60  ? 109 TYR A CD2 1 
ATOM   885  C  CE1 . TYR A 1 116 ? 6.355   0.966   5.058   1.00 26.55  ? 109 TYR A CE1 1 
ATOM   886  C  CE2 . TYR A 1 116 ? 7.477   3.028   5.541   1.00 25.00  ? 109 TYR A CE2 1 
ATOM   887  C  CZ  . TYR A 1 116 ? 6.478   2.129   5.806   1.00 29.41  ? 109 TYR A CZ  1 
ATOM   888  O  OH  . TYR A 1 116 ? 5.588   2.490   6.775   1.00 36.35  ? 109 TYR A OH  1 
ATOM   889  N  N   . ASP A 1 117 ? 10.350  1.589   -0.629  1.00 27.49  ? 110 ASP A N   1 
ATOM   890  C  CA  . ASP A 1 117 ? 11.495  1.875   -1.544  1.00 27.47  ? 110 ASP A CA  1 
ATOM   891  C  C   . ASP A 1 117 ? 10.945  2.845   -2.639  1.00 29.96  ? 110 ASP A C   1 
ATOM   892  O  O   . ASP A 1 117 ? 10.664  2.473   -3.781  1.00 27.71  ? 110 ASP A O   1 
ATOM   893  C  CB  . ASP A 1 117 ? 11.993  0.580   -2.170  1.00 25.40  ? 110 ASP A CB  1 
ATOM   894  C  CG  . ASP A 1 117 ? 13.090  0.804   -3.253  1.00 29.39  ? 110 ASP A CG  1 
ATOM   895  O  OD1 . ASP A 1 117 ? 13.596  1.923   -3.412  1.00 23.50  ? 110 ASP A OD1 1 
ATOM   896  O  OD2 . ASP A 1 117 ? 13.426  -0.173  -3.946  1.00 27.21  ? 110 ASP A OD2 1 
ATOM   897  N  N   . VAL A 1 118 ? 10.776  4.096   -2.243  1.00 32.63  ? 111 VAL A N   1 
ATOM   898  C  CA  . VAL A 1 118 ? 10.162  5.138   -3.093  1.00 34.27  ? 111 VAL A CA  1 
ATOM   899  C  C   . VAL A 1 118 ? 10.807  5.268   -4.445  1.00 37.11  ? 111 VAL A C   1 
ATOM   900  O  O   . VAL A 1 118 ? 10.140  5.177   -5.487  1.00 38.72  ? 111 VAL A O   1 
ATOM   901  C  CB  . VAL A 1 118 ? 10.137  6.492   -2.324  1.00 31.56  ? 111 VAL A CB  1 
ATOM   902  C  CG1 . VAL A 1 118 ? 9.385   7.610   -3.139  1.00 30.00  ? 111 VAL A CG1 1 
ATOM   903  C  CG2 . VAL A 1 118 ? 9.433   6.274   -1.009  1.00 25.88  ? 111 VAL A CG2 1 
ATOM   904  N  N   . ASP A 1 119 ? 12.122  5.392   -4.403  1.00 39.59  ? 112 ASP A N   1 
ATOM   905  C  CA  . ASP A 1 119 ? 12.966  5.507   -5.578  1.00 41.90  ? 112 ASP A CA  1 
ATOM   906  C  C   . ASP A 1 119 ? 13.011  4.271   -6.371  1.00 37.93  ? 112 ASP A C   1 
ATOM   907  O  O   . ASP A 1 119 ? 13.447  4.322   -7.479  1.00 40.70  ? 112 ASP A O   1 
ATOM   908  C  CB  . ASP A 1 119 ? 14.404  5.852   -5.173  1.00 48.16  ? 112 ASP A CB  1 
ATOM   909  C  CG  . ASP A 1 119 ? 14.536  7.285   -4.793  1.00 54.54  ? 112 ASP A CG  1 
ATOM   910  O  OD1 . ASP A 1 119 ? 15.397  7.599   -3.929  1.00 58.04  ? 112 ASP A OD1 1 
ATOM   911  O  OD2 . ASP A 1 119 ? 13.753  8.106   -5.374  1.00 59.51  ? 112 ASP A OD2 1 
ATOM   912  N  N   . GLY A 1 120 ? 12.595  3.160   -5.799  1.00 37.97  ? 113 GLY A N   1 
ATOM   913  C  CA  . GLY A 1 120 ? 12.623  1.911   -6.518  1.00 40.18  ? 113 GLY A CA  1 
ATOM   914  C  C   . GLY A 1 120 ? 14.038  1.395   -6.815  1.00 43.40  ? 113 GLY A C   1 
ATOM   915  O  O   . GLY A 1 120 ? 14.219  0.543   -7.683  1.00 41.96  ? 113 GLY A O   1 
ATOM   916  N  N   . ASN A 1 121 ? 15.032  1.880   -6.076  1.00 44.47  ? 114 ASN A N   1 
ATOM   917  C  CA  . ASN A 1 121 ? 16.430  1.476   -6.257  1.00 47.13  ? 114 ASN A CA  1 
ATOM   918  C  C   . ASN A 1 121 ? 16.836  0.166   -5.572  1.00 44.57  ? 114 ASN A C   1 
ATOM   919  O  O   . ASN A 1 121 ? 17.974  -0.261  -5.702  1.00 46.70  ? 114 ASN A O   1 
ATOM   920  C  CB  . ASN A 1 121 ? 17.360  2.601   -5.786  1.00 48.84  ? 114 ASN A CB  1 
ATOM   921  C  CG  . ASN A 1 121 ? 17.079  3.000   -4.382  1.00 53.73  ? 114 ASN A CG  1 
ATOM   922  O  OD1 . ASN A 1 121 ? 17.108  2.165   -3.497  1.00 56.81  ? 114 ASN A OD1 1 
ATOM   923  N  ND2 . ASN A 1 121 ? 16.763  4.275   -4.165  1.00 58.75  ? 114 ASN A ND2 1 
ATOM   924  N  N   . GLY A 1 122 ? 15.937  -0.455  -4.820  1.00 41.92  ? 115 GLY A N   1 
ATOM   925  C  CA  . GLY A 1 122 ? 16.278  -1.723  -4.197  1.00 35.57  ? 115 GLY A CA  1 
ATOM   926  C  C   . GLY A 1 122 ? 16.604  -1.708  -2.720  1.00 35.90  ? 115 GLY A C   1 
ATOM   927  O  O   . GLY A 1 122 ? 16.823  -2.756  -2.116  1.00 32.91  ? 115 GLY A O   1 
ATOM   928  N  N   . THR A 1 123 ? 16.685  -0.522  -2.136  1.00 34.11  ? 116 THR A N   1 
ATOM   929  C  CA  . THR A 1 123 ? 16.927  -0.438  -0.700  1.00 34.02  ? 116 THR A CA  1 
ATOM   930  C  C   . THR A 1 123 ? 16.021  0.649   -0.152  1.00 34.02  ? 116 THR A C   1 
ATOM   931  O  O   . THR A 1 123 ? 15.386  1.420   -0.902  1.00 36.52  ? 116 THR A O   1 
ATOM   932  C  CB  . THR A 1 123 ? 18.386  -0.014  -0.353  1.00 35.23  ? 116 THR A CB  1 
ATOM   933  O  OG1 . THR A 1 123 ? 18.626  1.300   -0.881  1.00 34.84  ? 116 THR A OG1 1 
ATOM   934  C  CG2 . THR A 1 123 ? 19.426  -1.035  -0.901  1.00 31.59  ? 116 THR A CG2 1 
ATOM   935  N  N   . ILE A 1 124 ? 15.980  0.744   1.158   1.00 31.60  ? 117 ILE A N   1 
ATOM   936  C  CA  . ILE A 1 124 ? 15.191  1.780   1.760   1.00 31.15  ? 117 ILE A CA  1 
ATOM   937  C  C   . ILE A 1 124 ? 16.129  2.728   2.490   1.00 34.45  ? 117 ILE A C   1 
ATOM   938  O  O   . ILE A 1 124 ? 17.049  2.268   3.174   1.00 36.72  ? 117 ILE A O   1 
ATOM   939  C  CB  . ILE A 1 124 ? 14.166  1.155   2.713   1.00 27.73  ? 117 ILE A CB  1 
ATOM   940  C  CG1 . ILE A 1 124 ? 13.076  0.467   1.864   1.00 27.61  ? 117 ILE A CG1 1 
ATOM   941  C  CG2 . ILE A 1 124 ? 13.543  2.199   3.635   1.00 25.80  ? 117 ILE A CG2 1 
ATOM   942  C  CD1 . ILE A 1 124 ? 12.238  -0.481  2.705   1.00 24.36  ? 117 ILE A CD1 1 
ATOM   943  N  N   . SER A 1 125 ? 15.921  4.036   2.322   1.00 33.41  ? 118 SER A N   1 
ATOM   944  C  CA  . SER A 1 125 ? 16.719  5.063   3.025   1.00 34.86  ? 118 SER A CA  1 
ATOM   945  C  C   . SER A 1 125 ? 15.772  5.674   4.066   1.00 35.31  ? 118 SER A C   1 
ATOM   946  O  O   . SER A 1 125 ? 14.559  5.452   4.011   1.00 33.39  ? 118 SER A O   1 
ATOM   947  C  CB  . SER A 1 125 ? 17.188  6.149   2.065   1.00 38.61  ? 118 SER A CB  1 
ATOM   948  O  OG  . SER A 1 125 ? 16.119  6.977   1.613   1.00 43.61  ? 118 SER A OG  1 
ATOM   949  N  N   . LYS A 1 126 ? 16.303  6.448   5.005   1.00 30.89  ? 119 LYS A N   1 
ATOM   950  C  CA  . LYS A 1 126 ? 15.480  7.009   6.046   1.00 32.18  ? 119 LYS A CA  1 
ATOM   951  C  C   . LYS A 1 126 ? 14.551  8.073   5.522   1.00 32.31  ? 119 LYS A C   1 
ATOM   952  O  O   . LYS A 1 126 ? 13.477  8.277   6.074   1.00 32.05  ? 119 LYS A O   1 
ATOM   953  C  CB  . LYS A 1 126 ? 16.365  7.587   7.132   1.00 34.21  ? 119 LYS A CB  1 
ATOM   954  C  CG  . LYS A 1 126 ? 15.629  8.239   8.249   1.00 35.66  ? 119 LYS A CG  1 
ATOM   955  C  CD  . LYS A 1 126 ? 16.678  8.622   9.285   1.00 46.49  ? 119 LYS A CD  1 
ATOM   956  C  CE  . LYS A 1 126 ? 16.284  9.813   10.111  1.00 50.88  ? 119 LYS A CE  1 
ATOM   957  N  NZ  . LYS A 1 126 ? 15.056  9.612   10.937  1.00 53.84  ? 119 LYS A NZ  1 
ATOM   958  N  N   . ASN A 1 127 ? 14.991  8.762   4.472   1.00 32.38  ? 120 ASN A N   1 
ATOM   959  C  CA  . ASN A 1 127 ? 14.203  9.812   3.841   1.00 34.38  ? 120 ASN A CA  1 
ATOM   960  C  C   . ASN A 1 127 ? 12.956  9.158   3.190   1.00 32.30  ? 120 ASN A C   1 
ATOM   961  O  O   . ASN A 1 127 ? 11.903  9.758   3.205   1.00 30.31  ? 120 ASN A O   1 
ATOM   962  C  CB  . ASN A 1 127 ? 15.038  10.569  2.781   1.00 35.94  ? 120 ASN A CB  1 
ATOM   963  C  CG  . ASN A 1 127 ? 15.981  11.658  3.403   1.00 46.72  ? 120 ASN A CG  1 
ATOM   964  O  OD1 . ASN A 1 127 ? 17.018  12.038  2.777   1.00 49.86  ? 120 ASN A OD1 1 
ATOM   965  N  ND2 . ASN A 1 127 ? 15.626  12.166  4.613   1.00 43.92  ? 120 ASN A ND2 1 
ATOM   966  N  N   . GLU A 1 128 ? 13.100  7.956   2.609   1.00 29.82  ? 121 GLU A N   1 
ATOM   967  C  CA  . GLU A 1 128 ? 11.947  7.253   2.009   1.00 27.57  ? 121 GLU A CA  1 
ATOM   968  C  C   . GLU A 1 128 ? 10.955  6.861   3.092   1.00 27.37  ? 121 GLU A C   1 
ATOM   969  O  O   . GLU A 1 128 ? 9.735   7.009   2.937   1.00 28.22  ? 121 GLU A O   1 
ATOM   970  C  CB  . GLU A 1 128 ? 12.440  6.060   1.239   1.00 26.30  ? 121 GLU A CB  1 
ATOM   971  C  CG  . GLU A 1 128 ? 13.229  6.553   0.027   1.00 29.27  ? 121 GLU A CG  1 
ATOM   972  C  CD  . GLU A 1 128 ? 13.937  5.451   -0.686  1.00 31.47  ? 121 GLU A CD  1 
ATOM   973  O  OE1 . GLU A 1 128 ? 14.629  4.654   -0.030  1.00 32.01  ? 121 GLU A OE1 1 
ATOM   974  O  OE2 . GLU A 1 128 ? 13.793  5.387   -1.911  1.00 30.15  ? 121 GLU A OE2 1 
ATOM   975  N  N   . VAL A 1 129 ? 11.483  6.394   4.220   1.00 28.63  ? 122 VAL A N   1 
ATOM   976  C  CA  . VAL A 1 129 ? 10.635  6.052   5.328   1.00 25.93  ? 122 VAL A CA  1 
ATOM   977  C  C   . VAL A 1 129 ? 9.831   7.293   5.718   1.00 26.49  ? 122 VAL A C   1 
ATOM   978  O  O   . VAL A 1 129 ? 8.621   7.262   5.770   1.00 24.08  ? 122 VAL A O   1 
ATOM   979  C  CB  . VAL A 1 129 ? 11.436  5.625   6.531   1.00 21.94  ? 122 VAL A CB  1 
ATOM   980  C  CG1 . VAL A 1 129 ? 10.504  5.554   7.771   1.00 22.91  ? 122 VAL A CG1 1 
ATOM   981  C  CG2 . VAL A 1 129 ? 12.047  4.240   6.235   1.00 21.00  ? 122 VAL A CG2 1 
ATOM   982  N  N   . LEU A 1 130 ? 10.513  8.385   6.023   1.00 27.95  ? 123 LEU A N   1 
ATOM   983  C  CA  . LEU A 1 130 ? 9.811   9.631   6.427   1.00 28.77  ? 123 LEU A CA  1 
ATOM   984  C  C   . LEU A 1 130 ? 8.721   10.041  5.395   1.00 27.58  ? 123 LEU A C   1 
ATOM   985  O  O   . LEU A 1 130 ? 7.605   10.426  5.724   1.00 28.38  ? 123 LEU A O   1 
ATOM   986  C  CB  . LEU A 1 130 ? 10.824  10.780  6.575   1.00 26.59  ? 123 LEU A CB  1 
ATOM   987  C  CG  . LEU A 1 130 ? 10.214  12.148  6.959   1.00 32.56  ? 123 LEU A CG  1 
ATOM   988  C  CD1 . LEU A 1 130 ? 9.504   11.961  8.289   1.00 33.94  ? 123 LEU A CD1 1 
ATOM   989  C  CD2 . LEU A 1 130 ? 11.294  13.272  7.048   1.00 30.17  ? 123 LEU A CD2 1 
ATOM   990  N  N   . GLU A 1 131 ? 9.090   9.962   4.134   1.00 26.87  ? 124 GLU A N   1 
ATOM   991  C  CA  . GLU A 1 131 ? 8.184   10.327  3.031   1.00 28.75  ? 124 GLU A CA  1 
ATOM   992  C  C   . GLU A 1 131 ? 6.874   9.515   3.087   1.00 28.88  ? 124 GLU A C   1 
ATOM   993  O  O   . GLU A 1 131 ? 5.797   10.060  2.993   1.00 27.11  ? 124 GLU A O   1 
ATOM   994  C  CB  . GLU A 1 131 ? 8.952   10.071  1.750   1.00 31.27  ? 124 GLU A CB  1 
ATOM   995  C  CG  . GLU A 1 131 ? 8.202   10.363  0.458   1.00 41.98  ? 124 GLU A CG  1 
ATOM   996  C  CD  . GLU A 1 131 ? 7.607   11.755  0.382   1.00 42.58  ? 124 GLU A CD  1 
ATOM   997  O  OE1 . GLU A 1 131 ? 8.157   12.703  0.992   1.00 36.30  ? 124 GLU A OE1 1 
ATOM   998  O  OE2 . GLU A 1 131 ? 6.570   11.866  -0.328  1.00 49.16  ? 124 GLU A OE2 1 
ATOM   999  N  N   . ILE A 1 132 ? 6.969   8.204   3.316   1.00 27.45  ? 125 ILE A N   1 
ATOM   1000 C  CA  . ILE A 1 132 ? 5.776   7.365   3.380   1.00 24.07  ? 125 ILE A CA  1 
ATOM   1001 C  C   . ILE A 1 132 ? 4.962   7.686   4.634   1.00 25.98  ? 125 ILE A C   1 
ATOM   1002 O  O   . ILE A 1 132 ? 3.732   7.763   4.602   1.00 23.48  ? 125 ILE A O   1 
ATOM   1003 C  CB  . ILE A 1 132 ? 6.154   5.849   3.426   1.00 25.22  ? 125 ILE A CB  1 
ATOM   1004 C  CG1 . ILE A 1 132 ? 6.835   5.446   2.122   1.00 21.64  ? 125 ILE A CG1 1 
ATOM   1005 C  CG2 . ILE A 1 132 ? 4.883   4.997   3.635   1.00 21.13  ? 125 ILE A CG2 1 
ATOM   1006 C  CD1 . ILE A 1 132 ? 5.892   5.679   0.837   1.00 25.45  ? 125 ILE A CD1 1 
ATOM   1007 N  N   . VAL A 1 133 ? 5.651   7.841   5.757   1.00 24.01  ? 126 VAL A N   1 
ATOM   1008 C  CA  . VAL A 1 133 ? 4.969   8.122   7.004   1.00 25.06  ? 126 VAL A CA  1 
ATOM   1009 C  C   . VAL A 1 133 ? 4.265   9.473   6.907   1.00 26.76  ? 126 VAL A C   1 
ATOM   1010 O  O   . VAL A 1 133 ? 3.211   9.637   7.480   1.00 25.46  ? 126 VAL A O   1 
ATOM   1011 C  CB  . VAL A 1 133 ? 5.977   8.052   8.215   1.00 27.06  ? 126 VAL A CB  1 
ATOM   1012 C  CG1 . VAL A 1 133 ? 5.299   8.453   9.520   1.00 29.78  ? 126 VAL A CG1 1 
ATOM   1013 C  CG2 . VAL A 1 133 ? 6.490   6.538   8.384   1.00 26.07  ? 126 VAL A CG2 1 
HETATM 1014 N  N   . MSE A 1 134 ? 4.861   10.437  6.210   1.00 24.83  ? 127 MSE A N   1 
HETATM 1015 C  CA  . MSE A 1 134 ? 4.196   11.757  6.034   1.00 27.84  ? 127 MSE A CA  1 
HETATM 1016 C  C   . MSE A 1 134 ? 2.929   11.596  5.228   1.00 23.03  ? 127 MSE A C   1 
HETATM 1017 O  O   . MSE A 1 134 ? 1.903   12.246  5.518   1.00 27.49  ? 127 MSE A O   1 
HETATM 1018 C  CB  . MSE A 1 134 ? 5.109   12.748  5.319   1.00 25.22  ? 127 MSE A CB  1 
HETATM 1019 C  CG  . MSE A 1 134 ? 6.225   13.321  6.231   1.00 31.81  ? 127 MSE A CG  1 
HETATM 1020 SE SE  . MSE A 1 134 ? 7.455   14.452  5.205   1.00 45.87  ? 127 MSE A SE  1 
HETATM 1021 C  CE  . MSE A 1 134 ? 6.281   16.083  5.273   1.00 38.56  ? 127 MSE A CE  1 
ATOM   1022 N  N   . ALA A 1 135 ? 2.975   10.749  4.209   1.00 21.74  ? 128 ALA A N   1 
ATOM   1023 C  CA  . ALA A 1 135 ? 1.770   10.527  3.404   1.00 23.10  ? 128 ALA A CA  1 
ATOM   1024 C  C   . ALA A 1 135 ? 0.653   9.901   4.247   1.00 23.14  ? 128 ALA A C   1 
ATOM   1025 O  O   . ALA A 1 135 ? -0.532  10.252  4.107   1.00 25.29  ? 128 ALA A O   1 
ATOM   1026 C  CB  . ALA A 1 135 ? 2.071   9.639   2.182   1.00 20.23  ? 128 ALA A CB  1 
ATOM   1027 N  N   . ILE A 1 136 ? 1.024   8.979   5.129   1.00 23.74  ? 129 ILE A N   1 
ATOM   1028 C  CA  . ILE A 1 136 ? 0.042   8.337   5.980   1.00 24.09  ? 129 ILE A CA  1 
ATOM   1029 C  C   . ILE A 1 136 ? -0.630  9.295   6.990   1.00 25.74  ? 129 ILE A C   1 
ATOM   1030 O  O   . ILE A 1 136 ? -1.844  9.189   7.265   1.00 24.12  ? 129 ILE A O   1 
ATOM   1031 C  CB  . ILE A 1 136 ? 0.662   7.165   6.718   1.00 24.39  ? 129 ILE A CB  1 
ATOM   1032 C  CG1 . ILE A 1 136 ? 1.119   6.112   5.691   1.00 27.79  ? 129 ILE A CG1 1 
ATOM   1033 C  CG2 . ILE A 1 136 ? -0.379  6.589   7.734   1.00 23.34  ? 129 ILE A CG2 1 
ATOM   1034 C  CD1 . ILE A 1 136 ? 1.676   4.810   6.296   1.00 24.51  ? 129 ILE A CD1 1 
ATOM   1035 N  N   . PHE A 1 137 ? 0.169   10.189  7.581   1.00 24.03  ? 130 PHE A N   1 
ATOM   1036 C  CA  . PHE A 1 137 ? -0.357  11.188  8.527   1.00 24.53  ? 130 PHE A CA  1 
ATOM   1037 C  C   . PHE A 1 137 ? -1.378  12.086  7.826   1.00 20.70  ? 130 PHE A C   1 
ATOM   1038 O  O   . PHE A 1 137 ? -2.354  12.504  8.404   1.00 22.35  ? 130 PHE A O   1 
ATOM   1039 C  CB  . PHE A 1 137 ? 0.797   12.050  9.063   1.00 23.48  ? 130 PHE A CB  1 
ATOM   1040 C  CG  . PHE A 1 137 ? 1.348   11.564  10.365  1.00 25.50  ? 130 PHE A CG  1 
ATOM   1041 C  CD1 . PHE A 1 137 ? 2.248   10.478  10.414  1.00 28.57  ? 130 PHE A CD1 1 
ATOM   1042 C  CD2 . PHE A 1 137 ? 0.948   12.154  11.556  1.00 23.29  ? 130 PHE A CD2 1 
ATOM   1043 C  CE1 . PHE A 1 137 ? 2.726   9.999   11.656  1.00 29.22  ? 130 PHE A CE1 1 
ATOM   1044 C  CE2 . PHE A 1 137 ? 1.429   11.672  12.818  1.00 28.54  ? 130 PHE A CE2 1 
ATOM   1045 C  CZ  . PHE A 1 137 ? 2.309   10.601  12.860  1.00 28.38  ? 130 PHE A CZ  1 
ATOM   1046 N  N   . LYS A 1 138 ? -1.163  12.352  6.554   1.00 23.93  ? 131 LYS A N   1 
ATOM   1047 C  CA  . LYS A 1 138 ? -2.094  13.242  5.822   1.00 30.16  ? 131 LYS A CA  1 
ATOM   1048 C  C   . LYS A 1 138 ? -3.480  12.577  5.692   1.00 29.47  ? 131 LYS A C   1 
ATOM   1049 O  O   . LYS A 1 138 ? -4.475  13.237  5.502   1.00 29.95  ? 131 LYS A O   1 
ATOM   1050 C  CB  . LYS A 1 138 ? -1.547  13.587  4.411   1.00 31.27  ? 131 LYS A CB  1 
ATOM   1051 C  CG  . LYS A 1 138 ? -0.257  14.384  4.389   1.00 38.04  ? 131 LYS A CG  1 
ATOM   1052 C  CD  . LYS A 1 138 ? -0.496  15.856  4.362   1.00 46.91  ? 131 LYS A CD  1 
ATOM   1053 C  CE  . LYS A 1 138 ? -1.144  16.339  3.047   1.00 48.82  ? 131 LYS A CE  1 
ATOM   1054 N  NZ  . LYS A 1 138 ? -0.290  16.164  1.839   1.00 52.51  ? 131 LYS A NZ  1 
HETATM 1055 N  N   . MSE A 1 139 ? -3.526  11.264  5.881   1.00 28.93  ? 132 MSE A N   1 
HETATM 1056 C  CA  . MSE A 1 139 ? -4.766  10.539  5.742   1.00 30.36  ? 132 MSE A CA  1 
HETATM 1057 C  C   . MSE A 1 139 ? -5.537  10.288  7.037   1.00 29.21  ? 132 MSE A C   1 
HETATM 1058 O  O   . MSE A 1 139 ? -6.686  9.881   6.989   1.00 26.80  ? 132 MSE A O   1 
HETATM 1059 C  CB  . MSE A 1 139 ? -4.444  9.284   4.962   1.00 31.34  ? 132 MSE A CB  1 
HETATM 1060 C  CG  . MSE A 1 139 ? -5.086  8.029   5.376   1.00 41.27  ? 132 MSE A CG  1 
HETATM 1061 SE SE  . MSE A 1 139 ? -4.367  6.659   4.007   1.00 54.33  ? 132 MSE A SE  1 
HETATM 1062 C  CE  . MSE A 1 139 ? -2.838  6.368   4.797   1.00 24.69  ? 132 MSE A CE  1 
ATOM   1063 N  N   . ILE A 1 140 ? -4.936  10.610  8.191   1.00 29.88  ? 133 ILE A N   1 
ATOM   1064 C  CA  . ILE A 1 140 ? -5.642  10.431  9.466   1.00 30.29  ? 133 ILE A CA  1 
ATOM   1065 C  C   . ILE A 1 140 ? -5.885  11.849  10.051  1.00 34.12  ? 133 ILE A C   1 
ATOM   1066 O  O   . ILE A 1 140 ? -5.305  12.820  9.577   1.00 32.38  ? 133 ILE A O   1 
ATOM   1067 C  CB  . ILE A 1 140 ? -4.839  9.543   10.448  1.00 30.78  ? 133 ILE A CB  1 
ATOM   1068 C  CG1 . ILE A 1 140 ? -3.551  10.262  10.875  1.00 30.97  ? 133 ILE A CG1 1 
ATOM   1069 C  CG2 . ILE A 1 140 ? -4.469  8.173   9.750   1.00 31.15  ? 133 ILE A CG2 1 
ATOM   1070 C  CD1 . ILE A 1 140 ? -2.615  9.401   11.726  1.00 32.84  ? 133 ILE A CD1 1 
ATOM   1071 N  N   . THR A 1 141 ? -6.734  11.944  11.071  1.00 30.56  ? 134 THR A N   1 
ATOM   1072 C  CA  . THR A 1 141 ? -7.133  13.184  11.676  1.00 28.63  ? 134 THR A CA  1 
ATOM   1073 C  C   . THR A 1 141 ? -6.326  13.537  12.906  1.00 31.60  ? 134 THR A C   1 
ATOM   1074 O  O   . THR A 1 141 ? -5.706  12.685  13.507  1.00 33.21  ? 134 THR A O   1 
ATOM   1075 C  CB  . THR A 1 141 ? -8.579  13.083  12.142  1.00 31.93  ? 134 THR A CB  1 
ATOM   1076 O  OG1 . THR A 1 141 ? -8.648  12.128  13.215  1.00 31.87  ? 134 THR A OG1 1 
ATOM   1077 C  CG2 . THR A 1 141 ? -9.527  12.666  10.950  1.00 25.94  ? 134 THR A CG2 1 
ATOM   1078 N  N   . PRO A 1 142 ? -6.332  14.810  13.294  1.00 29.66  ? 135 PRO A N   1 
ATOM   1079 C  CA  . PRO A 1 142 ? -5.591  15.259  14.472  1.00 30.98  ? 135 PRO A CA  1 
ATOM   1080 C  C   . PRO A 1 142 ? -6.085  14.508  15.696  1.00 32.88  ? 135 PRO A C   1 
ATOM   1081 O  O   . PRO A 1 142 ? -5.351  14.338  16.654  1.00 31.31  ? 135 PRO A O   1 
ATOM   1082 C  CB  . PRO A 1 142 ? -5.935  16.752  14.543  1.00 29.56  ? 135 PRO A CB  1 
ATOM   1083 C  CG  . PRO A 1 142 ? -6.085  17.115  13.075  1.00 26.59  ? 135 PRO A CG  1 
ATOM   1084 C  CD  . PRO A 1 142 ? -6.895  15.954  12.559  1.00 31.46  ? 135 PRO A CD  1 
ATOM   1085 N  N   . GLU A 1 143 ? -7.346  14.089  15.674  1.00 35.18  ? 136 GLU A N   1 
ATOM   1086 C  CA  . GLU A 1 143 ? -7.879  13.373  16.813  1.00 40.83  ? 136 GLU A CA  1 
ATOM   1087 C  C   . GLU A 1 143 ? -7.244  11.957  16.854  1.00 41.03  ? 136 GLU A C   1 
ATOM   1088 O  O   . GLU A 1 143 ? -6.876  11.473  17.931  1.00 39.83  ? 136 GLU A O   1 
ATOM   1089 C  CB  . GLU A 1 143 ? -9.417  13.364  16.748  1.00 45.14  ? 136 GLU A CB  1 
ATOM   1090 C  CG  . GLU A 1 143 ? -10.182 13.775  18.063  1.00 54.52  ? 136 GLU A CG  1 
ATOM   1091 C  CD  . GLU A 1 143 ? -9.823  15.162  18.691  1.00 58.03  ? 136 GLU A CD  1 
ATOM   1092 O  OE1 . GLU A 1 143 ? -10.026 16.232  18.061  1.00 63.07  ? 136 GLU A OE1 1 
ATOM   1093 O  OE2 . GLU A 1 143 ? -9.346  15.181  19.853  1.00 59.96  ? 136 GLU A OE2 1 
ATOM   1094 N  N   . ASP A 1 144 ? -7.068  11.319  15.685  1.00 42.80  ? 137 ASP A N   1 
ATOM   1095 C  CA  . ASP A 1 144 ? -6.433  9.997   15.623  1.00 40.89  ? 137 ASP A CA  1 
ATOM   1096 C  C   . ASP A 1 144 ? -5.001  10.116  16.153  1.00 41.61  ? 137 ASP A C   1 
ATOM   1097 O  O   . ASP A 1 144 ? -4.502  9.199   16.816  1.00 41.71  ? 137 ASP A O   1 
ATOM   1098 C  CB  . ASP A 1 144 ? -6.326  9.448   14.174  1.00 40.17  ? 137 ASP A CB  1 
ATOM   1099 C  CG  . ASP A 1 144 ? -7.681  9.301   13.468  1.00 42.37  ? 137 ASP A CG  1 
ATOM   1100 O  OD1 . ASP A 1 144 ? -8.723  9.173   14.145  1.00 42.76  ? 137 ASP A OD1 1 
ATOM   1101 O  OD2 . ASP A 1 144 ? -7.707  9.294   12.213  1.00 43.29  ? 137 ASP A OD2 1 
ATOM   1102 N  N   . VAL A 1 145 ? -4.324  11.217  15.805  1.00 39.61  ? 138 VAL A N   1 
ATOM   1103 C  CA  . VAL A 1 145 ? -2.913  11.426  16.205  1.00 39.34  ? 138 VAL A CA  1 
ATOM   1104 C  C   . VAL A 1 145 ? -2.769  11.524  17.721  1.00 42.70  ? 138 VAL A C   1 
ATOM   1105 O  O   . VAL A 1 145 ? -1.747  11.086  18.286  1.00 43.74  ? 138 VAL A O   1 
ATOM   1106 C  CB  . VAL A 1 145 ? -2.291  12.718  15.540  1.00 33.62  ? 138 VAL A CB  1 
ATOM   1107 C  CG1 . VAL A 1 145 ? -0.847  12.907  15.947  1.00 33.26  ? 138 VAL A CG1 1 
ATOM   1108 C  CG2 . VAL A 1 145 ? -2.386  12.610  14.060  1.00 30.70  ? 138 VAL A CG2 1 
ATOM   1109 N  N   . LYS A 1 146 ? -3.791  12.088  18.368  1.00 43.07  ? 139 LYS A N   1 
ATOM   1110 C  CA  . LYS A 1 146 ? -3.830  12.239  19.822  1.00 48.03  ? 139 LYS A CA  1 
ATOM   1111 C  C   . LYS A 1 146 ? -3.736  10.879  20.488  1.00 48.62  ? 139 LYS A C   1 
ATOM   1112 O  O   . LYS A 1 146 ? -3.321  10.763  21.648  1.00 48.67  ? 139 LYS A O   1 
ATOM   1113 C  CB  . LYS A 1 146 ? -5.154  12.891  20.272  1.00 51.20  ? 139 LYS A CB  1 
ATOM   1114 C  CG  . LYS A 1 146 ? -5.312  14.393  20.019  1.00 52.23  ? 139 LYS A CG  1 
ATOM   1115 C  CD  . LYS A 1 146 ? -4.368  15.187  20.886  1.00 58.13  ? 139 LYS A CD  1 
ATOM   1116 C  CE  . LYS A 1 146 ? -4.774  16.677  21.017  1.00 60.98  ? 139 LYS A CE  1 
ATOM   1117 N  NZ  . LYS A 1 146 ? -4.805  17.489  19.749  1.00 61.18  ? 139 LYS A NZ  1 
ATOM   1118 N  N   . LEU A 1 147 ? -4.127  9.854   19.737  1.00 48.21  ? 140 LEU A N   1 
ATOM   1119 C  CA  . LEU A 1 147 ? -4.148  8.482   20.209  1.00 49.17  ? 140 LEU A CA  1 
ATOM   1120 C  C   . LEU A 1 147 ? -2.843  7.705   20.113  1.00 48.12  ? 140 LEU A C   1 
ATOM   1121 O  O   . LEU A 1 147 ? -2.722  6.626   20.668  1.00 49.12  ? 140 LEU A O   1 
ATOM   1122 C  CB  . LEU A 1 147 ? -5.219  7.721   19.441  1.00 52.31  ? 140 LEU A CB  1 
ATOM   1123 C  CG  . LEU A 1 147 ? -6.505  7.404   20.189  1.00 55.21  ? 140 LEU A CG  1 
ATOM   1124 C  CD1 . LEU A 1 147 ? -6.940  8.582   21.071  1.00 56.80  ? 140 LEU A CD1 1 
ATOM   1125 C  CD2 . LEU A 1 147 ? -7.570  7.032   19.163  1.00 53.30  ? 140 LEU A CD2 1 
ATOM   1126 N  N   . LEU A 1 148 ? -1.867  8.225   19.394  1.00 47.33  ? 141 LEU A N   1 
ATOM   1127 C  CA  . LEU A 1 148 ? -0.599  7.509   19.243  1.00 46.37  ? 141 LEU A CA  1 
ATOM   1128 C  C   . LEU A 1 148 ? 0.373   7.678   20.426  1.00 46.38  ? 141 LEU A C   1 
ATOM   1129 O  O   . LEU A 1 148 ? 0.282   8.649   21.161  1.00 47.05  ? 141 LEU A O   1 
ATOM   1130 C  CB  . LEU A 1 148 ? 0.097   7.979   17.966  1.00 42.16  ? 141 LEU A CB  1 
ATOM   1131 C  CG  . LEU A 1 148 ? -0.755  8.018   16.700  1.00 40.17  ? 141 LEU A CG  1 
ATOM   1132 C  CD1 . LEU A 1 148 ? 0.131   8.414   15.580  1.00 35.66  ? 141 LEU A CD1 1 
ATOM   1133 C  CD2 . LEU A 1 148 ? -1.381  6.655   16.416  1.00 40.51  ? 141 LEU A CD2 1 
ATOM   1134 N  N   . PRO A 1 149 ? 1.301   6.713   20.617  1.00 47.69  ? 142 PRO A N   1 
ATOM   1135 C  CA  . PRO A 1 149 ? 2.313   6.744   21.695  1.00 46.51  ? 142 PRO A CA  1 
ATOM   1136 C  C   . PRO A 1 149 ? 2.993   8.078   21.511  1.00 46.54  ? 142 PRO A C   1 
ATOM   1137 O  O   . PRO A 1 149 ? 3.246   8.491   20.385  1.00 46.40  ? 142 PRO A O   1 
ATOM   1138 C  CB  . PRO A 1 149 ? 3.253   5.599   21.331  1.00 44.51  ? 142 PRO A CB  1 
ATOM   1139 C  CG  . PRO A 1 149 ? 2.324   4.605   20.668  1.00 46.90  ? 142 PRO A CG  1 
ATOM   1140 C  CD  . PRO A 1 149 ? 1.426   5.481   19.801  1.00 46.92  ? 142 PRO A CD  1 
ATOM   1141 N  N   . ASP A 1 150 ? 3.323   8.751   22.594  1.00 49.03  ? 143 ASP A N   1 
ATOM   1142 C  CA  . ASP A 1 150 ? 3.915   10.068  22.460  1.00 51.46  ? 143 ASP A CA  1 
ATOM   1143 C  C   . ASP A 1 150 ? 5.204   10.121  21.662  1.00 49.53  ? 143 ASP A C   1 
ATOM   1144 O  O   . ASP A 1 150 ? 5.545   11.154  21.109  1.00 49.66  ? 143 ASP A O   1 
ATOM   1145 C  CB  . ASP A 1 150 ? 4.116   10.676  23.841  1.00 59.10  ? 143 ASP A CB  1 
ATOM   1146 C  CG  . ASP A 1 150 ? 3.658   12.137  23.904  1.00 66.46  ? 143 ASP A CG  1 
ATOM   1147 O  OD1 . ASP A 1 150 ? 2.472   12.408  23.558  1.00 70.08  ? 143 ASP A OD1 1 
ATOM   1148 O  OD2 . ASP A 1 150 ? 4.478   13.009  24.301  1.00 69.89  ? 143 ASP A OD2 1 
ATOM   1149 N  N   . ASP A 1 151 ? 5.921   9.006   21.586  1.00 47.05  ? 144 ASP A N   1 
ATOM   1150 C  CA  . ASP A 1 151 ? 7.183   8.968   20.827  1.00 46.83  ? 144 ASP A CA  1 
ATOM   1151 C  C   . ASP A 1 151 ? 6.988   8.517   19.367  1.00 43.19  ? 144 ASP A C   1 
ATOM   1152 O  O   . ASP A 1 151 ? 7.949   8.384   18.601  1.00 42.08  ? 144 ASP A O   1 
ATOM   1153 C  CB  . ASP A 1 151 ? 8.198   8.049   21.541  1.00 47.88  ? 144 ASP A CB  1 
ATOM   1154 C  CG  . ASP A 1 151 ? 7.803   6.573   21.483  1.00 52.30  ? 144 ASP A CG  1 
ATOM   1155 O  OD1 . ASP A 1 151 ? 6.598   6.253   21.631  1.00 50.90  ? 144 ASP A OD1 1 
ATOM   1156 O  OD2 . ASP A 1 151 ? 8.725   5.735   21.293  1.00 55.22  ? 144 ASP A OD2 1 
ATOM   1157 N  N   . GLU A 1 152 ? 5.730   8.326   18.985  1.00 40.85  ? 145 GLU A N   1 
ATOM   1158 C  CA  . GLU A 1 152 ? 5.400   7.891   17.648  1.00 42.54  ? 145 GLU A CA  1 
ATOM   1159 C  C   . GLU A 1 152 ? 4.422   8.872   16.938  1.00 42.95  ? 145 GLU A C   1 
ATOM   1160 O  O   . GLU A 1 152 ? 4.055   8.648   15.785  1.00 44.29  ? 145 GLU A O   1 
ATOM   1161 C  CB  . GLU A 1 152 ? 4.789   6.477   17.750  1.00 40.79  ? 145 GLU A CB  1 
ATOM   1162 C  CG  . GLU A 1 152 ? 5.615   5.550   18.664  1.00 46.31  ? 145 GLU A CG  1 
ATOM   1163 C  CD  . GLU A 1 152 ? 5.308   4.070   18.514  1.00 48.59  ? 145 GLU A CD  1 
ATOM   1164 O  OE1 . GLU A 1 152 ? 4.228   3.710   18.030  1.00 53.05  ? 145 GLU A OE1 1 
ATOM   1165 O  OE2 . GLU A 1 152 ? 6.151   3.246   18.900  1.00 50.12  ? 145 GLU A OE2 1 
ATOM   1166 N  N   . ASN A 1 153 ? 4.070   9.981   17.597  1.00 41.83  ? 146 ASN A N   1 
ATOM   1167 C  CA  . ASN A 1 153 ? 3.069   10.908  17.061  1.00 40.69  ? 146 ASN A CA  1 
ATOM   1168 C  C   . ASN A 1 153 ? 3.390   11.969  16.005  1.00 36.97  ? 146 ASN A C   1 
ATOM   1169 O  O   . ASN A 1 153 ? 2.588   12.885  15.796  1.00 34.66  ? 146 ASN A O   1 
ATOM   1170 C  CB  . ASN A 1 153 ? 2.270   11.558  18.218  1.00 38.19  ? 146 ASN A CB  1 
ATOM   1171 C  CG  . ASN A 1 153 ? 3.128   12.413  19.113  1.00 38.71  ? 146 ASN A CG  1 
ATOM   1172 O  OD1 . ASN A 1 153 ? 4.165   12.959  18.695  1.00 37.13  ? 146 ASN A OD1 1 
ATOM   1173 N  ND2 . ASN A 1 153 ? 2.693   12.558  20.352  1.00 40.85  ? 146 ASN A ND2 1 
ATOM   1174 N  N   . THR A 1 154 ? 4.536   11.843  15.348  1.00 33.33  ? 147 THR A N   1 
ATOM   1175 C  CA  . THR A 1 154 ? 4.860   12.726  14.256  1.00 33.99  ? 147 THR A CA  1 
ATOM   1176 C  C   . THR A 1 154 ? 5.662   11.952  13.227  1.00 32.28  ? 147 THR A C   1 
ATOM   1177 O  O   . THR A 1 154 ? 6.306   10.996  13.545  1.00 33.16  ? 147 THR A O   1 
ATOM   1178 C  CB  . THR A 1 154 ? 5.686   13.997  14.678  1.00 38.49  ? 147 THR A CB  1 
ATOM   1179 O  OG1 . THR A 1 154 ? 7.078   13.673  14.802  1.00 33.83  ? 147 THR A OG1 1 
ATOM   1180 C  CG2 . THR A 1 154 ? 5.128   14.602  15.967  1.00 36.63  ? 147 THR A CG2 1 
ATOM   1181 N  N   . PRO A 1 155 ? 5.646   12.387  11.974  1.00 31.65  ? 148 PRO A N   1 
ATOM   1182 C  CA  . PRO A 1 155 ? 6.412   11.664  10.954  1.00 31.10  ? 148 PRO A CA  1 
ATOM   1183 C  C   . PRO A 1 155 ? 7.862   11.498  11.343  1.00 33.08  ? 148 PRO A C   1 
ATOM   1184 O  O   . PRO A 1 155 ? 8.453   10.413  11.188  1.00 29.46  ? 148 PRO A O   1 
ATOM   1185 C  CB  . PRO A 1 155 ? 6.270   12.549  9.692   1.00 32.85  ? 148 PRO A CB  1 
ATOM   1186 C  CG  . PRO A 1 155 ? 4.872   13.228  9.875   1.00 29.41  ? 148 PRO A CG  1 
ATOM   1187 C  CD  . PRO A 1 155 ? 4.763   13.439  11.385  1.00 31.61  ? 148 PRO A CD  1 
ATOM   1188 N  N   . GLU A 1 156 ? 8.447   12.610  11.780  1.00 35.22  ? 149 GLU A N   1 
ATOM   1189 C  CA  . GLU A 1 156 ? 9.850   12.671  12.186  1.00 36.11  ? 149 GLU A CA  1 
ATOM   1190 C  C   . GLU A 1 156 ? 10.103  11.655  13.343  1.00 34.14  ? 149 GLU A C   1 
ATOM   1191 O  O   . GLU A 1 156 ? 11.080  10.898  13.301  1.00 31.59  ? 149 GLU A O   1 
ATOM   1192 C  CB  . GLU A 1 156 ? 10.203  14.106  12.642  1.00 41.27  ? 149 GLU A CB  1 
ATOM   1193 C  CG  . GLU A 1 156 ? 10.083  15.228  11.548  1.00 48.72  ? 149 GLU A CG  1 
ATOM   1194 C  CD  . GLU A 1 156 ? 8.622   15.590  11.042  1.00 54.13  ? 149 GLU A CD  1 
ATOM   1195 O  OE1 . GLU A 1 156 ? 7.600   15.521  11.808  1.00 47.93  ? 149 GLU A OE1 1 
ATOM   1196 O  OE2 . GLU A 1 156 ? 8.519   15.998  9.837   1.00 59.03  ? 149 GLU A OE2 1 
ATOM   1197 N  N   . LYS A 1 157 ? 9.210   11.618  14.338  1.00 31.40  ? 150 LYS A N   1 
ATOM   1198 C  CA  . LYS A 1 157 ? 9.369   10.678  15.440  1.00 35.25  ? 150 LYS A CA  1 
ATOM   1199 C  C   . LYS A 1 157 ? 9.224   9.216   14.975  1.00 34.84  ? 150 LYS A C   1 
ATOM   1200 O  O   . LYS A 1 157 ? 10.069  8.426   15.295  1.00 35.98  ? 150 LYS A O   1 
ATOM   1201 C  CB  . LYS A 1 157 ? 8.370   10.944  16.545  1.00 30.96  ? 150 LYS A CB  1 
ATOM   1202 C  CG  . LYS A 1 157 ? 8.655   12.181  17.323  1.00 37.62  ? 150 LYS A CG  1 
ATOM   1203 C  CD  . LYS A 1 157 ? 7.599   12.264  18.439  1.00 36.68  ? 150 LYS A CD  1 
ATOM   1204 C  CE  . LYS A 1 157 ? 7.575   13.602  19.143  1.00 30.84  ? 150 LYS A CE  1 
ATOM   1205 N  NZ  . LYS A 1 157 ? 6.441   13.509  20.110  1.00 30.48  ? 150 LYS A NZ  1 
ATOM   1206 N  N   . ARG A 1 158 ? 8.154   8.854   14.265  1.00 35.38  ? 151 ARG A N   1 
ATOM   1207 C  CA  . ARG A 1 158 ? 8.004   7.492   13.765  1.00 33.56  ? 151 ARG A CA  1 
ATOM   1208 C  C   . ARG A 1 158 ? 9.217   7.055   12.954  1.00 33.59  ? 151 ARG A C   1 
ATOM   1209 O  O   . ARG A 1 158 ? 9.767   5.997   13.226  1.00 30.26  ? 151 ARG A O   1 
ATOM   1210 C  CB  . ARG A 1 158 ? 6.794   7.342   12.844  1.00 36.17  ? 151 ARG A CB  1 
ATOM   1211 C  CG  . ARG A 1 158 ? 5.478   7.004   13.533  1.00 45.62  ? 151 ARG A CG  1 
ATOM   1212 C  CD  . ARG A 1 158 ? 4.752   5.814   12.833  1.00 45.34  ? 151 ARG A CD  1 
ATOM   1213 N  NE  . ARG A 1 158 ? 3.735   5.255   13.714  1.00 45.21  ? 151 ARG A NE  1 
ATOM   1214 C  CZ  . ARG A 1 158 ? 3.237   4.041   13.579  1.00 49.89  ? 151 ARG A CZ  1 
ATOM   1215 N  NH1 . ARG A 1 158 ? 3.663   3.251   12.612  1.00 52.39  ? 151 ARG A NH1 1 
ATOM   1216 N  NH2 . ARG A 1 158 ? 2.288   3.608   14.404  1.00 58.88  ? 151 ARG A NH2 1 
ATOM   1217 N  N   . ALA A 1 159 ? 9.621   7.855   11.953  1.00 30.70  ? 152 ALA A N   1 
ATOM   1218 C  CA  . ALA A 1 159 ? 10.739  7.476   11.117  1.00 32.60  ? 152 ALA A CA  1 
ATOM   1219 C  C   . ALA A 1 159 ? 12.063  7.314   11.873  1.00 34.42  ? 152 ALA A C   1 
ATOM   1220 O  O   . ALA A 1 159 ? 12.819  6.396   11.559  1.00 36.44  ? 152 ALA A O   1 
ATOM   1221 C  CB  . ALA A 1 159 ? 10.914  8.475   9.930   1.00 35.34  ? 152 ALA A CB  1 
ATOM   1222 N  N   . GLU A 1 160 ? 12.341  8.195   12.837  1.00 32.49  ? 153 GLU A N   1 
ATOM   1223 C  CA  . GLU A 1 160 ? 13.538  8.118   13.658  1.00 34.60  ? 153 GLU A CA  1 
ATOM   1224 C  C   . GLU A 1 160 ? 13.480  6.785   14.419  1.00 31.97  ? 153 GLU A C   1 
ATOM   1225 O  O   . GLU A 1 160 ? 14.434  6.023   14.438  1.00 28.49  ? 153 GLU A O   1 
ATOM   1226 C  CB  . GLU A 1 160 ? 13.550  9.231   14.701  1.00 42.56  ? 153 GLU A CB  1 
ATOM   1227 C  CG  . GLU A 1 160 ? 14.433  10.446  14.358  1.00 55.22  ? 153 GLU A CG  1 
ATOM   1228 C  CD  . GLU A 1 160 ? 15.893  10.058  14.110  1.00 60.73  ? 153 GLU A CD  1 
ATOM   1229 O  OE1 . GLU A 1 160 ? 16.360  9.042   14.708  1.00 61.89  ? 153 GLU A OE1 1 
ATOM   1230 O  OE2 . GLU A 1 160 ? 16.565  10.784  13.323  1.00 64.77  ? 153 GLU A OE2 1 
ATOM   1231 N  N   . LYS A 1 161 ? 12.334  6.515   15.017  1.00 29.45  ? 154 LYS A N   1 
ATOM   1232 C  CA  . LYS A 1 161 ? 12.177  5.306   15.779  1.00 30.68  ? 154 LYS A CA  1 
ATOM   1233 C  C   . LYS A 1 161 ? 12.319  4.050   14.892  1.00 31.18  ? 154 LYS A C   1 
ATOM   1234 O  O   . LYS A 1 161 ? 12.981  3.078   15.273  1.00 31.81  ? 154 LYS A O   1 
ATOM   1235 C  CB  . LYS A 1 161 ? 10.838  5.358   16.499  1.00 30.03  ? 154 LYS A CB  1 
ATOM   1236 C  CG  . LYS A 1 161 ? 10.652  4.230   17.477  1.00 32.66  ? 154 LYS A CG  1 
ATOM   1237 C  CD  . LYS A 1 161 ? 9.349   4.354   18.152  1.00 34.40  ? 154 LYS A CD  1 
ATOM   1238 C  CE  . LYS A 1 161 ? 9.150   3.279   19.180  1.00 36.98  ? 154 LYS A CE  1 
ATOM   1239 N  NZ  . LYS A 1 161 ? 7.999   3.642   20.023  1.00 38.81  ? 154 LYS A NZ  1 
ATOM   1240 N  N   . ILE A 1 162 ? 11.715  4.068   13.706  1.00 30.03  ? 155 ILE A N   1 
ATOM   1241 C  CA  . ILE A 1 162 ? 11.818  2.919   12.791  1.00 28.97  ? 155 ILE A CA  1 
ATOM   1242 C  C   . ILE A 1 162 ? 13.260  2.687   12.392  1.00 32.06  ? 155 ILE A C   1 
ATOM   1243 O  O   . ILE A 1 162 ? 13.725  1.546   12.264  1.00 32.07  ? 155 ILE A O   1 
ATOM   1244 C  CB  . ILE A 1 162 ? 10.995  3.158   11.525  1.00 24.23  ? 155 ILE A CB  1 
ATOM   1245 C  CG1 . ILE A 1 162 ? 9.506   2.983   11.875  1.00 24.68  ? 155 ILE A CG1 1 
ATOM   1246 C  CG2 . ILE A 1 162 ? 11.458  2.243   10.398  1.00 20.21  ? 155 ILE A CG2 1 
ATOM   1247 C  CD1 . ILE A 1 162 ? 8.562   3.450   10.800  1.00 24.97  ? 155 ILE A CD1 1 
ATOM   1248 N  N   . TRP A 1 163 ? 13.978  3.781   12.159  1.00 33.49  ? 156 TRP A N   1 
ATOM   1249 C  CA  . TRP A 1 163 ? 15.363  3.667   11.758  1.00 31.56  ? 156 TRP A CA  1 
ATOM   1250 C  C   . TRP A 1 163 ? 16.211  3.128   12.893  1.00 34.03  ? 156 TRP A C   1 
ATOM   1251 O  O   . TRP A 1 163 ? 17.129  2.319   12.650  1.00 29.81  ? 156 TRP A O   1 
ATOM   1252 C  CB  . TRP A 1 163 ? 15.907  4.996   11.321  1.00 32.19  ? 156 TRP A CB  1 
ATOM   1253 C  CG  . TRP A 1 163 ? 16.817  4.878   10.166  1.00 29.00  ? 156 TRP A CG  1 
ATOM   1254 C  CD1 . TRP A 1 163 ? 18.085  5.356   10.077  1.00 31.37  ? 156 TRP A CD1 1 
ATOM   1255 C  CD2 . TRP A 1 163 ? 16.539  4.223   8.919   1.00 29.18  ? 156 TRP A CD2 1 
ATOM   1256 N  NE1 . TRP A 1 163 ? 18.620  5.033   8.847   1.00 29.31  ? 156 TRP A NE1 1 
ATOM   1257 C  CE2 . TRP A 1 163 ? 17.691  4.339   8.123   1.00 25.92  ? 156 TRP A CE2 1 
ATOM   1258 C  CE3 . TRP A 1 163 ? 15.417  3.541   8.401   1.00 31.31  ? 156 TRP A CE3 1 
ATOM   1259 C  CZ2 . TRP A 1 163 ? 17.776  3.806   6.835   1.00 29.35  ? 156 TRP A CZ2 1 
ATOM   1260 C  CZ3 . TRP A 1 163 ? 15.503  2.999   7.107   1.00 27.77  ? 156 TRP A CZ3 1 
ATOM   1261 C  CH2 . TRP A 1 163 ? 16.680  3.132   6.344   1.00 26.72  ? 156 TRP A CH2 1 
ATOM   1262 N  N   . LYS A 1 164 ? 15.888  3.565   14.115  1.00 33.59  ? 157 LYS A N   1 
ATOM   1263 C  CA  . LYS A 1 164 ? 16.590  3.096   15.321  1.00 37.86  ? 157 LYS A CA  1 
ATOM   1264 C  C   . LYS A 1 164 ? 16.413  1.579   15.505  1.00 36.82  ? 157 LYS A C   1 
ATOM   1265 O  O   . LYS A 1 164 ? 17.382  0.880   15.829  1.00 35.93  ? 157 LYS A O   1 
ATOM   1266 C  CB  . LYS A 1 164 ? 16.097  3.864   16.577  1.00 41.24  ? 157 LYS A CB  1 
ATOM   1267 C  CG  . LYS A 1 164 ? 16.284  3.139   17.894  1.00 44.17  ? 157 LYS A CG  1 
ATOM   1268 C  CD  . LYS A 1 164 ? 15.942  3.997   19.098  1.00 49.73  ? 157 LYS A CD  1 
ATOM   1269 C  CE  . LYS A 1 164 ? 15.486  3.100   20.265  1.00 55.52  ? 157 LYS A CE  1 
ATOM   1270 N  NZ  . LYS A 1 164 ? 15.679  3.695   21.650  1.00 56.56  ? 157 LYS A NZ  1 
ATOM   1271 N  N   . TYR A 1 165 ? 15.191  1.074   15.284  1.00 35.84  ? 158 TYR A N   1 
ATOM   1272 C  CA  . TYR A 1 165 ? 14.898  -0.354  15.422  1.00 30.70  ? 158 TYR A CA  1 
ATOM   1273 C  C   . TYR A 1 165 ? 15.562  -1.179  14.344  1.00 33.95  ? 158 TYR A C   1 
ATOM   1274 O  O   . TYR A 1 165 ? 15.944  -2.331  14.587  1.00 33.22  ? 158 TYR A O   1 
ATOM   1275 C  CB  . TYR A 1 165 ? 13.397  -0.599  15.438  1.00 28.98  ? 158 TYR A CB  1 
ATOM   1276 C  CG  . TYR A 1 165 ? 12.797  -0.442  16.831  1.00 33.40  ? 158 TYR A CG  1 
ATOM   1277 C  CD1 . TYR A 1 165 ? 12.558  0.831   17.381  1.00 36.94  ? 158 TYR A CD1 1 
ATOM   1278 C  CD2 . TYR A 1 165 ? 12.486  -1.562  17.611  1.00 35.40  ? 158 TYR A CD2 1 
ATOM   1279 C  CE1 . TYR A 1 165 ? 12.018  0.983   18.678  1.00 38.61  ? 158 TYR A CE1 1 
ATOM   1280 C  CE2 . TYR A 1 165 ? 11.933  -1.429  18.920  1.00 40.34  ? 158 TYR A CE2 1 
ATOM   1281 C  CZ  . TYR A 1 165 ? 11.701  -0.156  19.440  1.00 40.97  ? 158 TYR A CZ  1 
ATOM   1282 O  OH  . TYR A 1 165 ? 11.104  -0.010  20.684  1.00 44.46  ? 158 TYR A OH  1 
ATOM   1283 N  N   . PHE A 1 166 ? 15.695  -0.618  13.140  1.00 29.84  ? 159 PHE A N   1 
ATOM   1284 C  CA  . PHE A 1 166 ? 16.367  -1.349  12.102  1.00 32.95  ? 159 PHE A CA  1 
ATOM   1285 C  C   . PHE A 1 166 ? 17.898  -1.209  12.292  1.00 37.04  ? 159 PHE A C   1 
ATOM   1286 O  O   . PHE A 1 166 ? 18.693  -1.653  11.449  1.00 37.44  ? 159 PHE A O   1 
ATOM   1287 C  CB  . PHE A 1 166 ? 15.929  -0.866  10.716  1.00 29.27  ? 159 PHE A CB  1 
ATOM   1288 C  CG  . PHE A 1 166 ? 14.675  -1.527  10.194  1.00 27.88  ? 159 PHE A CG  1 
ATOM   1289 C  CD1 . PHE A 1 166 ? 13.571  -0.763  9.837   1.00 28.25  ? 159 PHE A CD1 1 
ATOM   1290 C  CD2 . PHE A 1 166 ? 14.630  -2.903  9.973   1.00 27.60  ? 159 PHE A CD2 1 
ATOM   1291 C  CE1 . PHE A 1 166 ? 12.438  -1.354  9.260   1.00 24.39  ? 159 PHE A CE1 1 
ATOM   1292 C  CE2 . PHE A 1 166 ? 13.516  -3.511  9.403   1.00 26.45  ? 159 PHE A CE2 1 
ATOM   1293 C  CZ  . PHE A 1 166 ? 12.419  -2.743  9.044   1.00 28.54  ? 159 PHE A CZ  1 
ATOM   1294 N  N   . GLY A 1 167 ? 18.285  -0.592  13.411  1.00 39.70  ? 160 GLY A N   1 
ATOM   1295 C  CA  . GLY A 1 167 ? 19.690  -0.418  13.772  1.00 41.42  ? 160 GLY A CA  1 
ATOM   1296 C  C   . GLY A 1 167 ? 20.553  0.289   12.769  1.00 43.37  ? 160 GLY A C   1 
ATOM   1297 O  O   . GLY A 1 167 ? 21.741  0.012   12.627  1.00 43.74  ? 160 GLY A O   1 
ATOM   1298 N  N   . LYS A 1 168 ? 19.961  1.252   12.085  1.00 46.31  ? 161 LYS A N   1 
ATOM   1299 C  CA  . LYS A 1 168 ? 20.663  1.988   11.055  1.00 45.98  ? 161 LYS A CA  1 
ATOM   1300 C  C   . LYS A 1 168 ? 21.004  3.427   11.415  1.00 45.09  ? 161 LYS A C   1 
ATOM   1301 O  O   . LYS A 1 168 ? 20.307  4.088   12.172  1.00 41.21  ? 161 LYS A O   1 
ATOM   1302 C  CB  . LYS A 1 168 ? 19.823  1.937   9.771   1.00 49.50  ? 161 LYS A CB  1 
ATOM   1303 C  CG  . LYS A 1 168 ? 19.782  0.562   9.105   1.00 50.54  ? 161 LYS A CG  1 
ATOM   1304 C  CD  . LYS A 1 168 ? 21.109  0.287   8.409   1.00 50.14  ? 161 LYS A CD  1 
ATOM   1305 C  CE  . LYS A 1 168 ? 21.134  -1.046  7.689   1.00 53.94  ? 161 LYS A CE  1 
ATOM   1306 N  NZ  . LYS A 1 168 ? 22.352  -1.093  6.792   1.00 56.32  ? 161 LYS A NZ  1 
ATOM   1307 N  N   . ASN A 1 169 ? 22.117  3.900   10.880  1.00 47.71  ? 162 ASN A N   1 
ATOM   1308 C  CA  . ASN A 1 169 ? 22.525  5.269   11.128  1.00 51.17  ? 162 ASN A CA  1 
ATOM   1309 C  C   . ASN A 1 169 ? 21.869  5.993   9.974   1.00 51.99  ? 162 ASN A C   1 
ATOM   1310 O  O   . ASN A 1 169 ? 21.583  5.384   8.942   1.00 51.40  ? 162 ASN A O   1 
ATOM   1311 C  CB  . ASN A 1 169 ? 24.070  5.435   11.080  1.00 53.59  ? 162 ASN A CB  1 
ATOM   1312 C  CG  . ASN A 1 169 ? 24.797  4.580   12.140  1.00 55.44  ? 162 ASN A CG  1 
ATOM   1313 O  OD1 . ASN A 1 169 ? 25.652  3.735   11.797  1.00 53.29  ? 162 ASN A OD1 1 
ATOM   1314 N  ND2 . ASN A 1 169 ? 24.446  4.787   13.431  1.00 53.23  ? 162 ASN A ND2 1 
ATOM   1315 N  N   . ASP A 1 170 ? 21.647  7.288   10.158  1.00 53.80  ? 163 ASP A N   1 
ATOM   1316 C  CA  . ASP A 1 170 ? 21.005  8.153   9.176   1.00 54.85  ? 163 ASP A CA  1 
ATOM   1317 C  C   . ASP A 1 170 ? 21.368  8.049   7.684   1.00 54.59  ? 163 ASP A C   1 
ATOM   1318 O  O   . ASP A 1 170 ? 20.494  8.265   6.828   1.00 53.08  ? 163 ASP A O   1 
ATOM   1319 C  CB  . ASP A 1 170 ? 21.131  9.604   9.655   1.00 56.70  ? 163 ASP A CB  1 
ATOM   1320 C  CG  . ASP A 1 170 ? 20.250  9.886   10.858  1.00 59.19  ? 163 ASP A CG  1 
ATOM   1321 O  OD1 . ASP A 1 170 ? 19.488  8.984   11.280  1.00 59.94  ? 163 ASP A OD1 1 
ATOM   1322 O  OD2 . ASP A 1 170 ? 20.306  11.011  11.382  1.00 63.71  ? 163 ASP A OD2 1 
ATOM   1323 N  N   . ASP A 1 171 ? 22.613  7.721   7.349   1.00 52.49  ? 164 ASP A N   1 
ATOM   1324 C  CA  . ASP A 1 171 ? 22.952  7.627   5.936   1.00 54.03  ? 164 ASP A CA  1 
ATOM   1325 C  C   . ASP A 1 171 ? 23.130  6.222   5.417   1.00 51.98  ? 164 ASP A C   1 
ATOM   1326 O  O   . ASP A 1 171 ? 23.719  6.038   4.343   1.00 53.21  ? 164 ASP A O   1 
ATOM   1327 C  CB  . ASP A 1 171 ? 24.221  8.431   5.609   1.00 61.14  ? 164 ASP A CB  1 
ATOM   1328 C  CG  . ASP A 1 171 ? 23.919  9.900   5.299   1.00 67.72  ? 164 ASP A CG  1 
ATOM   1329 O  OD1 . ASP A 1 171 ? 23.682  10.697  6.257   1.00 66.94  ? 164 ASP A OD1 1 
ATOM   1330 O  OD2 . ASP A 1 171 ? 23.899  10.244  4.082   1.00 71.46  ? 164 ASP A OD2 1 
ATOM   1331 N  N   . ASP A 1 172 ? 22.649  5.233   6.166   1.00 48.09  ? 165 ASP A N   1 
ATOM   1332 C  CA  . ASP A 1 172 ? 22.772  3.840   5.738   1.00 46.91  ? 165 ASP A CA  1 
ATOM   1333 C  C   . ASP A 1 172 ? 21.542  3.476   4.939   1.00 46.40  ? 165 ASP A C   1 
ATOM   1334 O  O   . ASP A 1 172 ? 20.499  4.110   5.080   1.00 45.90  ? 165 ASP A O   1 
ATOM   1335 C  CB  . ASP A 1 172 ? 22.849  2.922   6.945   1.00 47.98  ? 165 ASP A CB  1 
ATOM   1336 C  CG  . ASP A 1 172 ? 24.086  3.178   7.809   1.00 51.48  ? 165 ASP A CG  1 
ATOM   1337 O  OD1 . ASP A 1 172 ? 25.227  3.043   7.284   1.00 53.85  ? 165 ASP A OD1 1 
ATOM   1338 O  OD2 . ASP A 1 172 ? 23.913  3.517   9.007   1.00 48.95  ? 165 ASP A OD2 1 
ATOM   1339 N  N   . LYS A 1 173 ? 21.660  2.468   4.097   1.00 46.53  ? 166 LYS A N   1 
ATOM   1340 C  CA  . LYS A 1 173 ? 20.524  2.006   3.312   1.00 44.92  ? 166 LYS A CA  1 
ATOM   1341 C  C   . LYS A 1 173 ? 20.112  0.669   3.924   1.00 44.44  ? 166 LYS A C   1 
ATOM   1342 O  O   . LYS A 1 173 ? 20.960  -0.041  4.516   1.00 43.12  ? 166 LYS A O   1 
ATOM   1343 C  CB  . LYS A 1 173 ? 20.919  1.813   1.855   1.00 48.77  ? 166 LYS A CB  1 
ATOM   1344 C  CG  . LYS A 1 173 ? 21.491  3.063   1.196   1.00 54.90  ? 166 LYS A CG  1 
ATOM   1345 C  CD  . LYS A 1 173 ? 20.542  4.238   1.245   1.00 57.87  ? 166 LYS A CD  1 
ATOM   1346 C  CE  . LYS A 1 173 ? 21.201  5.522   0.710   1.00 63.18  ? 166 LYS A CE  1 
ATOM   1347 N  NZ  . LYS A 1 173 ? 22.363  6.017   1.557   1.00 63.87  ? 166 LYS A NZ  1 
ATOM   1348 N  N   . LEU A 1 174 ? 18.813  0.346   3.808   1.00 39.10  ? 167 LEU A N   1 
ATOM   1349 C  CA  . LEU A 1 174 ? 18.256  -0.889  4.355   1.00 34.78  ? 167 LEU A CA  1 
ATOM   1350 C  C   . LEU A 1 174 ? 17.936  -1.745  3.156   1.00 33.53  ? 167 LEU A C   1 
ATOM   1351 O  O   . LEU A 1 174 ? 17.321  -1.261  2.210   1.00 35.72  ? 167 LEU A O   1 
ATOM   1352 C  CB  . LEU A 1 174 ? 16.992  -0.603  5.161   1.00 28.21  ? 167 LEU A CB  1 
ATOM   1353 C  CG  . LEU A 1 174 ? 16.230  -1.755  5.826   1.00 31.38  ? 167 LEU A CG  1 
ATOM   1354 C  CD1 . LEU A 1 174 ? 17.018  -2.251  7.020   1.00 29.80  ? 167 LEU A CD1 1 
ATOM   1355 C  CD2 . LEU A 1 174 ? 14.877  -1.265  6.300   1.00 27.85  ? 167 LEU A CD2 1 
ATOM   1356 N  N   . THR A 1 175 ? 18.405  -2.992  3.177   1.00 29.98  ? 168 THR A N   1 
ATOM   1357 C  CA  . THR A 1 175 ? 18.196  -3.933  2.091   1.00 27.62  ? 168 THR A CA  1 
ATOM   1358 C  C   . THR A 1 175 ? 16.917  -4.711  2.387   1.00 28.13  ? 168 THR A C   1 
ATOM   1359 O  O   . THR A 1 175 ? 16.437  -4.739  3.528   1.00 29.19  ? 168 THR A O   1 
ATOM   1360 C  CB  . THR A 1 175 ? 19.323  -4.938  2.027   1.00 30.99  ? 168 THR A CB  1 
ATOM   1361 O  OG1 . THR A 1 175 ? 19.321  -5.681  3.251   1.00 33.07  ? 168 THR A OG1 1 
ATOM   1362 C  CG2 . THR A 1 175 ? 20.662  -4.254  1.824   1.00 27.61  ? 168 THR A CG2 1 
ATOM   1363 N  N   . GLU A 1 176 ? 16.397  -5.383  1.379   1.00 26.69  ? 169 GLU A N   1 
ATOM   1364 C  CA  . GLU A 1 176 ? 15.188  -6.141  1.547   1.00 27.70  ? 169 GLU A CA  1 
ATOM   1365 C  C   . GLU A 1 176 ? 15.395  -7.278  2.575   1.00 28.57  ? 169 GLU A C   1 
ATOM   1366 O  O   . GLU A 1 176 ? 14.514  -7.517  3.437   1.00 31.59  ? 169 GLU A O   1 
ATOM   1367 C  CB  . GLU A 1 176 ? 14.726  -6.691  0.175   1.00 28.73  ? 169 GLU A CB  1 
ATOM   1368 C  CG  . GLU A 1 176 ? 13.371  -7.397  0.239   1.00 30.70  ? 169 GLU A CG  1 
ATOM   1369 C  CD  . GLU A 1 176 ? 12.674  -7.468  -1.146  1.00 38.30  ? 169 GLU A CD  1 
ATOM   1370 O  OE1 . GLU A 1 176 ? 13.416  -7.476  -2.170  1.00 39.20  ? 169 GLU A OE1 1 
ATOM   1371 O  OE2 . GLU A 1 176 ? 11.394  -7.533  -1.192  1.00 36.70  ? 169 GLU A OE2 1 
ATOM   1372 N  N   . LYS A 1 177 ? 16.533  -7.982  2.494   1.00 27.15  ? 170 LYS A N   1 
ATOM   1373 C  CA  . LYS A 1 177 ? 16.796  -9.094  3.442   1.00 26.15  ? 170 LYS A CA  1 
ATOM   1374 C  C   . LYS A 1 177 ? 16.726  -8.597  4.880   1.00 24.91  ? 170 LYS A C   1 
ATOM   1375 O  O   . LYS A 1 177 ? 16.173  -9.264  5.749   1.00 26.05  ? 170 LYS A O   1 
ATOM   1376 C  CB  . LYS A 1 177 ? 18.190  -9.745  3.215   1.00 27.85  ? 170 LYS A CB  1 
ATOM   1377 C  CG  . LYS A 1 177 ? 18.438  -10.978 4.187   1.00 26.19  ? 170 LYS A CG  1 
ATOM   1378 C  CD  . LYS A 1 177 ? 19.423  -11.986 3.570   1.00 29.25  ? 170 LYS A CD  1 
ATOM   1379 C  CE  . LYS A 1 177 ? 20.816  -11.383 3.379   1.00 25.48  ? 170 LYS A CE  1 
ATOM   1380 N  NZ  . LYS A 1 177 ? 21.411  -11.122 4.678   1.00 31.39  ? 170 LYS A NZ  1 
ATOM   1381 N  N   . GLU A 1 178 ? 17.285  -7.410  5.111   1.00 27.46  ? 171 GLU A N   1 
ATOM   1382 C  CA  . GLU A 1 178 ? 17.267  -6.784  6.451   1.00 28.08  ? 171 GLU A CA  1 
ATOM   1383 C  C   . GLU A 1 178 ? 15.853  -6.403  6.850   1.00 24.47  ? 171 GLU A C   1 
ATOM   1384 O  O   . GLU A 1 178 ? 15.453  -6.544  7.996   1.00 21.86  ? 171 GLU A O   1 
ATOM   1385 C  CB  . GLU A 1 178 ? 18.138  -5.524  6.475   1.00 30.35  ? 171 GLU A CB  1 
ATOM   1386 C  CG  . GLU A 1 178 ? 19.600  -5.752  6.100   1.00 34.95  ? 171 GLU A CG  1 
ATOM   1387 C  CD  . GLU A 1 178 ? 20.424  -4.489  6.283   1.00 36.79  ? 171 GLU A CD  1 
ATOM   1388 O  OE1 . GLU A 1 178 ? 20.239  -3.528  5.517   1.00 39.22  ? 171 GLU A OE1 1 
ATOM   1389 O  OE2 . GLU A 1 178 ? 21.244  -4.442  7.222   1.00 42.09  ? 171 GLU A OE2 1 
ATOM   1390 N  N   . PHE A 1 179 ? 15.104  -5.925  5.872   1.00 26.60  ? 172 PHE A N   1 
ATOM   1391 C  CA  . PHE A 1 179 ? 13.720  -5.521  6.100   1.00 27.88  ? 172 PHE A CA  1 
ATOM   1392 C  C   . PHE A 1 179 ? 12.874  -6.721  6.620   1.00 26.48  ? 172 PHE A C   1 
ATOM   1393 O  O   . PHE A 1 179 ? 12.146  -6.639  7.620   1.00 27.35  ? 172 PHE A O   1 
ATOM   1394 C  CB  . PHE A 1 179 ? 13.152  -4.982  4.785   1.00 27.93  ? 172 PHE A CB  1 
ATOM   1395 C  CG  . PHE A 1 179 ? 11.719  -4.513  4.886   1.00 30.26  ? 172 PHE A CG  1 
ATOM   1396 C  CD1 . PHE A 1 179 ? 11.417  -3.240  5.393   1.00 30.10  ? 172 PHE A CD1 1 
ATOM   1397 C  CD2 . PHE A 1 179 ? 10.666  -5.351  4.450   1.00 27.22  ? 172 PHE A CD2 1 
ATOM   1398 C  CE1 . PHE A 1 179 ? 10.065  -2.818  5.465   1.00 32.06  ? 172 PHE A CE1 1 
ATOM   1399 C  CE2 . PHE A 1 179 ? 9.344   -4.949  4.518   1.00 28.61  ? 172 PHE A CE2 1 
ATOM   1400 C  CZ  . PHE A 1 179 ? 9.034   -3.684  5.029   1.00 29.60  ? 172 PHE A CZ  1 
ATOM   1401 N  N   . ILE A 1 180 ? 13.020  -7.825  5.909   1.00 26.29  ? 173 ILE A N   1 
ATOM   1402 C  CA  . ILE A 1 180 ? 12.351  -9.074  6.202   1.00 26.21  ? 173 ILE A CA  1 
ATOM   1403 C  C   . ILE A 1 180 ? 12.787  -9.586  7.569   1.00 27.89  ? 173 ILE A C   1 
ATOM   1404 O  O   . ILE A 1 180 ? 11.944  -9.830  8.438   1.00 26.88  ? 173 ILE A O   1 
ATOM   1405 C  CB  . ILE A 1 180 ? 12.717  -10.096 5.140   1.00 28.44  ? 173 ILE A CB  1 
ATOM   1406 C  CG1 . ILE A 1 180 ? 12.111  -9.657  3.791   1.00 32.35  ? 173 ILE A CG1 1 
ATOM   1407 C  CG2 . ILE A 1 180 ? 12.194  -11.504 5.546   1.00 27.75  ? 173 ILE A CG2 1 
ATOM   1408 C  CD1 . ILE A 1 180 ? 12.579  -10.476 2.603   1.00 27.05  ? 173 ILE A CD1 1 
ATOM   1409 N  N   . GLU A 1 181 ? 14.102  -9.715  7.772   1.00 28.17  ? 174 GLU A N   1 
ATOM   1410 C  CA  . GLU A 1 181 ? 14.614  -10.216 9.069   1.00 30.15  ? 174 GLU A CA  1 
ATOM   1411 C  C   . GLU A 1 181 ? 14.102  -9.384  10.265  1.00 30.48  ? 174 GLU A C   1 
ATOM   1412 O  O   . GLU A 1 181 ? 13.621  -9.926  11.248  1.00 26.30  ? 174 GLU A O   1 
ATOM   1413 C  CB  . GLU A 1 181 ? 16.160  -10.222 9.050   1.00 28.92  ? 174 GLU A CB  1 
ATOM   1414 C  CG  . GLU A 1 181 ? 16.785  -11.101 7.940   1.00 33.05  ? 174 GLU A CG  1 
ATOM   1415 C  CD  . GLU A 1 181 ? 18.349  -11.178 7.980   1.00 31.57  ? 174 GLU A CD  1 
ATOM   1416 O  OE1 . GLU A 1 181 ? 18.997  -10.184 8.348   1.00 33.28  ? 174 GLU A OE1 1 
ATOM   1417 O  OE2 . GLU A 1 181 ? 18.921  -12.234 7.618   1.00 35.27  ? 174 GLU A OE2 1 
ATOM   1418 N  N   . GLY A 1 182 ? 14.176  -8.049  10.121  1.00 30.25  ? 175 GLY A N   1 
ATOM   1419 C  CA  . GLY A 1 182 ? 13.774  -7.161  11.160  1.00 26.80  ? 175 GLY A CA  1 
ATOM   1420 C  C   . GLY A 1 182 ? 12.343  -7.311  11.514  1.00 26.43  ? 175 GLY A C   1 
ATOM   1421 O  O   . GLY A 1 182 ? 12.034  -7.416  12.682  1.00 25.40  ? 175 GLY A O   1 
ATOM   1422 N  N   . THR A 1 183 ? 11.479  -7.300  10.510  1.00 28.19  ? 176 THR A N   1 
ATOM   1423 C  CA  . THR A 1 183 ? 10.072  -7.391  10.746  1.00 30.68  ? 176 THR A CA  1 
ATOM   1424 C  C   . THR A 1 183 ? 9.690   -8.694  11.367  1.00 31.18  ? 176 THR A C   1 
ATOM   1425 O  O   . THR A 1 183 ? 8.747   -8.720  12.165  1.00 32.99  ? 176 THR A O   1 
ATOM   1426 C  CB  . THR A 1 183 ? 9.186   -7.090  9.448   1.00 33.33  ? 176 THR A CB  1 
ATOM   1427 O  OG1 . THR A 1 183 ? 9.468   -8.015  8.388   1.00 32.41  ? 176 THR A OG1 1 
ATOM   1428 C  CG2 . THR A 1 183 ? 9.487   -5.627  8.945   1.00 30.39  ? 176 THR A CG2 1 
ATOM   1429 N  N   . LEU A 1 184 ? 10.417  -9.766  11.032  1.00 30.09  ? 177 LEU A N   1 
ATOM   1430 C  CA  . LEU A 1 184 ? 10.146  -11.088 11.628  1.00 29.22  ? 177 LEU A CA  1 
ATOM   1431 C  C   . LEU A 1 184 ? 10.762  -11.190 13.042  1.00 29.83  ? 177 LEU A C   1 
ATOM   1432 O  O   . LEU A 1 184 ? 10.125  -11.627 14.012  1.00 28.68  ? 177 LEU A O   1 
ATOM   1433 C  CB  . LEU A 1 184 ? 10.716  -12.212 10.739  1.00 30.26  ? 177 LEU A CB  1 
ATOM   1434 C  CG  . LEU A 1 184 ? 10.053  -12.435 9.358   1.00 30.81  ? 177 LEU A CG  1 
ATOM   1435 C  CD1 . LEU A 1 184 ? 10.731  -13.624 8.649   1.00 27.69  ? 177 LEU A CD1 1 
ATOM   1436 C  CD2 . LEU A 1 184 ? 8.557   -12.698 9.527   1.00 28.21  ? 177 LEU A CD2 1 
ATOM   1437 N  N   . ALA A 1 185 ? 12.005  -10.744 13.165  1.00 29.14  ? 178 ALA A N   1 
ATOM   1438 C  CA  . ALA A 1 185 ? 12.689  -10.859 14.438  1.00 28.72  ? 178 ALA A CA  1 
ATOM   1439 C  C   . ALA A 1 185 ? 12.058  -10.030 15.503  1.00 30.69  ? 178 ALA A C   1 
ATOM   1440 O  O   . ALA A 1 185 ? 11.919  -10.503 16.628  1.00 31.28  ? 178 ALA A O   1 
ATOM   1441 C  CB  . ALA A 1 185 ? 14.131  -10.484 14.296  1.00 30.42  ? 178 ALA A CB  1 
ATOM   1442 N  N   . ASN A 1 186 ? 11.682  -8.788  15.187  1.00 29.18  ? 179 ASN A N   1 
ATOM   1443 C  CA  . ASN A 1 186 ? 11.079  -7.933  16.218  1.00 28.32  ? 179 ASN A CA  1 
ATOM   1444 C  C   . ASN A 1 186 ? 9.644   -7.504  15.927  1.00 29.26  ? 179 ASN A C   1 
ATOM   1445 O  O   . ASN A 1 186 ? 9.387   -6.785  14.962  1.00 31.79  ? 179 ASN A O   1 
ATOM   1446 C  CB  . ASN A 1 186 ? 11.977  -6.687  16.454  1.00 25.95  ? 179 ASN A CB  1 
ATOM   1447 C  CG  . ASN A 1 186 ? 11.587  -5.937  17.706  1.00 25.85  ? 179 ASN A CG  1 
ATOM   1448 O  OD1 . ASN A 1 186 ? 10.423  -5.989  18.109  1.00 23.94  ? 179 ASN A OD1 1 
ATOM   1449 N  ND2 . ASN A 1 186 ? 12.541  -5.246  18.323  1.00 25.69  ? 179 ASN A ND2 1 
ATOM   1450 N  N   . LYS A 1 187 ? 8.692   -7.952  16.728  1.00 32.18  ? 180 LYS A N   1 
ATOM   1451 C  CA  . LYS A 1 187 ? 7.288   -7.570  16.481  1.00 35.35  ? 180 LYS A CA  1 
ATOM   1452 C  C   . LYS A 1 187 ? 7.053   -6.033  16.494  1.00 33.13  ? 180 LYS A C   1 
ATOM   1453 O  O   . LYS A 1 187 ? 6.239   -5.510  15.779  1.00 32.43  ? 180 LYS A O   1 
ATOM   1454 C  CB  . LYS A 1 187 ? 6.376   -8.250  17.511  1.00 41.53  ? 180 LYS A CB  1 
ATOM   1455 C  CG  . LYS A 1 187 ? 4.899   -8.262  17.084  1.00 49.84  ? 180 LYS A CG  1 
ATOM   1456 C  CD  . LYS A 1 187 ? 4.095   -7.151  17.799  1.00 55.71  ? 180 LYS A CD  1 
ATOM   1457 C  CE  . LYS A 1 187 ? 2.835   -6.740  17.018  1.00 58.96  ? 180 LYS A CE  1 
ATOM   1458 N  NZ  . LYS A 1 187 ? 3.130   -6.293  15.581  1.00 58.17  ? 180 LYS A NZ  1 
ATOM   1459 N  N   . GLU A 1 188 ? 7.794   -5.328  17.324  1.00 34.15  ? 181 GLU A N   1 
ATOM   1460 C  CA  . GLU A 1 188 ? 7.698   -3.893  17.414  1.00 35.55  ? 181 GLU A CA  1 
ATOM   1461 C  C   . GLU A 1 188 ? 7.977   -3.273  16.011  1.00 35.40  ? 181 GLU A C   1 
ATOM   1462 O  O   . GLU A 1 188 ? 7.318   -2.310  15.588  1.00 35.36  ? 181 GLU A O   1 
ATOM   1463 C  CB  . GLU A 1 188 ? 8.708   -3.410  18.467  1.00 39.80  ? 181 GLU A CB  1 
ATOM   1464 C  CG  . GLU A 1 188 ? 8.247   -2.204  19.247  1.00 52.23  ? 181 GLU A CG  1 
ATOM   1465 C  CD  . GLU A 1 188 ? 6.866   -2.426  19.804  1.00 56.80  ? 181 GLU A CD  1 
ATOM   1466 O  OE1 . GLU A 1 188 ? 6.745   -3.307  20.674  1.00 61.49  ? 181 GLU A OE1 1 
ATOM   1467 O  OE2 . GLU A 1 188 ? 5.901   -1.753  19.363  1.00 62.39  ? 181 GLU A OE2 1 
ATOM   1468 N  N   . ILE A 1 189 ? 8.908   -3.860  15.264  1.00 30.49  ? 182 ILE A N   1 
ATOM   1469 C  CA  . ILE A 1 189 ? 9.236   -3.322  13.951  1.00 32.13  ? 182 ILE A CA  1 
ATOM   1470 C  C   . ILE A 1 189 ? 8.079   -3.520  12.967  1.00 33.47  ? 182 ILE A C   1 
ATOM   1471 O  O   . ILE A 1 189 ? 7.704   -2.604  12.233  1.00 30.98  ? 182 ILE A O   1 
ATOM   1472 C  CB  . ILE A 1 189 ? 10.533  -3.975  13.368  1.00 29.23  ? 182 ILE A CB  1 
ATOM   1473 C  CG1 . ILE A 1 189 ? 11.742  -3.582  14.233  1.00 28.63  ? 182 ILE A CG1 1 
ATOM   1474 C  CG2 . ILE A 1 189 ? 10.651  -3.648  11.863  1.00 27.53  ? 182 ILE A CG2 1 
ATOM   1475 C  CD1 . ILE A 1 189 ? 13.153  -4.063  13.724  1.00 27.70  ? 182 ILE A CD1 1 
ATOM   1476 N  N   . LEU A 1 190 ? 7.505   -4.716  12.970  1.00 33.65  ? 183 LEU A N   1 
ATOM   1477 C  CA  . LEU A 1 190 ? 6.413   -4.983  12.054  1.00 37.57  ? 183 LEU A CA  1 
ATOM   1478 C  C   . LEU A 1 190 ? 5.288   -3.975  12.320  1.00 36.18  ? 183 LEU A C   1 
ATOM   1479 O  O   . LEU A 1 190 ? 4.804   -3.309  11.401  1.00 37.91  ? 183 LEU A O   1 
ATOM   1480 C  CB  . LEU A 1 190 ? 5.920   -6.421  12.240  1.00 39.59  ? 183 LEU A CB  1 
ATOM   1481 C  CG  . LEU A 1 190 ? 4.791   -6.786  11.283  1.00 38.94  ? 183 LEU A CG  1 
ATOM   1482 C  CD1 . LEU A 1 190 ? 5.279   -6.609  9.887   1.00 38.80  ? 183 LEU A CD1 1 
ATOM   1483 C  CD2 . LEU A 1 190 ? 4.315   -8.216  11.536  1.00 42.66  ? 183 LEU A CD2 1 
ATOM   1484 N  N   . ARG A 1 191 ? 4.891   -3.855  13.584  1.00 34.56  ? 184 ARG A N   1 
ATOM   1485 C  CA  . ARG A 1 191 ? 3.843   -2.909  13.973  1.00 36.68  ? 184 ARG A CA  1 
ATOM   1486 C  C   . ARG A 1 191 ? 4.117   -1.489  13.471  1.00 37.45  ? 184 ARG A C   1 
ATOM   1487 O  O   . ARG A 1 191 ? 3.247   -0.835  12.909  1.00 37.60  ? 184 ARG A O   1 
ATOM   1488 C  CB  . ARG A 1 191 ? 3.696   -2.866  15.511  1.00 38.92  ? 184 ARG A CB  1 
ATOM   1489 C  CG  . ARG A 1 191 ? 2.615   -1.929  15.984  1.00 41.18  ? 184 ARG A CG  1 
ATOM   1490 C  CD  . ARG A 1 191 ? 2.528   -1.823  17.544  1.00 41.35  ? 184 ARG A CD  1 
ATOM   1491 N  NE  . ARG A 1 191 ? 3.639   -1.075  18.136  1.00 37.73  ? 184 ARG A NE  1 
ATOM   1492 C  CZ  . ARG A 1 191 ? 3.837   0.231   17.981  1.00 34.89  ? 184 ARG A CZ  1 
ATOM   1493 N  NH1 . ARG A 1 191 ? 3.009   0.961   17.257  1.00 36.24  ? 184 ARG A NH1 1 
ATOM   1494 N  NH2 . ARG A 1 191 ? 4.881   0.794   18.548  1.00 38.49  ? 184 ARG A NH2 1 
ATOM   1495 N  N   . LEU A 1 192 ? 5.336   -1.014  13.676  1.00 36.94  ? 185 LEU A N   1 
ATOM   1496 C  CA  . LEU A 1 192 ? 5.677   0.324   13.268  1.00 37.68  ? 185 LEU A CA  1 
ATOM   1497 C  C   . LEU A 1 192 ? 5.563   0.446   11.767  1.00 36.81  ? 185 LEU A C   1 
ATOM   1498 O  O   . LEU A 1 192 ? 5.014   1.405   11.278  1.00 35.76  ? 185 LEU A O   1 
ATOM   1499 C  CB  . LEU A 1 192 ? 7.102   0.664   13.739  1.00 32.10  ? 185 LEU A CB  1 
ATOM   1500 C  CG  . LEU A 1 192 ? 7.173   1.022   15.228  1.00 35.28  ? 185 LEU A CG  1 
ATOM   1501 C  CD1 . LEU A 1 192 ? 8.554   0.822   15.776  1.00 31.49  ? 185 LEU A CD1 1 
ATOM   1502 C  CD2 . LEU A 1 192 ? 6.743   2.469   15.430  1.00 36.98  ? 185 LEU A CD2 1 
ATOM   1503 N  N   . ILE A 1 193 ? 6.055   -0.554  11.049  1.00 38.75  ? 186 ILE A N   1 
ATOM   1504 C  CA  . ILE A 1 193 ? 6.055   -0.544  9.595   1.00 41.96  ? 186 ILE A CA  1 
ATOM   1505 C  C   . ILE A 1 193 ? 4.697   -0.546  8.958   1.00 44.67  ? 186 ILE A C   1 
ATOM   1506 O  O   . ILE A 1 193 ? 4.416   0.236   8.064   1.00 44.30  ? 186 ILE A O   1 
ATOM   1507 C  CB  . ILE A 1 193 ? 6.835   -1.758  9.042   1.00 42.91  ? 186 ILE A CB  1 
ATOM   1508 C  CG1 . ILE A 1 193 ? 8.305   -1.455  9.129   1.00 43.59  ? 186 ILE A CG1 1 
ATOM   1509 C  CG2 . ILE A 1 193 ? 6.455   -2.055  7.600   1.00 44.49  ? 186 ILE A CG2 1 
ATOM   1510 C  CD1 . ILE A 1 193 ? 8.666   -0.289  8.302   1.00 44.72  ? 186 ILE A CD1 1 
ATOM   1511 N  N   . GLN A 1 194 ? 3.851   -1.457  9.385   1.00 48.58  ? 187 GLN A N   1 
ATOM   1512 C  CA  . GLN A 1 194 ? 2.562   -1.505  8.753   1.00 55.03  ? 187 GLN A CA  1 
ATOM   1513 C  C   . GLN A 1 194 ? 1.736   -0.588  9.606   1.00 58.14  ? 187 GLN A C   1 
ATOM   1514 O  O   . GLN A 1 194 ? 0.899   -1.022  10.386  1.00 60.90  ? 187 GLN A O   1 
ATOM   1515 C  CB  . GLN A 1 194 ? 2.037   -2.954  8.695   1.00 56.57  ? 187 GLN A CB  1 
ATOM   1516 C  CG  . GLN A 1 194 ? 1.892   -3.624  10.022  1.00 58.08  ? 187 GLN A CG  1 
ATOM   1517 C  CD  . GLN A 1 194 ? 1.566   -5.086  9.918   1.00 59.95  ? 187 GLN A CD  1 
ATOM   1518 O  OE1 . GLN A 1 194 ? 1.167   -5.695  10.907  1.00 61.13  ? 187 GLN A OE1 1 
ATOM   1519 N  NE2 . GLN A 1 194 ? 1.736   -5.669  8.724   1.00 61.57  ? 187 GLN A NE2 1 
ATOM   1520 N  N   . PHE A 1 195 ? 2.045   0.696   9.470   1.00 60.34  ? 188 PHE A N   1 
ATOM   1521 C  CA  . PHE A 1 195 ? 1.402   1.793   10.188  1.00 64.60  ? 188 PHE A CA  1 
ATOM   1522 C  C   . PHE A 1 195 ? -0.045  1.882   9.704   1.00 71.13  ? 188 PHE A C   1 
ATOM   1523 O  O   . PHE A 1 195 ? -0.332  2.482   8.673   1.00 71.18  ? 188 PHE A O   1 
ATOM   1524 C  CB  . PHE A 1 195 ? 2.160   3.080   9.840   1.00 58.34  ? 188 PHE A CB  1 
ATOM   1525 C  CG  . PHE A 1 195 ? 1.612   4.330   10.457  1.00 51.81  ? 188 PHE A CG  1 
ATOM   1526 C  CD1 . PHE A 1 195 ? 2.067   5.572   10.009  1.00 49.87  ? 188 PHE A CD1 1 
ATOM   1527 C  CD2 . PHE A 1 195 ? 0.677   4.282   11.489  1.00 52.13  ? 188 PHE A CD2 1 
ATOM   1528 C  CE1 . PHE A 1 195 ? 1.607   6.744   10.565  1.00 47.76  ? 188 PHE A CE1 1 
ATOM   1529 C  CE2 . PHE A 1 195 ? 0.207   5.438   12.064  1.00 49.68  ? 188 PHE A CE2 1 
ATOM   1530 C  CZ  . PHE A 1 195 ? 0.678   6.688   11.595  1.00 51.52  ? 188 PHE A CZ  1 
ATOM   1531 N  N   . GLU A 1 196 ? -0.962  1.271   10.431  1.00 77.64  ? 189 GLU A N   1 
ATOM   1532 C  CA  . GLU A 1 196 ? -2.343  1.321   9.997   1.00 86.54  ? 189 GLU A CA  1 
ATOM   1533 C  C   . GLU A 1 196 ? -3.326  1.362   11.163  1.00 90.56  ? 189 GLU A C   1 
ATOM   1534 O  O   . GLU A 1 196 ? -4.409  0.766   11.094  1.00 92.74  ? 189 GLU A O   1 
ATOM   1535 C  CB  . GLU A 1 196 ? -2.683  0.133   9.058   1.00 88.72  ? 189 GLU A CB  1 
ATOM   1536 C  CG  . GLU A 1 196 ? -1.892  0.040   7.704   1.00 91.31  ? 189 GLU A CG  1 
ATOM   1537 C  CD  . GLU A 1 196 ? -1.985  1.293   6.818   1.00 91.92  ? 189 GLU A CD  1 
ATOM   1538 O  OE1 . GLU A 1 196 ? -3.056  1.932   6.773   1.00 92.23  ? 189 GLU A OE1 1 
ATOM   1539 O  OE2 . GLU A 1 196 ? -0.982  1.628   6.147   1.00 92.48  ? 189 GLU A OE2 1 
ATOM   1540 N  N   . PRO A 1 197 ? -2.948  2.029   12.265  1.00 92.99  ? 190 PRO A N   1 
ATOM   1541 C  CA  . PRO A 1 197 ? -3.853  2.125   13.411  1.00 95.94  ? 190 PRO A CA  1 
ATOM   1542 C  C   . PRO A 1 197 ? -4.635  3.434   13.218  1.00 98.09  ? 190 PRO A C   1 
ATOM   1543 O  O   . PRO A 1 197 ? -4.458  4.395   13.973  1.00 98.43  ? 190 PRO A O   1 
ATOM   1544 C  CB  . PRO A 1 197 ? -2.894  2.188   14.589  1.00 95.59  ? 190 PRO A CB  1 
ATOM   1545 C  CG  . PRO A 1 197 ? -1.785  3.023   14.033  1.00 95.24  ? 190 PRO A CG  1 
ATOM   1546 C  CD  . PRO A 1 197 ? -1.581  2.429   12.653  1.00 93.87  ? 190 PRO A CD  1 
ATOM   1547 N  N   . GLN A 1 198 ? -5.483  3.452   12.188  1.00 100.62 ? 191 GLN A N   1 
ATOM   1548 C  CA  . GLN A 1 198 ? -6.287  4.619   11.801  1.00 103.98 ? 191 GLN A CA  1 
ATOM   1549 C  C   . GLN A 1 198 ? -7.522  4.919   12.702  1.00 106.94 ? 191 GLN A C   1 
ATOM   1550 O  O   . GLN A 1 198 ? -8.674  4.675   12.301  1.00 107.13 ? 191 GLN A O   1 
ATOM   1551 C  CB  . GLN A 1 198 ? -6.733  4.450   10.339  1.00 102.64 ? 191 GLN A CB  1 
ATOM   1552 C  CG  . GLN A 1 198 ? -5.895  3.457   9.489   1.00 101.28 ? 191 GLN A CG  1 
ATOM   1553 C  CD  . GLN A 1 198 ? -4.493  3.949   9.123   1.00 100.04 ? 191 GLN A CD  1 
ATOM   1554 O  OE1 . GLN A 1 198 ? -3.592  3.991   9.963   1.00 99.48  ? 191 GLN A OE1 1 
ATOM   1555 N  NE2 . GLN A 1 198 ? -4.308  4.319   7.858   1.00 97.97  ? 191 GLN A NE2 1 
ATOM   1556 N  N   . LYS A 1 199 ? -7.249  5.485   13.890  1.00 109.00 ? 192 LYS A N   1 
ATOM   1557 C  CA  . LYS A 1 199 ? -8.226  5.838   14.937  1.00 111.19 ? 192 LYS A CA  1 
ATOM   1558 C  C   . LYS A 1 199 ? -8.034  4.855   16.104  1.00 112.71 ? 192 LYS A C   1 
ATOM   1559 O  O   . LYS A 1 199 ? -8.533  5.082   17.212  1.00 112.98 ? 192 LYS A O   1 
ATOM   1560 C  CB  . LYS A 1 199 ? -9.685  5.781   14.420  1.00 111.54 ? 192 LYS A CB  1 
ATOM   1561 C  CG  . LYS A 1 199 ? -10.788 5.692   15.511  1.00 112.51 ? 192 LYS A CG  1 
ATOM   1562 C  CD  . LYS A 1 199 ? -11.044 6.993   16.287  1.00 112.32 ? 192 LYS A CD  1 
ATOM   1563 C  CE  . LYS A 1 199 ? -11.918 7.968   15.501  1.00 112.18 ? 192 LYS A CE  1 
ATOM   1564 N  NZ  . LYS A 1 199 ? -12.303 9.161   16.308  1.00 111.56 ? 192 LYS A NZ  1 
ATOM   1565 N  N   . VAL A 1 200 ? -7.294  3.772   15.835  1.00 114.10 ? 193 VAL A N   1 
ATOM   1566 C  CA  . VAL A 1 200 ? -6.991  2.723   16.819  1.00 114.32 ? 193 VAL A CA  1 
ATOM   1567 C  C   . VAL A 1 200 ? -5.517  2.753   17.217  1.00 115.23 ? 193 VAL A C   1 
ATOM   1568 O  O   . VAL A 1 200 ? -4.699  3.453   16.606  1.00 115.03 ? 193 VAL A O   1 
ATOM   1569 C  CB  . VAL A 1 200 ? -7.322  1.280   16.268  1.00 113.79 ? 193 VAL A CB  1 
ATOM   1570 C  CG1 . VAL A 1 200 ? -6.346  0.895   15.170  1.00 113.62 ? 193 VAL A CG1 1 
ATOM   1571 C  CG2 . VAL A 1 200 ? -7.276  0.245   17.394  1.00 112.50 ? 193 VAL A CG2 1 
ATOM   1572 N  N   . LYS A 1 201 ? -5.197  1.990   18.257  1.00 115.93 ? 194 LYS A N   1 
ATOM   1573 C  CA  . LYS A 1 201 ? -3.840  1.874   18.759  1.00 116.52 ? 194 LYS A CA  1 
ATOM   1574 C  C   . LYS A 1 201 ? -3.613  0.484   19.347  1.00 117.78 ? 194 LYS A C   1 
ATOM   1575 O  O   . LYS A 1 201 ? -4.176  0.131   20.385  1.00 117.46 ? 194 LYS A O   1 
ATOM   1576 C  CB  . LYS A 1 201 ? -3.562  2.940   19.823  1.00 115.41 ? 194 LYS A CB  1 
ATOM   1577 C  CG  . LYS A 1 201 ? -2.978  4.239   19.291  1.00 114.73 ? 194 LYS A CG  1 
ATOM   1578 C  CD  . LYS A 1 201 ? -1.485  4.126   18.976  1.00 113.89 ? 194 LYS A CD  1 
ATOM   1579 C  CE  . LYS A 1 201 ? -1.209  3.475   17.620  1.00 113.77 ? 194 LYS A CE  1 
ATOM   1580 N  NZ  . LYS A 1 201 ? -0.432  2.199   17.705  1.00 112.69 ? 194 LYS A NZ  1 
ATOM   1581 N  N   . GLU A 1 202 ? -2.800  -0.304  18.650  1.00 119.63 ? 195 GLU A N   1 
ATOM   1582 C  CA  . GLU A 1 202 ? -2.439  -1.654  19.075  1.00 120.97 ? 195 GLU A CA  1 
ATOM   1583 C  C   . GLU A 1 202 ? -1.197  -1.538  19.980  1.00 122.10 ? 195 GLU A C   1 
ATOM   1584 O  O   . GLU A 1 202 ? -0.988  -0.492  20.603  1.00 122.71 ? 195 GLU A O   1 
ATOM   1585 C  CB  . GLU A 1 202 ? -2.133  -2.528  17.847  1.00 120.61 ? 195 GLU A CB  1 
ATOM   1586 C  CG  . GLU A 1 202 ? -1.098  -1.929  16.906  1.00 119.21 ? 195 GLU A CG  1 
ATOM   1587 C  CD  . GLU A 1 202 ? -1.600  -0.668  16.239  1.00 118.94 ? 195 GLU A CD  1 
ATOM   1588 O  OE1 . GLU A 1 202 ? -0.777  0.259   16.031  1.00 118.93 ? 195 GLU A OE1 1 
ATOM   1589 O  OE2 . GLU A 1 202 ? -2.815  -0.617  15.921  1.00 117.56 ? 195 GLU A OE2 1 
ATOM   1590 N  N   . LYS A 1 203 ? -0.374  -2.585  20.048  1.00 122.85 ? 196 LYS A N   1 
ATOM   1591 C  CA  . LYS A 1 203 ? 0.817   -2.562  20.903  1.00 123.63 ? 196 LYS A CA  1 
ATOM   1592 C  C   . LYS A 1 203 ? 0.340   -2.648  22.362  1.00 125.73 ? 196 LYS A C   1 
ATOM   1593 O  O   . LYS A 1 203 ? 1.149   -2.636  23.292  1.00 126.15 ? 196 LYS A O   1 
ATOM   1594 C  CB  . LYS A 1 203 ? 1.610   -1.259  20.661  1.00 121.32 ? 196 LYS A CB  1 
ATOM   1595 C  CG  . LYS A 1 203 ? 2.834   -1.021  21.544  1.00 118.38 ? 196 LYS A CG  1 
ATOM   1596 C  CD  . LYS A 1 203 ? 3.440   0.352   21.255  1.00 116.35 ? 196 LYS A CD  1 
ATOM   1597 C  CE  . LYS A 1 203 ? 4.485   0.752   22.283  1.00 115.49 ? 196 LYS A CE  1 
ATOM   1598 N  NZ  . LYS A 1 203 ? 5.602   -0.225  22.385  1.00 114.32 ? 196 LYS A NZ  1 
HETATM 1599 N  N   . MSE A 1 204 ? -0.981  -2.754  22.531  1.00 128.14 ? 197 MSE A N   1 
HETATM 1600 C  CA  . MSE A 1 204 ? -1.657  -2.822  23.834  1.00 130.85 ? 197 MSE A CA  1 
HETATM 1601 C  C   . MSE A 1 204 ? -0.753  -3.230  24.997  1.00 130.69 ? 197 MSE A C   1 
HETATM 1602 O  O   . MSE A 1 204 ? -0.547  -2.419  25.933  1.00 130.38 ? 197 MSE A O   1 
HETATM 1603 C  CB  . MSE A 1 204 ? -2.858  -3.787  23.745  1.00 134.75 ? 197 MSE A CB  1 
HETATM 1604 C  CG  . MSE A 1 204 ? -3.730  -3.898  25.022  1.00 140.17 ? 197 MSE A CG  1 
HETATM 1605 SE SE  . MSE A 1 204 ? -4.713  -2.279  25.626  1.00 149.29 ? 197 MSE A SE  1 
HETATM 1606 C  CE  . MSE A 1 204 ? -6.440  -2.597  24.805  1.00 145.92 ? 197 MSE A CE  1 
HETATM 1607 O  O   . HOH B 2 .   ? -1.920  10.914  1.982   1.00 21.41  ? 201 HOH A O   1 
HETATM 1608 O  O   . HOH B 2 .   ? 18.353  -7.977  0.087   1.00 31.70  ? 202 HOH A O   1 
HETATM 1609 O  O   . HOH B 2 .   ? -11.361 10.995  5.952   1.00 24.85  ? 203 HOH A O   1 
HETATM 1610 O  O   . HOH B 2 .   ? -12.619 -2.429  -23.500 1.00 31.57  ? 204 HOH A O   1 
HETATM 1611 O  O   . HOH B 2 .   ? -8.148  4.662   -17.558 1.00 30.13  ? 205 HOH A O   1 
HETATM 1612 O  O   . HOH B 2 .   ? -9.059  3.362   -19.787 1.00 25.90  ? 206 HOH A O   1 
HETATM 1613 O  O   . HOH B 2 .   ? -6.931  -4.918  -16.759 1.00 33.33  ? 207 HOH A O   1 
HETATM 1614 O  O   . HOH B 2 .   ? -6.875  9.780   -16.095 1.00 32.14  ? 208 HOH A O   1 
HETATM 1615 O  O   . HOH B 2 .   ? 1.944   0.185   -15.261 1.00 41.41  ? 209 HOH A O   1 
HETATM 1616 O  O   . HOH B 2 .   ? 5.778   7.817   -5.269  1.00 35.13  ? 210 HOH A O   1 
HETATM 1617 O  O   . HOH B 2 .   ? -20.021 -6.353  -9.051  1.00 35.90  ? 211 HOH A O   1 
HETATM 1618 O  O   . HOH B 2 .   ? -10.373 13.486  0.288   1.00 26.03  ? 212 HOH A O   1 
HETATM 1619 O  O   . HOH B 2 .   ? 9.309   2.347   -6.311  1.00 35.51  ? 213 HOH A O   1 
HETATM 1620 O  O   . HOH B 2 .   ? -2.147  14.008  -0.036  1.00 31.01  ? 214 HOH A O   1 
HETATM 1621 O  O   . HOH B 2 .   ? 9.751   -8.075  1.545   1.00 33.59  ? 215 HOH A O   1 
HETATM 1622 O  O   . HOH B 2 .   ? -9.325  11.717  -11.519 1.00 47.30  ? 216 HOH A O   1 
HETATM 1623 O  O   . HOH B 2 .   ? 21.754  -13.170 6.787   1.00 45.54  ? 217 HOH A O   1 
HETATM 1624 O  O   . HOH B 2 .   ? 17.978  9.182   3.903   1.00 40.70  ? 218 HOH A O   1 
HETATM 1625 O  O   . HOH B 2 .   ? 21.189  -7.633  3.116   1.00 39.69  ? 219 HOH A O   1 
HETATM 1626 O  O   . HOH B 2 .   ? 9.654   -6.175  -2.840  1.00 34.20  ? 220 HOH A O   1 
HETATM 1627 O  O   . HOH B 2 .   ? -2.777  10.256  -14.391 1.00 27.01  ? 221 HOH A O   1 
HETATM 1628 O  O   . HOH B 2 .   ? -4.222  -1.750  -21.870 1.00 46.05  ? 222 HOH A O   1 
HETATM 1629 O  O   . HOH B 2 .   ? -11.811 7.699   -10.493 1.00 39.29  ? 223 HOH A O   1 
HETATM 1630 O  O   . HOH B 2 .   ? -18.432 -8.023  -4.659  1.00 31.19  ? 224 HOH A O   1 
HETATM 1631 O  O   . HOH B 2 .   ? -8.598  8.428   7.709   1.00 37.92  ? 225 HOH A O   1 
HETATM 1632 O  O   . HOH B 2 .   ? -15.746 11.339  1.871   1.00 33.35  ? 226 HOH A O   1 
HETATM 1633 O  O   . HOH B 2 .   ? 19.480  6.765   5.079   1.00 38.72  ? 227 HOH A O   1 
HETATM 1634 O  O   . HOH B 2 .   ? -20.969 -6.068  -13.486 1.00 40.65  ? 228 HOH A O   1 
HETATM 1635 O  O   . HOH B 2 .   ? 8.798   0.789   22.150  1.00 44.34  ? 229 HOH A O   1 
HETATM 1636 O  O   . HOH B 2 .   ? 17.899  -4.900  -1.255  1.00 42.27  ? 230 HOH A O   1 
HETATM 1637 O  O   . HOH B 2 .   ? -0.218  11.341  20.316  1.00 46.54  ? 231 HOH A O   1 
HETATM 1638 O  O   . HOH B 2 .   ? 9.202   0.042   -5.284  1.00 35.10  ? 232 HOH A O   1 
HETATM 1639 O  O   . HOH B 2 .   ? 12.369  -4.033  21.206  1.00 37.12  ? 233 HOH A O   1 
HETATM 1640 O  O   . HOH B 2 .   ? 11.632  -1.698  -5.036  1.00 46.04  ? 234 HOH A O   1 
HETATM 1641 O  O   . HOH B 2 .   ? -14.780 -11.587 -16.935 1.00 53.09  ? 235 HOH A O   1 
HETATM 1642 O  O   . HOH B 2 .   ? -18.555 -7.813  -7.474  1.00 39.10  ? 236 HOH A O   1 
HETATM 1643 O  O   . HOH B 2 .   ? 5.075   3.618   9.753   1.00 45.33  ? 237 HOH A O   1 
HETATM 1644 O  O   . HOH B 2 .   ? 10.045  -10.256 -1.796  1.00 51.74  ? 238 HOH A O   1 
HETATM 1645 O  O   . HOH B 2 .   ? -9.655  16.349  9.961   1.00 44.87  ? 239 HOH A O   1 
HETATM 1646 O  O   . HOH B 2 .   ? -3.272  16.228  16.867  1.00 38.10  ? 240 HOH A O   1 
HETATM 1647 O  O   . HOH B 2 .   ? 11.966  -8.851  -4.108  1.00 48.55  ? 241 HOH A O   1 
HETATM 1648 O  O   . HOH B 2 .   ? -5.695  -7.528  -15.158 1.00 43.56  ? 242 HOH A O   1 
HETATM 1649 O  O   . HOH B 2 .   ? -9.499  15.874  14.140  1.00 38.89  ? 243 HOH A O   1 
HETATM 1650 O  O   . HOH B 2 .   ? 19.183  10.840  6.011   1.00 52.58  ? 244 HOH A O   1 
HETATM 1651 O  O   . HOH B 2 .   ? 2.872   -7.616  -3.843  1.00 54.98  ? 245 HOH A O   1 
HETATM 1652 O  O   . HOH B 2 .   ? 4.437   -4.650  -5.045  1.00 46.47  ? 246 HOH A O   1 
HETATM 1653 O  O   . HOH B 2 .   ? 10.892  -4.472  -4.402  1.00 44.06  ? 247 HOH A O   1 
HETATM 1654 O  O   . HOH B 2 .   ? 13.485  -5.255  -4.621  1.00 42.83  ? 248 HOH A O   1 
HETATM 1655 O  O   . HOH B 2 .   ? -9.840  17.770  16.118  1.00 45.28  ? 249 HOH A O   1 
HETATM 1656 O  O   . HOH B 2 .   ? 1.983   4.064   17.004  1.00 48.90  ? 250 HOH A O   1 
HETATM 1657 O  O   . HOH B 2 .   ? 8.892   15.664  15.938  1.00 48.25  ? 251 HOH A O   1 
HETATM 1658 O  O   . HOH B 2 .   ? 19.811  2.168   16.684  1.00 48.92  ? 252 HOH A O   1 
HETATM 1659 O  O   . HOH B 2 .   ? 18.159  12.588  7.822   1.00 54.40  ? 253 HOH A O   1 
HETATM 1660 O  O   . HOH B 2 .   ? -9.744  5.354   -20.734 1.00 45.84  ? 254 HOH A O   1 
HETATM 1661 O  O   . HOH B 2 .   ? 24.839  8.827   9.184   1.00 53.73  ? 255 HOH A O   1 
HETATM 1662 O  O   . HOH B 2 .   ? -14.877 -1.200  -22.252 1.00 45.92  ? 256 HOH A O   1 
HETATM 1663 O  O   . HOH B 2 .   ? -8.052  -6.236  -18.765 1.00 56.75  ? 257 HOH A O   1 
HETATM 1664 O  O   . HOH B 2 .   ? 9.182   2.675   -8.866  1.00 43.62  ? 258 HOH A O   1 
HETATM 1665 O  O   . HOH B 2 .   ? -6.594  13.027  -8.712  1.00 39.82  ? 259 HOH A O   1 
HETATM 1666 O  O   . HOH B 2 .   ? -11.561 10.057  -11.757 1.00 46.81  ? 260 HOH A O   1 
HETATM 1667 O  O   . HOH B 2 .   ? 16.041  -10.214 0.007   1.00 47.87  ? 261 HOH A O   1 
HETATM 1668 O  O   . HOH B 2 .   ? -9.305  -9.485  1.635   1.00 56.64  ? 262 HOH A O   1 
HETATM 1669 O  O   . HOH B 2 .   ? 2.214   6.728   25.080  1.00 55.49  ? 263 HOH A O   1 
HETATM 1670 O  O   . HOH B 2 .   ? -12.563 8.736   -14.417 1.00 48.35  ? 264 HOH A O   1 
HETATM 1671 O  O   . HOH B 2 .   ? -1.111  11.784  -13.243 1.00 42.39  ? 265 HOH A O   1 
HETATM 1672 O  O   . HOH B 2 .   ? -8.437  14.770  -1.088  1.00 38.67  ? 266 HOH A O   1 
HETATM 1673 O  O   . HOH B 2 .   ? -20.589 -10.756 -13.444 1.00 50.82  ? 267 HOH A O   1 
HETATM 1674 O  O   . HOH B 2 .   ? 9.184   6.073   -9.022  1.00 50.68  ? 268 HOH A O   1 
HETATM 1675 O  O   . HOH B 2 .   ? 3.499   5.905   -10.875 1.00 50.70  ? 269 HOH A O   1 
HETATM 1676 O  O   . HOH B 2 .   ? -11.274 -2.056  4.314   1.00 42.72  ? 270 HOH A O   1 
HETATM 1677 O  O   . HOH B 2 .   ? 14.970  3.311   -2.238  1.00 22.63  ? 271 HOH A O   1 
HETATM 1678 O  O   . HOH B 2 .   ? 17.090  3.597   -0.836  1.00 37.06  ? 272 HOH A O   1 
HETATM 1679 O  O   . HOH B 2 .   ? -19.161 0.942   -13.999 1.00 57.23  ? 273 HOH A O   1 
HETATM 1680 O  O   . HOH B 2 .   ? -11.103 10.971  13.965  1.00 55.70  ? 274 HOH A O   1 
HETATM 1681 O  O   . HOH B 2 .   ? 2.732   -1.111  5.142   1.00 41.79  ? 275 HOH A O   1 
HETATM 1682 O  O   . HOH B 2 .   ? 0.961   1.255   5.028   1.00 46.95  ? 276 HOH A O   1 
HETATM 1683 O  O   . HOH B 2 .   ? -13.689 -15.160 -17.533 1.00 60.03  ? 277 HOH A O   1 
HETATM 1684 O  O   . HOH B 2 .   ? -16.523 6.861   -16.294 1.00 50.35  ? 278 HOH A O   1 
HETATM 1685 O  O   . HOH B 2 .   ? -12.223 5.356   -12.276 1.00 46.26  ? 279 HOH A O   1 
HETATM 1686 O  O   . HOH B 2 .   ? -10.218 14.310  -6.850  1.00 45.52  ? 280 HOH A O   1 
HETATM 1687 O  O   . HOH B 2 .   ? -17.633 -6.589  -20.233 1.00 55.97  ? 281 HOH A O   1 
HETATM 1688 O  O   . HOH B 2 .   ? 1.380   10.492  -10.246 1.00 54.85  ? 282 HOH A O   1 
HETATM 1689 O  O   . HOH B 2 .   ? -11.834 -23.033 -28.482 1.00 55.45  ? 283 HOH A O   1 
HETATM 1690 O  O   . HOH B 2 .   ? -18.927 -15.427 -24.831 1.00 59.84  ? 284 HOH A O   1 
HETATM 1691 O  O   . HOH B 2 .   ? -17.649 -11.670 -20.923 1.00 59.02  ? 285 HOH A O   1 
HETATM 1692 O  O   . HOH B 2 .   ? -3.948  11.202  -16.137 1.00 38.93  ? 286 HOH A O   1 
HETATM 1693 O  O   . HOH B 2 .   ? 2.731   10.537  -3.248  1.00 34.99  ? 287 HOH A O   1 
# 
